data_2PFU
#
_entry.id   2PFU
#
_cell.length_a   1.000
_cell.length_b   1.000
_cell.length_c   1.000
_cell.angle_alpha   90.00
_cell.angle_beta   90.00
_cell.angle_gamma   90.00
#
_symmetry.space_group_name_H-M   'P 1'
#
_entity_poly.entity_id   1
_entity_poly.type   'polypeptide(L)'
_entity_poly.pdbx_seq_one_letter_code
;MDVKVNLPASTSTPQPRPEKPVYLSVKADNSMFIGNDPVTDETMITALNALTEGKKDTTIFFRADKTVDYETLMKVMDTL
HQAGYLKIGLVGEETAKAK
;
_entity_poly.pdbx_strand_id   A
#
# COMPACT_ATOMS: atom_id res chain seq x y z
N MET A 1 36.30 -37.00 -22.43
CA MET A 1 34.91 -36.63 -22.58
C MET A 1 34.63 -35.25 -21.99
N ASP A 2 34.34 -34.29 -22.86
CA ASP A 2 34.05 -32.93 -22.42
C ASP A 2 33.30 -32.15 -23.49
N VAL A 3 32.31 -31.37 -23.08
CA VAL A 3 31.51 -30.59 -24.01
C VAL A 3 30.79 -29.45 -23.28
N LYS A 4 30.75 -28.28 -23.92
CA LYS A 4 30.09 -27.11 -23.34
C LYS A 4 28.68 -26.97 -23.88
N VAL A 5 27.70 -27.33 -23.05
CA VAL A 5 26.30 -27.25 -23.45
C VAL A 5 25.68 -25.93 -22.96
N ASN A 6 24.57 -25.55 -23.58
CA ASN A 6 23.88 -24.32 -23.20
C ASN A 6 22.36 -24.54 -23.16
N LEU A 7 21.66 -23.60 -22.52
CA LEU A 7 20.21 -23.70 -22.40
C LEU A 7 19.55 -22.43 -22.94
N PRO A 8 19.57 -22.26 -24.27
CA PRO A 8 18.97 -21.10 -24.93
C PRO A 8 17.45 -21.13 -24.87
N ALA A 9 16.85 -19.98 -24.55
CA ALA A 9 15.41 -19.87 -24.45
C ALA A 9 14.98 -18.42 -24.27
N SER A 10 13.81 -18.07 -24.80
CA SER A 10 13.29 -16.72 -24.70
C SER A 10 11.76 -16.70 -24.86
N THR A 11 11.13 -15.72 -24.24
CA THR A 11 9.67 -15.59 -24.33
C THR A 11 9.25 -14.13 -24.25
N SER A 12 8.52 -13.68 -25.28
CA SER A 12 8.05 -12.31 -25.34
C SER A 12 6.59 -12.21 -24.89
N THR A 13 6.36 -11.62 -23.73
CA THR A 13 5.02 -11.47 -23.20
C THR A 13 4.64 -9.99 -23.06
N PRO A 14 3.33 -9.71 -22.99
CA PRO A 14 2.82 -8.36 -22.86
C PRO A 14 3.12 -7.75 -21.49
N GLN A 15 2.88 -6.45 -21.35
CA GLN A 15 3.13 -5.76 -20.09
C GLN A 15 2.27 -4.50 -19.99
N PRO A 16 0.95 -4.69 -19.82
CA PRO A 16 0.00 -3.59 -19.71
C PRO A 16 0.14 -2.83 -18.40
N ARG A 17 -0.15 -1.53 -18.43
CA ARG A 17 -0.04 -0.70 -17.25
C ARG A 17 -1.38 -0.02 -16.94
N PRO A 18 -2.34 -0.81 -16.44
CA PRO A 18 -3.67 -0.30 -16.11
C PRO A 18 -3.66 0.61 -14.88
N GLU A 19 -4.78 1.26 -14.62
CA GLU A 19 -4.89 2.16 -13.48
C GLU A 19 -6.00 1.71 -12.52
N LYS A 20 -5.66 1.63 -11.24
CA LYS A 20 -6.62 1.20 -10.22
C LYS A 20 -6.43 1.99 -8.94
N PRO A 21 -7.47 2.00 -8.08
CA PRO A 21 -7.44 2.72 -6.80
C PRO A 21 -6.49 2.06 -5.80
N VAL A 22 -6.06 2.84 -4.81
CA VAL A 22 -5.16 2.34 -3.79
C VAL A 22 -5.92 1.83 -2.57
N TYR A 23 -5.74 0.55 -2.26
CA TYR A 23 -6.41 -0.06 -1.12
C TYR A 23 -5.42 -0.75 -0.20
N LEU A 24 -5.42 -0.34 1.07
CA LEU A 24 -4.52 -0.93 2.05
C LEU A 24 -5.23 -1.98 2.91
N SER A 25 -4.48 -3.00 3.32
CA SER A 25 -5.05 -4.07 4.14
C SER A 25 -4.01 -4.62 5.10
N VAL A 26 -4.30 -4.52 6.40
CA VAL A 26 -3.39 -5.02 7.43
C VAL A 26 -4.03 -6.14 8.23
N LYS A 27 -3.19 -7.00 8.80
CA LYS A 27 -3.67 -8.12 9.59
C LYS A 27 -2.68 -8.46 10.71
N ALA A 28 -3.03 -9.44 11.53
CA ALA A 28 -2.17 -9.87 12.63
C ALA A 28 -1.75 -8.67 13.49
N ASP A 29 -0.78 -8.89 14.36
CA ASP A 29 -0.28 -7.84 15.23
C ASP A 29 0.06 -6.59 14.43
N ASN A 30 0.66 -6.78 13.27
CA ASN A 30 1.04 -5.66 12.41
C ASN A 30 1.72 -6.17 11.13
N SER A 31 0.91 -6.44 10.11
CA SER A 31 1.44 -6.92 8.84
C SER A 31 0.63 -6.38 7.67
N MET A 32 1.31 -5.75 6.72
CA MET A 32 0.65 -5.17 5.55
C MET A 32 0.67 -6.16 4.39
N PHE A 33 -0.46 -6.25 3.68
CA PHE A 33 -0.58 -7.15 2.55
C PHE A 33 -1.47 -6.55 1.46
N ILE A 34 -0.85 -5.89 0.49
CA ILE A 34 -1.59 -5.28 -0.61
C ILE A 34 -1.98 -6.31 -1.67
N GLY A 35 -2.98 -5.98 -2.47
CA GLY A 35 -3.42 -6.88 -3.52
C GLY A 35 -2.28 -7.36 -4.39
N ASN A 36 -1.80 -8.58 -4.14
CA ASN A 36 -0.71 -9.15 -4.91
C ASN A 36 0.58 -8.33 -4.71
N ASP A 37 0.64 -7.61 -3.61
CA ASP A 37 1.81 -6.79 -3.30
C ASP A 37 2.05 -6.72 -1.80
N PRO A 38 2.57 -7.81 -1.23
CA PRO A 38 2.86 -7.89 0.21
C PRO A 38 4.02 -6.99 0.63
N VAL A 39 3.90 -6.39 1.81
CA VAL A 39 4.94 -5.51 2.33
C VAL A 39 5.02 -5.60 3.85
N THR A 40 5.94 -4.82 4.43
CA THR A 40 6.12 -4.80 5.87
C THR A 40 5.92 -3.41 6.44
N ASP A 41 5.98 -3.29 7.76
CA ASP A 41 5.81 -2.01 8.42
C ASP A 41 7.04 -1.12 8.24
N GLU A 42 8.10 -1.70 7.67
CA GLU A 42 9.33 -0.97 7.44
C GLU A 42 9.38 -0.41 6.01
N THR A 43 9.09 -1.26 5.04
CA THR A 43 9.10 -0.86 3.65
C THR A 43 7.72 -0.40 3.20
N MET A 44 6.84 -0.14 4.17
CA MET A 44 5.49 0.32 3.87
C MET A 44 5.51 1.64 3.14
N ILE A 45 6.38 2.54 3.57
CA ILE A 45 6.50 3.86 2.95
C ILE A 45 7.19 3.76 1.59
N THR A 46 8.39 3.17 1.57
CA THR A 46 9.14 3.02 0.34
C THR A 46 8.32 2.31 -0.73
N ALA A 47 7.71 1.19 -0.36
CA ALA A 47 6.88 0.43 -1.29
C ALA A 47 5.70 1.26 -1.78
N LEU A 48 5.04 1.94 -0.86
CA LEU A 48 3.88 2.77 -1.20
C LEU A 48 4.25 3.78 -2.28
N ASN A 49 5.40 4.44 -2.11
CA ASN A 49 5.87 5.44 -3.06
C ASN A 49 6.27 4.78 -4.38
N ALA A 50 6.74 3.54 -4.30
CA ALA A 50 7.17 2.80 -5.48
C ALA A 50 5.97 2.36 -6.30
N LEU A 51 4.81 2.26 -5.66
CA LEU A 51 3.59 1.85 -6.34
C LEU A 51 2.77 3.06 -6.77
N THR A 52 2.60 4.02 -5.86
CA THR A 52 1.85 5.23 -6.14
C THR A 52 2.76 6.34 -6.65
N GLU A 53 3.97 5.97 -7.06
CA GLU A 53 4.94 6.93 -7.57
C GLU A 53 5.10 8.10 -6.60
N GLY A 54 4.92 7.82 -5.32
CA GLY A 54 5.05 8.86 -4.30
C GLY A 54 3.96 9.91 -4.40
N LYS A 55 2.72 9.46 -4.51
CA LYS A 55 1.58 10.35 -4.61
C LYS A 55 0.66 10.21 -3.40
N LYS A 56 0.72 11.19 -2.50
CA LYS A 56 -0.12 11.17 -1.31
C LYS A 56 -1.39 11.98 -1.51
N ASP A 57 -1.60 12.43 -2.74
CA ASP A 57 -2.78 13.22 -3.07
C ASP A 57 -3.88 12.33 -3.66
N THR A 58 -3.83 11.04 -3.33
CA THR A 58 -4.82 10.08 -3.82
C THR A 58 -5.60 9.47 -2.66
N THR A 59 -6.93 9.42 -2.82
CA THR A 59 -7.80 8.86 -1.79
C THR A 59 -7.53 7.37 -1.60
N ILE A 60 -6.73 7.04 -0.58
CA ILE A 60 -6.40 5.66 -0.29
C ILE A 60 -7.19 5.14 0.90
N PHE A 61 -7.80 3.97 0.74
CA PHE A 61 -8.60 3.38 1.79
C PHE A 61 -7.73 2.56 2.74
N PHE A 62 -7.89 2.80 4.04
CA PHE A 62 -7.11 2.10 5.06
C PHE A 62 -7.94 1.00 5.72
N ARG A 63 -7.69 -0.24 5.33
CA ARG A 63 -8.41 -1.38 5.89
C ARG A 63 -7.59 -2.08 6.96
N ALA A 64 -8.04 -1.98 8.20
CA ALA A 64 -7.35 -2.61 9.32
C ALA A 64 -8.14 -3.79 9.87
N ASP A 65 -7.47 -4.93 10.03
CA ASP A 65 -8.11 -6.13 10.55
C ASP A 65 -8.84 -5.84 11.85
N LYS A 66 -9.80 -6.68 12.19
CA LYS A 66 -10.58 -6.52 13.41
C LYS A 66 -9.76 -6.96 14.63
N THR A 67 -8.58 -7.51 14.38
CA THR A 67 -7.72 -7.97 15.45
C THR A 67 -6.54 -7.02 15.66
N VAL A 68 -6.77 -5.74 15.41
CA VAL A 68 -5.74 -4.74 15.57
C VAL A 68 -5.77 -4.12 16.96
N ASP A 69 -4.59 -3.82 17.50
CA ASP A 69 -4.49 -3.23 18.83
C ASP A 69 -4.47 -1.71 18.75
N TYR A 70 -4.55 -1.05 19.90
CA TYR A 70 -4.55 0.40 19.97
C TYR A 70 -3.17 0.95 19.62
N GLU A 71 -2.13 0.22 20.00
CA GLU A 71 -0.76 0.64 19.74
C GLU A 71 -0.44 0.55 18.25
N THR A 72 -1.05 -0.42 17.58
CA THR A 72 -0.83 -0.62 16.15
C THR A 72 -1.44 0.52 15.35
N LEU A 73 -2.72 0.80 15.59
CA LEU A 73 -3.42 1.86 14.89
C LEU A 73 -2.80 3.22 15.19
N MET A 74 -2.19 3.33 16.36
CA MET A 74 -1.54 4.58 16.77
C MET A 74 -0.22 4.78 16.05
N LYS A 75 0.44 3.67 15.71
CA LYS A 75 1.72 3.72 15.02
C LYS A 75 1.52 4.00 13.53
N VAL A 76 0.61 3.26 12.91
CA VAL A 76 0.32 3.42 11.50
C VAL A 76 -0.15 4.84 11.18
N MET A 77 -0.95 5.40 12.09
CA MET A 77 -1.46 6.76 11.92
C MET A 77 -0.34 7.78 12.04
N ASP A 78 0.41 7.71 13.13
CA ASP A 78 1.52 8.63 13.37
C ASP A 78 2.57 8.49 12.28
N THR A 79 2.69 7.30 11.72
CA THR A 79 3.66 7.03 10.67
C THR A 79 3.22 7.66 9.34
N LEU A 80 1.99 7.37 8.94
CA LEU A 80 1.46 7.91 7.69
C LEU A 80 1.24 9.42 7.80
N HIS A 81 0.99 9.89 9.01
CA HIS A 81 0.77 11.31 9.24
C HIS A 81 2.05 12.11 9.00
N GLN A 82 3.15 11.65 9.58
CA GLN A 82 4.44 12.33 9.41
C GLN A 82 5.01 12.07 8.02
N ALA A 83 4.52 11.03 7.36
CA ALA A 83 4.98 10.69 6.03
C ALA A 83 4.06 11.27 4.96
N GLY A 84 3.23 12.23 5.36
CA GLY A 84 2.32 12.85 4.42
C GLY A 84 0.92 12.27 4.50
N TYR A 85 0.41 11.81 3.35
CA TYR A 85 -0.92 11.23 3.29
C TYR A 85 -1.95 12.15 3.94
N LEU A 86 -2.54 13.02 3.14
CA LEU A 86 -3.54 13.96 3.62
C LEU A 86 -4.93 13.61 3.08
N LYS A 87 -5.02 12.47 2.39
CA LYS A 87 -6.28 12.02 1.82
C LYS A 87 -6.42 10.51 1.96
N ILE A 88 -6.70 10.04 3.17
CA ILE A 88 -6.86 8.62 3.42
C ILE A 88 -8.30 8.30 3.85
N GLY A 89 -9.03 7.62 2.97
CA GLY A 89 -10.40 7.25 3.27
C GLY A 89 -10.50 6.16 4.31
N LEU A 90 -11.45 6.31 5.22
CA LEU A 90 -11.65 5.33 6.29
C LEU A 90 -12.69 4.28 5.88
N VAL A 91 -12.22 3.14 5.38
CA VAL A 91 -13.12 2.07 4.97
C VAL A 91 -13.99 1.60 6.12
N GLY A 92 -15.27 1.34 5.83
CA GLY A 92 -16.18 0.89 6.85
C GLY A 92 -16.20 1.79 8.07
N GLU A 93 -16.19 3.11 7.83
CA GLU A 93 -16.19 4.08 8.92
C GLU A 93 -16.44 5.49 8.38
N GLU A 94 -17.66 5.97 8.57
CA GLU A 94 -18.04 7.31 8.12
C GLU A 94 -18.79 8.07 9.20
N THR A 95 -18.29 7.97 10.44
CA THR A 95 -18.92 8.64 11.57
C THR A 95 -17.94 9.60 12.24
N ALA A 96 -18.45 10.75 12.68
CA ALA A 96 -17.62 11.74 13.35
C ALA A 96 -18.03 11.91 14.81
N LYS A 97 -17.09 12.37 15.64
CA LYS A 97 -17.35 12.57 17.05
C LYS A 97 -16.47 13.68 17.62
N ALA A 98 -17.00 14.45 18.56
CA ALA A 98 -16.25 15.53 19.18
C ALA A 98 -16.85 15.91 20.53
N LYS A 99 -16.00 16.41 21.42
CA LYS A 99 -16.44 16.81 22.76
C LYS A 99 -15.41 17.71 23.43
N MET A 1 30.69 -23.48 -16.85
CA MET A 1 30.43 -22.98 -15.50
C MET A 1 29.96 -21.53 -15.55
N ASP A 2 28.84 -21.26 -14.89
CA ASP A 2 28.28 -19.91 -14.86
C ASP A 2 29.13 -18.98 -14.00
N VAL A 3 29.24 -19.31 -12.72
CA VAL A 3 30.02 -18.50 -11.79
C VAL A 3 29.51 -17.08 -11.72
N LYS A 4 28.36 -16.89 -11.07
CA LYS A 4 27.76 -15.57 -10.92
C LYS A 4 27.40 -14.99 -12.29
N VAL A 5 26.62 -13.92 -12.29
CA VAL A 5 26.20 -13.27 -13.52
C VAL A 5 25.49 -14.24 -14.45
N ASN A 6 24.17 -14.33 -14.32
CA ASN A 6 23.37 -15.22 -15.14
C ASN A 6 23.19 -14.66 -16.55
N LEU A 7 22.49 -15.41 -17.39
CA LEU A 7 22.24 -14.98 -18.77
C LEU A 7 20.75 -14.98 -19.07
N PRO A 8 20.03 -13.99 -18.52
CA PRO A 8 18.59 -13.87 -18.73
C PRO A 8 18.24 -13.45 -20.15
N ALA A 9 16.97 -13.13 -20.38
CA ALA A 9 16.51 -12.72 -21.70
C ALA A 9 15.06 -12.25 -21.65
N SER A 10 14.72 -11.50 -20.61
CA SER A 10 13.35 -10.99 -20.44
C SER A 10 13.26 -9.54 -20.89
N THR A 11 12.24 -9.24 -21.70
CA THR A 11 12.04 -7.87 -22.19
C THR A 11 10.63 -7.39 -21.88
N SER A 12 10.52 -6.12 -21.53
CA SER A 12 9.23 -5.52 -21.20
C SER A 12 9.38 -4.05 -20.85
N THR A 13 8.54 -3.20 -21.46
CA THR A 13 8.59 -1.77 -21.21
C THR A 13 7.22 -1.15 -21.40
N PRO A 14 6.29 -1.45 -20.48
CA PRO A 14 4.92 -0.93 -20.52
C PRO A 14 4.86 0.57 -20.21
N GLN A 15 3.64 1.09 -20.08
CA GLN A 15 3.45 2.51 -19.79
C GLN A 15 2.81 2.70 -18.43
N PRO A 16 2.94 3.91 -17.87
CA PRO A 16 2.37 4.25 -16.57
C PRO A 16 0.85 4.33 -16.59
N ARG A 17 0.23 4.17 -15.44
CA ARG A 17 -1.22 4.21 -15.33
C ARG A 17 -1.66 4.89 -14.03
N PRO A 18 -1.47 6.22 -13.97
CA PRO A 18 -1.84 7.01 -12.78
C PRO A 18 -3.34 7.11 -12.59
N GLU A 19 -3.76 7.84 -11.56
CA GLU A 19 -5.17 8.01 -11.27
C GLU A 19 -5.86 6.67 -11.04
N LYS A 20 -5.35 5.91 -10.07
CA LYS A 20 -5.90 4.61 -9.75
C LYS A 20 -6.21 4.49 -8.25
N PRO A 21 -7.16 3.61 -7.91
CA PRO A 21 -7.57 3.40 -6.52
C PRO A 21 -6.48 2.70 -5.70
N VAL A 22 -6.29 3.17 -4.47
CA VAL A 22 -5.28 2.59 -3.59
C VAL A 22 -5.92 2.05 -2.32
N TYR A 23 -5.79 0.75 -2.09
CA TYR A 23 -6.35 0.11 -0.91
C TYR A 23 -5.27 -0.64 -0.13
N LEU A 24 -5.22 -0.39 1.18
CA LEU A 24 -4.24 -1.03 2.04
C LEU A 24 -4.90 -2.10 2.91
N SER A 25 -4.19 -3.21 3.11
CA SER A 25 -4.71 -4.30 3.93
C SER A 25 -3.67 -4.76 4.95
N VAL A 26 -4.03 -4.71 6.22
CA VAL A 26 -3.13 -5.12 7.29
C VAL A 26 -3.72 -6.28 8.09
N LYS A 27 -2.87 -7.26 8.43
CA LYS A 27 -3.31 -8.41 9.20
C LYS A 27 -2.38 -8.66 10.38
N ALA A 28 -2.68 -9.69 11.16
CA ALA A 28 -1.87 -10.04 12.33
C ALA A 28 -1.66 -8.83 13.22
N ASP A 29 -0.74 -8.95 14.17
CA ASP A 29 -0.43 -7.87 15.09
C ASP A 29 -0.20 -6.57 14.34
N ASN A 30 0.52 -6.65 13.23
CA ASN A 30 0.82 -5.47 12.41
C ASN A 30 1.66 -5.84 11.21
N SER A 31 1.00 -6.19 10.11
CA SER A 31 1.70 -6.56 8.88
C SER A 31 0.84 -6.24 7.66
N MET A 32 1.45 -5.56 6.69
CA MET A 32 0.74 -5.19 5.46
C MET A 32 0.80 -6.33 4.45
N PHE A 33 -0.26 -6.45 3.65
CA PHE A 33 -0.35 -7.49 2.64
C PHE A 33 -1.31 -7.10 1.53
N ILE A 34 -0.77 -6.55 0.44
CA ILE A 34 -1.59 -6.14 -0.68
C ILE A 34 -2.12 -7.34 -1.46
N GLY A 35 -3.21 -7.13 -2.19
CA GLY A 35 -3.80 -8.21 -2.96
C GLY A 35 -2.75 -9.03 -3.71
N ASN A 36 -1.68 -8.38 -4.11
CA ASN A 36 -0.60 -9.05 -4.83
C ASN A 36 0.73 -8.33 -4.64
N ASP A 37 1.03 -7.98 -3.39
CA ASP A 37 2.27 -7.28 -3.07
C ASP A 37 2.43 -7.12 -1.56
N PRO A 38 2.96 -8.16 -0.90
CA PRO A 38 3.17 -8.15 0.55
C PRO A 38 4.27 -7.19 0.98
N VAL A 39 4.10 -6.56 2.12
CA VAL A 39 5.09 -5.62 2.64
C VAL A 39 5.01 -5.52 4.16
N THR A 40 6.12 -5.10 4.78
CA THR A 40 6.18 -4.97 6.22
C THR A 40 5.99 -3.52 6.64
N ASP A 41 6.09 -3.26 7.95
CA ASP A 41 5.92 -1.91 8.48
C ASP A 41 7.14 -1.05 8.18
N GLU A 42 8.18 -1.68 7.63
CA GLU A 42 9.41 -0.97 7.30
C GLU A 42 9.39 -0.49 5.85
N THR A 43 9.06 -1.40 4.93
CA THR A 43 9.01 -1.09 3.51
C THR A 43 7.61 -0.64 3.11
N MET A 44 6.77 -0.35 4.10
CA MET A 44 5.41 0.09 3.84
C MET A 44 5.38 1.41 3.08
N ILE A 45 6.24 2.34 3.48
CA ILE A 45 6.32 3.63 2.83
C ILE A 45 6.95 3.52 1.45
N THR A 46 8.11 2.87 1.37
CA THR A 46 8.81 2.69 0.11
C THR A 46 7.90 2.06 -0.94
N ALA A 47 7.16 1.04 -0.53
CA ALA A 47 6.25 0.34 -1.43
C ALA A 47 5.18 1.29 -1.96
N LEU A 48 4.43 1.89 -1.06
CA LEU A 48 3.36 2.82 -1.43
C LEU A 48 3.90 3.89 -2.38
N ASN A 49 4.98 4.55 -1.98
CA ASN A 49 5.59 5.59 -2.80
C ASN A 49 5.94 5.06 -4.18
N ALA A 50 6.24 3.77 -4.27
CA ALA A 50 6.58 3.15 -5.54
C ALA A 50 5.37 3.05 -6.45
N LEU A 51 4.36 2.32 -6.01
CA LEU A 51 3.14 2.15 -6.79
C LEU A 51 2.45 3.49 -7.03
N THR A 52 2.21 4.23 -5.96
CA THR A 52 1.57 5.53 -6.05
C THR A 52 2.46 6.53 -6.77
N GLU A 53 3.76 6.25 -6.79
CA GLU A 53 4.73 7.14 -7.44
C GLU A 53 4.77 8.50 -6.75
N GLY A 54 5.04 8.49 -5.45
CA GLY A 54 5.11 9.74 -4.70
C GLY A 54 3.80 10.49 -4.73
N LYS A 55 2.68 9.76 -4.68
CA LYS A 55 1.36 10.38 -4.70
C LYS A 55 0.62 10.11 -3.40
N LYS A 56 0.52 11.12 -2.55
CA LYS A 56 -0.16 11.00 -1.27
C LYS A 56 -1.58 11.55 -1.36
N ASP A 57 -1.76 12.57 -2.19
CA ASP A 57 -3.07 13.18 -2.36
C ASP A 57 -4.13 12.13 -2.69
N THR A 58 -3.73 11.10 -3.44
CA THR A 58 -4.64 10.03 -3.82
C THR A 58 -5.35 9.46 -2.60
N THR A 59 -6.68 9.36 -2.67
CA THR A 59 -7.47 8.84 -1.57
C THR A 59 -7.19 7.36 -1.35
N ILE A 60 -6.50 7.06 -0.25
CA ILE A 60 -6.16 5.68 0.08
C ILE A 60 -6.94 5.20 1.30
N PHE A 61 -7.67 4.10 1.13
CA PHE A 61 -8.46 3.54 2.22
C PHE A 61 -7.63 2.57 3.05
N PHE A 62 -7.51 2.86 4.35
CA PHE A 62 -6.74 2.02 5.25
C PHE A 62 -7.64 0.99 5.93
N ARG A 63 -7.57 -0.25 5.45
CA ARG A 63 -8.37 -1.32 6.02
C ARG A 63 -7.57 -2.15 7.02
N ALA A 64 -7.94 -2.05 8.29
CA ALA A 64 -7.25 -2.78 9.34
C ALA A 64 -8.00 -4.07 9.70
N ASP A 65 -7.24 -5.14 9.88
CA ASP A 65 -7.84 -6.44 10.22
C ASP A 65 -8.56 -6.36 11.56
N LYS A 66 -9.50 -7.29 11.77
CA LYS A 66 -10.27 -7.33 13.01
C LYS A 66 -9.37 -7.63 14.20
N THR A 67 -8.16 -8.11 13.92
CA THR A 67 -7.20 -8.44 14.97
C THR A 67 -6.25 -7.28 15.22
N VAL A 68 -6.74 -6.06 15.04
CA VAL A 68 -5.92 -4.87 15.24
C VAL A 68 -6.35 -4.13 16.51
N ASP A 69 -5.38 -3.55 17.21
CA ASP A 69 -5.64 -2.82 18.43
C ASP A 69 -5.50 -1.32 18.21
N TYR A 70 -5.96 -0.53 19.19
CA TYR A 70 -5.89 0.92 19.09
C TYR A 70 -4.44 1.39 19.02
N GLU A 71 -3.55 0.64 19.67
CA GLU A 71 -2.13 0.98 19.68
C GLU A 71 -1.51 0.80 18.29
N THR A 72 -2.09 -0.13 17.52
CA THR A 72 -1.60 -0.41 16.18
C THR A 72 -1.98 0.71 15.21
N LEU A 73 -3.26 1.04 15.17
CA LEU A 73 -3.76 2.09 14.29
C LEU A 73 -3.13 3.44 14.64
N MET A 74 -2.73 3.59 15.90
CA MET A 74 -2.11 4.83 16.36
C MET A 74 -0.68 4.94 15.85
N LYS A 75 0.05 3.83 15.91
CA LYS A 75 1.44 3.81 15.44
C LYS A 75 1.53 4.19 13.97
N VAL A 76 0.66 3.61 13.15
CA VAL A 76 0.65 3.90 11.72
C VAL A 76 0.18 5.31 11.45
N MET A 77 -0.72 5.81 12.30
CA MET A 77 -1.25 7.17 12.15
C MET A 77 -0.13 8.20 12.19
N ASP A 78 0.79 8.01 13.13
CA ASP A 78 1.92 8.93 13.29
C ASP A 78 2.92 8.76 12.15
N THR A 79 3.11 7.51 11.73
CA THR A 79 4.04 7.21 10.65
C THR A 79 3.59 7.84 9.34
N LEU A 80 2.35 7.57 8.96
CA LEU A 80 1.79 8.11 7.72
C LEU A 80 1.69 9.64 7.79
N HIS A 81 1.54 10.15 9.01
CA HIS A 81 1.43 11.60 9.22
C HIS A 81 2.72 12.30 8.82
N GLN A 82 3.85 11.73 9.22
CA GLN A 82 5.15 12.29 8.90
C GLN A 82 5.55 12.00 7.46
N ALA A 83 4.97 10.94 6.90
CA ALA A 83 5.26 10.55 5.53
C ALA A 83 4.25 11.18 4.55
N GLY A 84 3.54 12.20 5.02
CA GLY A 84 2.57 12.87 4.20
C GLY A 84 1.17 12.31 4.37
N TYR A 85 0.59 11.82 3.28
CA TYR A 85 -0.76 11.26 3.33
C TYR A 85 -1.74 12.23 3.98
N LEU A 86 -2.33 13.10 3.17
CA LEU A 86 -3.29 14.09 3.67
C LEU A 86 -4.71 13.72 3.26
N LYS A 87 -4.85 12.57 2.60
CA LYS A 87 -6.16 12.11 2.16
C LYS A 87 -6.27 10.59 2.32
N ILE A 88 -6.44 10.14 3.55
CA ILE A 88 -6.57 8.72 3.84
C ILE A 88 -7.98 8.38 4.31
N GLY A 89 -8.73 7.69 3.47
CA GLY A 89 -10.09 7.32 3.82
C GLY A 89 -10.12 6.21 4.87
N LEU A 90 -11.12 6.28 5.75
CA LEU A 90 -11.26 5.29 6.80
C LEU A 90 -12.42 4.33 6.50
N VAL A 91 -12.08 3.19 5.92
CA VAL A 91 -13.08 2.18 5.57
C VAL A 91 -13.85 1.72 6.81
N GLY A 92 -15.13 1.46 6.64
CA GLY A 92 -15.96 1.01 7.75
C GLY A 92 -16.26 2.13 8.73
N GLU A 93 -17.26 2.95 8.39
CA GLU A 93 -17.65 4.06 9.24
C GLU A 93 -18.48 3.57 10.42
N GLU A 94 -17.90 2.71 11.24
CA GLU A 94 -18.59 2.16 12.40
C GLU A 94 -17.65 1.32 13.25
N THR A 95 -16.78 1.97 14.01
CA THR A 95 -15.83 1.28 14.86
C THR A 95 -16.32 1.21 16.30
N ALA A 96 -15.97 0.13 17.00
CA ALA A 96 -16.37 -0.05 18.37
C ALA A 96 -15.80 -1.35 18.95
N LYS A 97 -15.14 -1.24 20.09
CA LYS A 97 -14.54 -2.41 20.75
C LYS A 97 -14.16 -2.08 22.19
N ALA A 98 -14.67 -2.87 23.12
CA ALA A 98 -14.39 -2.68 24.54
C ALA A 98 -14.93 -3.83 25.37
N LYS A 99 -14.05 -4.44 26.18
CA LYS A 99 -14.44 -5.55 27.03
C LYS A 99 -13.27 -5.99 27.90
N MET A 1 26.04 -37.17 0.20
CA MET A 1 26.18 -35.79 0.67
C MET A 1 27.10 -34.99 -0.25
N ASP A 2 26.64 -34.75 -1.46
CA ASP A 2 27.42 -33.99 -2.44
C ASP A 2 26.54 -33.50 -3.58
N VAL A 3 26.01 -32.30 -3.44
CA VAL A 3 25.15 -31.72 -4.47
C VAL A 3 25.53 -30.26 -4.75
N LYS A 4 25.40 -29.87 -6.01
CA LYS A 4 25.73 -28.51 -6.41
C LYS A 4 24.74 -27.99 -7.46
N VAL A 5 23.46 -27.95 -7.08
CA VAL A 5 22.41 -27.47 -7.97
C VAL A 5 22.64 -26.01 -8.35
N ASN A 6 22.88 -25.77 -9.63
CA ASN A 6 23.10 -24.41 -10.12
C ASN A 6 22.55 -24.23 -11.53
N LEU A 7 21.46 -23.49 -11.64
CA LEU A 7 20.83 -23.25 -12.93
C LEU A 7 19.83 -22.09 -12.84
N PRO A 8 20.36 -20.87 -12.66
CA PRO A 8 19.54 -19.66 -12.57
C PRO A 8 18.89 -19.30 -13.90
N ALA A 9 18.23 -18.15 -13.92
CA ALA A 9 17.56 -17.67 -15.14
C ALA A 9 17.00 -16.27 -14.94
N SER A 10 16.83 -15.55 -16.04
CA SER A 10 16.30 -14.19 -16.00
C SER A 10 15.10 -14.04 -16.93
N THR A 11 13.91 -14.31 -16.41
CA THR A 11 12.69 -14.21 -17.20
C THR A 11 11.63 -13.40 -16.46
N SER A 12 11.66 -12.08 -16.63
CA SER A 12 10.70 -11.20 -15.97
C SER A 12 10.38 -10.00 -16.86
N THR A 13 9.27 -9.32 -16.55
CA THR A 13 8.85 -8.16 -17.31
C THR A 13 7.94 -7.27 -16.49
N PRO A 14 8.01 -5.95 -16.73
CA PRO A 14 7.19 -4.96 -16.02
C PRO A 14 5.72 -5.05 -16.42
N GLN A 15 4.84 -4.91 -15.43
CA GLN A 15 3.40 -4.96 -15.66
C GLN A 15 2.82 -3.56 -15.83
N PRO A 16 1.63 -3.49 -16.44
CA PRO A 16 0.94 -2.21 -16.67
C PRO A 16 0.42 -1.59 -15.38
N ARG A 17 0.61 -0.28 -15.25
CA ARG A 17 0.17 0.44 -14.06
C ARG A 17 -0.96 1.41 -14.40
N PRO A 18 -2.15 0.86 -14.64
CA PRO A 18 -3.34 1.67 -14.99
C PRO A 18 -3.84 2.48 -13.80
N GLU A 19 -4.89 3.28 -14.04
CA GLU A 19 -5.47 4.10 -12.99
C GLU A 19 -6.45 3.30 -12.14
N LYS A 20 -6.12 3.11 -10.88
CA LYS A 20 -6.96 2.37 -9.96
C LYS A 20 -6.86 2.93 -8.54
N PRO A 21 -7.89 2.67 -7.72
CA PRO A 21 -7.94 3.14 -6.33
C PRO A 21 -6.93 2.42 -5.45
N VAL A 22 -6.41 3.13 -4.45
CA VAL A 22 -5.43 2.56 -3.53
C VAL A 22 -6.10 2.06 -2.25
N TYR A 23 -6.00 0.75 -2.01
CA TYR A 23 -6.60 0.15 -0.83
C TYR A 23 -5.55 -0.59 0.00
N LEU A 24 -5.41 -0.18 1.26
CA LEU A 24 -4.43 -0.80 2.15
C LEU A 24 -5.11 -1.87 3.02
N SER A 25 -4.37 -2.94 3.31
CA SER A 25 -4.89 -4.02 4.12
C SER A 25 -3.82 -4.56 5.07
N VAL A 26 -4.12 -4.56 6.36
CA VAL A 26 -3.18 -5.05 7.37
C VAL A 26 -3.76 -6.25 8.12
N LYS A 27 -2.88 -7.14 8.56
CA LYS A 27 -3.29 -8.33 9.30
C LYS A 27 -2.34 -8.60 10.46
N ALA A 28 -2.69 -9.60 11.28
CA ALA A 28 -1.87 -9.97 12.42
C ALA A 28 -1.55 -8.76 13.28
N ASP A 29 -0.62 -8.91 14.21
CA ASP A 29 -0.22 -7.83 15.11
C ASP A 29 0.12 -6.58 14.31
N ASN A 30 0.76 -6.76 13.16
CA ASN A 30 1.14 -5.65 12.30
C ASN A 30 1.86 -6.15 11.05
N SER A 31 1.09 -6.38 9.99
CA SER A 31 1.66 -6.87 8.73
C SER A 31 0.79 -6.42 7.55
N MET A 32 1.39 -5.65 6.65
CA MET A 32 0.68 -5.16 5.48
C MET A 32 0.67 -6.21 4.37
N PHE A 33 -0.42 -6.25 3.61
CA PHE A 33 -0.56 -7.20 2.52
C PHE A 33 -1.41 -6.63 1.39
N ILE A 34 -0.76 -6.12 0.36
CA ILE A 34 -1.47 -5.54 -0.77
C ILE A 34 -1.83 -6.61 -1.80
N GLY A 35 -2.81 -6.31 -2.64
CA GLY A 35 -3.24 -7.25 -3.66
C GLY A 35 -2.08 -7.77 -4.49
N ASN A 36 -1.62 -8.98 -4.18
CA ASN A 36 -0.51 -9.59 -4.89
C ASN A 36 0.76 -8.78 -4.71
N ASP A 37 0.87 -8.10 -3.58
CA ASP A 37 2.05 -7.29 -3.28
C ASP A 37 2.19 -7.08 -1.78
N PRO A 38 2.65 -8.12 -1.07
CA PRO A 38 2.84 -8.08 0.38
C PRO A 38 4.01 -7.17 0.78
N VAL A 39 3.90 -6.57 1.96
CA VAL A 39 4.94 -5.68 2.46
C VAL A 39 4.94 -5.64 3.98
N THR A 40 5.92 -4.93 4.55
CA THR A 40 6.04 -4.81 5.99
C THR A 40 5.91 -3.36 6.44
N ASP A 41 5.82 -3.16 7.74
CA ASP A 41 5.69 -1.81 8.31
C ASP A 41 6.98 -1.03 8.14
N GLU A 42 8.05 -1.73 7.76
CA GLU A 42 9.35 -1.10 7.57
C GLU A 42 9.51 -0.60 6.12
N THR A 43 8.99 -1.38 5.18
CA THR A 43 9.07 -1.02 3.77
C THR A 43 7.72 -0.58 3.23
N MET A 44 6.78 -0.31 4.14
CA MET A 44 5.44 0.12 3.75
C MET A 44 5.48 1.47 3.05
N ILE A 45 6.38 2.34 3.51
CA ILE A 45 6.51 3.67 2.91
C ILE A 45 7.19 3.59 1.55
N THR A 46 8.37 2.98 1.51
CA THR A 46 9.12 2.85 0.27
C THR A 46 8.27 2.18 -0.81
N ALA A 47 7.63 1.07 -0.45
CA ALA A 47 6.78 0.34 -1.39
C ALA A 47 5.63 1.21 -1.88
N LEU A 48 4.98 1.91 -0.95
CA LEU A 48 3.86 2.77 -1.29
C LEU A 48 4.28 3.84 -2.28
N ASN A 49 5.36 4.54 -1.98
CA ASN A 49 5.88 5.60 -2.84
C ASN A 49 6.17 5.05 -4.24
N ALA A 50 6.53 3.77 -4.31
CA ALA A 50 6.84 3.14 -5.58
C ALA A 50 5.58 2.97 -6.42
N LEU A 51 4.62 2.21 -5.92
CA LEU A 51 3.37 1.96 -6.63
C LEU A 51 2.62 3.27 -6.85
N THR A 52 2.39 4.01 -5.78
CA THR A 52 1.69 5.28 -5.85
C THR A 52 2.49 6.32 -6.62
N GLU A 53 3.80 6.08 -6.74
CA GLU A 53 4.68 7.00 -7.45
C GLU A 53 4.71 8.37 -6.78
N GLY A 54 4.95 8.38 -5.48
CA GLY A 54 4.99 9.62 -4.73
C GLY A 54 3.68 10.38 -4.78
N LYS A 55 2.58 9.64 -4.72
CA LYS A 55 1.25 10.24 -4.74
C LYS A 55 0.51 9.99 -3.44
N LYS A 56 0.42 11.03 -2.61
CA LYS A 56 -0.27 10.92 -1.33
C LYS A 56 -1.68 11.48 -1.42
N ASP A 57 -1.87 12.48 -2.27
CA ASP A 57 -3.17 13.10 -2.47
C ASP A 57 -4.24 12.05 -2.74
N THR A 58 -3.86 11.01 -3.48
CA THR A 58 -4.78 9.93 -3.83
C THR A 58 -5.47 9.39 -2.58
N THR A 59 -6.79 9.27 -2.64
CA THR A 59 -7.57 8.75 -1.52
C THR A 59 -7.28 7.28 -1.28
N ILE A 60 -6.60 6.99 -0.17
CA ILE A 60 -6.26 5.61 0.17
C ILE A 60 -7.04 5.15 1.40
N PHE A 61 -7.74 4.03 1.27
CA PHE A 61 -8.53 3.48 2.36
C PHE A 61 -7.69 2.52 3.20
N PHE A 62 -7.56 2.82 4.49
CA PHE A 62 -6.78 1.98 5.40
C PHE A 62 -7.67 0.95 6.08
N ARG A 63 -7.57 -0.30 5.63
CA ARG A 63 -8.36 -1.38 6.20
C ARG A 63 -7.56 -2.18 7.22
N ALA A 64 -7.94 -2.07 8.48
CA ALA A 64 -7.24 -2.78 9.55
C ALA A 64 -7.98 -4.07 9.92
N ASP A 65 -7.24 -5.18 9.94
CA ASP A 65 -7.82 -6.48 10.28
C ASP A 65 -8.58 -6.40 11.60
N LYS A 66 -9.50 -7.33 11.81
CA LYS A 66 -10.30 -7.38 13.03
C LYS A 66 -9.40 -7.64 14.24
N THR A 67 -8.18 -8.10 13.99
CA THR A 67 -7.24 -8.40 15.06
C THR A 67 -6.30 -7.22 15.29
N VAL A 68 -6.81 -6.01 15.08
CA VAL A 68 -6.02 -4.81 15.28
C VAL A 68 -6.46 -4.05 16.52
N ASP A 69 -5.50 -3.45 17.23
CA ASP A 69 -5.80 -2.70 18.43
C ASP A 69 -5.62 -1.21 18.20
N TYR A 70 -6.02 -0.41 19.19
CA TYR A 70 -5.91 1.04 19.09
C TYR A 70 -4.46 1.48 19.01
N GLU A 71 -3.58 0.71 19.64
CA GLU A 71 -2.15 1.01 19.65
C GLU A 71 -1.55 0.80 18.27
N THR A 72 -2.13 -0.12 17.51
CA THR A 72 -1.64 -0.41 16.16
C THR A 72 -2.02 0.71 15.19
N LEU A 73 -3.30 1.05 15.17
CA LEU A 73 -3.79 2.10 14.27
C LEU A 73 -3.15 3.45 14.61
N MET A 74 -2.74 3.60 15.87
CA MET A 74 -2.11 4.83 16.33
C MET A 74 -0.67 4.93 15.82
N LYS A 75 0.04 3.81 15.85
CA LYS A 75 1.42 3.76 15.39
C LYS A 75 1.52 4.14 13.91
N VAL A 76 0.62 3.57 13.11
CA VAL A 76 0.61 3.84 11.68
C VAL A 76 0.14 5.27 11.39
N MET A 77 -0.74 5.78 12.24
CA MET A 77 -1.26 7.13 12.09
C MET A 77 -0.12 8.15 12.14
N ASP A 78 0.79 7.97 13.08
CA ASP A 78 1.92 8.88 13.23
C ASP A 78 2.92 8.70 12.09
N THR A 79 3.13 7.46 11.69
CA THR A 79 4.05 7.15 10.60
C THR A 79 3.61 7.79 9.30
N LEU A 80 2.37 7.52 8.89
CA LEU A 80 1.82 8.07 7.66
C LEU A 80 1.72 9.59 7.75
N HIS A 81 1.56 10.10 8.96
CA HIS A 81 1.45 11.54 9.17
C HIS A 81 2.74 12.24 8.76
N GLN A 82 3.87 11.67 9.13
CA GLN A 82 5.16 12.25 8.79
C GLN A 82 5.54 11.95 7.35
N ALA A 83 4.96 10.89 6.80
CA ALA A 83 5.23 10.48 5.43
C ALA A 83 4.23 11.11 4.47
N GLY A 84 3.52 12.13 4.94
CA GLY A 84 2.54 12.81 4.11
C GLY A 84 1.13 12.24 4.30
N TYR A 85 0.55 11.75 3.23
CA TYR A 85 -0.79 11.19 3.28
C TYR A 85 -1.77 12.16 3.95
N LEU A 86 -2.37 13.04 3.14
CA LEU A 86 -3.31 14.02 3.65
C LEU A 86 -4.74 13.65 3.27
N LYS A 87 -4.90 12.51 2.60
CA LYS A 87 -6.20 12.04 2.18
C LYS A 87 -6.33 10.53 2.35
N ILE A 88 -6.47 10.09 3.59
CA ILE A 88 -6.61 8.66 3.88
C ILE A 88 -8.01 8.33 4.38
N GLY A 89 -8.78 7.64 3.55
CA GLY A 89 -10.13 7.27 3.91
C GLY A 89 -10.17 6.18 4.96
N LEU A 90 -11.19 6.20 5.82
CA LEU A 90 -11.33 5.22 6.88
C LEU A 90 -12.46 4.25 6.57
N VAL A 91 -12.11 3.09 6.02
CA VAL A 91 -13.10 2.08 5.67
C VAL A 91 -13.88 1.64 6.89
N GLY A 92 -15.17 1.36 6.70
CA GLY A 92 -16.01 0.92 7.81
C GLY A 92 -16.67 2.08 8.52
N GLU A 93 -17.66 2.69 7.86
CA GLU A 93 -18.37 3.83 8.44
C GLU A 93 -19.81 3.44 8.78
N GLU A 94 -19.95 2.39 9.60
CA GLU A 94 -21.27 1.92 10.02
C GLU A 94 -21.20 1.27 11.39
N THR A 95 -20.90 2.09 12.41
CA THR A 95 -20.80 1.59 13.78
C THR A 95 -22.03 2.00 14.59
N ALA A 96 -22.24 1.31 15.71
CA ALA A 96 -23.38 1.60 16.58
C ALA A 96 -23.08 1.20 18.02
N LYS A 97 -23.44 2.07 18.96
CA LYS A 97 -23.22 1.80 20.38
C LYS A 97 -23.88 2.87 21.24
N ALA A 98 -24.56 2.44 22.29
CA ALA A 98 -25.23 3.37 23.20
C ALA A 98 -25.09 2.90 24.65
N LYS A 99 -25.32 3.82 25.58
CA LYS A 99 -25.24 3.52 27.00
C LYS A 99 -25.88 4.61 27.84
N MET A 1 -12.90 -31.94 -49.08
CA MET A 1 -13.36 -30.92 -50.02
C MET A 1 -13.94 -29.72 -49.29
N ASP A 2 -13.06 -28.82 -48.85
CA ASP A 2 -13.49 -27.62 -48.13
C ASP A 2 -12.32 -26.66 -47.96
N VAL A 3 -12.56 -25.59 -47.20
CA VAL A 3 -11.52 -24.58 -46.95
C VAL A 3 -11.02 -24.66 -45.53
N LYS A 4 -9.69 -24.57 -45.37
CA LYS A 4 -9.07 -24.63 -44.05
C LYS A 4 -7.81 -23.78 -44.00
N VAL A 5 -7.69 -22.97 -42.96
CA VAL A 5 -6.53 -22.11 -42.79
C VAL A 5 -5.86 -22.32 -41.43
N ASN A 6 -4.54 -22.27 -41.42
CA ASN A 6 -3.79 -22.47 -40.19
C ASN A 6 -3.59 -21.14 -39.46
N LEU A 7 -3.37 -21.22 -38.15
CA LEU A 7 -3.17 -20.02 -37.34
C LEU A 7 -4.30 -19.02 -37.54
N PRO A 8 -5.48 -19.34 -36.98
CA PRO A 8 -6.66 -18.49 -37.07
C PRO A 8 -6.51 -17.20 -36.27
N ALA A 9 -7.12 -16.13 -36.76
CA ALA A 9 -7.06 -14.83 -36.09
C ALA A 9 -5.62 -14.33 -36.01
N SER A 10 -5.19 -13.62 -37.05
CA SER A 10 -3.83 -13.09 -37.09
C SER A 10 -3.83 -11.59 -36.83
N THR A 11 -4.32 -11.21 -35.65
CA THR A 11 -4.38 -9.80 -35.26
C THR A 11 -4.12 -9.62 -33.77
N SER A 12 -3.70 -8.42 -33.39
CA SER A 12 -3.42 -8.12 -31.99
C SER A 12 -4.70 -7.80 -31.23
N THR A 13 -4.78 -8.26 -29.98
CA THR A 13 -5.94 -8.03 -29.14
C THR A 13 -5.76 -6.78 -28.28
N PRO A 14 -6.88 -6.22 -27.80
CA PRO A 14 -6.87 -5.02 -26.95
C PRO A 14 -6.29 -5.30 -25.57
N GLN A 15 -5.29 -4.51 -25.17
CA GLN A 15 -4.67 -4.68 -23.87
C GLN A 15 -4.50 -3.33 -23.17
N PRO A 16 -5.63 -2.75 -22.73
CA PRO A 16 -5.64 -1.46 -22.03
C PRO A 16 -5.02 -1.55 -20.65
N ARG A 17 -4.80 -0.38 -20.03
CA ARG A 17 -4.20 -0.33 -18.70
C ARG A 17 -4.79 0.84 -17.90
N PRO A 18 -6.04 0.68 -17.46
CA PRO A 18 -6.74 1.70 -16.68
C PRO A 18 -6.17 1.84 -15.26
N GLU A 19 -6.54 2.92 -14.59
CA GLU A 19 -6.07 3.18 -13.24
C GLU A 19 -7.03 2.62 -12.20
N LYS A 20 -6.57 2.50 -10.96
CA LYS A 20 -7.40 1.99 -9.88
C LYS A 20 -7.04 2.66 -8.56
N PRO A 21 -7.98 2.64 -7.61
CA PRO A 21 -7.78 3.23 -6.28
C PRO A 21 -6.78 2.45 -5.43
N VAL A 22 -6.23 3.11 -4.42
CA VAL A 22 -5.27 2.48 -3.53
C VAL A 22 -5.94 1.95 -2.27
N TYR A 23 -5.80 0.65 -2.04
CA TYR A 23 -6.39 0.02 -0.86
C TYR A 23 -5.33 -0.68 -0.02
N LEU A 24 -5.29 -0.36 1.27
CA LEU A 24 -4.33 -0.95 2.18
C LEU A 24 -4.98 -2.01 3.06
N SER A 25 -4.28 -3.12 3.27
CA SER A 25 -4.80 -4.21 4.09
C SER A 25 -3.76 -4.67 5.11
N VAL A 26 -4.11 -4.57 6.38
CA VAL A 26 -3.20 -4.98 7.45
C VAL A 26 -3.80 -6.11 8.28
N LYS A 27 -2.93 -6.89 8.90
CA LYS A 27 -3.37 -8.02 9.74
C LYS A 27 -2.22 -8.58 10.56
N ALA A 28 -2.55 -9.38 11.56
CA ALA A 28 -1.53 -9.99 12.42
C ALA A 28 -0.60 -8.93 13.00
N ASP A 29 -1.01 -8.35 14.12
CA ASP A 29 -0.20 -7.32 14.78
C ASP A 29 -0.18 -6.04 13.95
N ASN A 30 0.61 -6.05 12.88
CA ASN A 30 0.73 -4.89 12.01
C ASN A 30 1.52 -5.24 10.75
N SER A 31 1.06 -6.27 10.04
CA SER A 31 1.73 -6.71 8.81
C SER A 31 0.90 -6.36 7.59
N MET A 32 1.41 -5.43 6.77
CA MET A 32 0.70 -5.01 5.57
C MET A 32 0.75 -6.10 4.50
N PHE A 33 -0.37 -6.30 3.81
CA PHE A 33 -0.45 -7.31 2.76
C PHE A 33 -1.46 -6.91 1.69
N ILE A 34 -0.96 -6.36 0.59
CA ILE A 34 -1.82 -5.92 -0.50
C ILE A 34 -2.39 -7.12 -1.26
N GLY A 35 -3.51 -6.90 -1.95
CA GLY A 35 -4.13 -7.97 -2.70
C GLY A 35 -3.13 -8.77 -3.52
N ASN A 36 -2.06 -8.09 -3.95
CA ASN A 36 -1.03 -8.74 -4.75
C ASN A 36 0.31 -8.02 -4.60
N ASP A 37 0.64 -7.66 -3.36
CA ASP A 37 1.89 -6.97 -3.08
C ASP A 37 2.15 -6.91 -1.58
N PRO A 38 2.75 -7.98 -1.04
CA PRO A 38 3.07 -8.08 0.39
C PRO A 38 4.19 -7.13 0.80
N VAL A 39 4.04 -6.51 1.96
CA VAL A 39 5.04 -5.57 2.47
C VAL A 39 5.06 -5.57 3.99
N THR A 40 5.91 -4.72 4.56
CA THR A 40 6.03 -4.62 6.01
C THR A 40 5.89 -3.17 6.47
N ASP A 41 5.82 -2.98 7.79
CA ASP A 41 5.68 -1.65 8.36
C ASP A 41 6.97 -0.85 8.18
N GLU A 42 8.03 -1.54 7.79
CA GLU A 42 9.32 -0.89 7.58
C GLU A 42 9.47 -0.40 6.15
N THR A 43 9.02 -1.22 5.20
CA THR A 43 9.09 -0.87 3.79
C THR A 43 7.74 -0.43 3.26
N MET A 44 6.82 -0.15 4.16
CA MET A 44 5.48 0.29 3.78
C MET A 44 5.53 1.61 3.02
N ILE A 45 6.42 2.50 3.46
CA ILE A 45 6.57 3.80 2.82
C ILE A 45 7.27 3.67 1.47
N THR A 46 8.42 2.99 1.47
CA THR A 46 9.18 2.79 0.24
C THR A 46 8.32 2.17 -0.85
N ALA A 47 7.63 1.09 -0.50
CA ALA A 47 6.76 0.41 -1.46
C ALA A 47 5.66 1.32 -1.96
N LEU A 48 4.91 1.91 -1.03
CA LEU A 48 3.82 2.82 -1.37
C LEU A 48 4.30 3.92 -2.32
N ASN A 49 5.40 4.58 -1.93
CA ASN A 49 5.96 5.66 -2.74
C ASN A 49 6.30 5.16 -4.15
N ALA A 50 6.63 3.87 -4.25
CA ALA A 50 6.96 3.28 -5.53
C ALA A 50 5.74 3.17 -6.44
N LEU A 51 4.75 2.40 -5.98
CA LEU A 51 3.52 2.21 -6.74
C LEU A 51 2.80 3.53 -6.95
N THR A 52 2.55 4.25 -5.85
CA THR A 52 1.88 5.53 -5.92
C THR A 52 2.72 6.57 -6.64
N GLU A 53 4.03 6.34 -6.68
CA GLU A 53 4.95 7.25 -7.33
C GLU A 53 4.96 8.61 -6.64
N GLY A 54 5.00 8.59 -5.30
CA GLY A 54 5.01 9.82 -4.54
C GLY A 54 3.68 10.54 -4.59
N LYS A 55 2.60 9.78 -4.55
CA LYS A 55 1.26 10.36 -4.59
C LYS A 55 0.50 10.08 -3.30
N LYS A 56 0.37 11.09 -2.46
CA LYS A 56 -0.33 10.95 -1.18
C LYS A 56 -1.76 11.48 -1.29
N ASP A 57 -1.95 12.46 -2.17
CA ASP A 57 -3.28 13.06 -2.36
C ASP A 57 -4.31 11.99 -2.66
N THR A 58 -3.90 10.97 -3.43
CA THR A 58 -4.79 9.88 -3.79
C THR A 58 -5.47 9.29 -2.56
N THR A 59 -6.80 9.23 -2.58
CA THR A 59 -7.57 8.69 -1.47
C THR A 59 -7.26 7.21 -1.26
N ILE A 60 -6.60 6.91 -0.15
CA ILE A 60 -6.24 5.52 0.17
C ILE A 60 -7.03 5.02 1.38
N PHE A 61 -7.72 3.90 1.21
CA PHE A 61 -8.51 3.31 2.30
C PHE A 61 -7.65 2.35 3.12
N PHE A 62 -7.56 2.63 4.43
CA PHE A 62 -6.78 1.79 5.33
C PHE A 62 -7.66 0.73 5.97
N ARG A 63 -7.54 -0.51 5.49
CA ARG A 63 -8.33 -1.61 6.02
C ARG A 63 -7.52 -2.42 7.03
N ALA A 64 -7.93 -2.35 8.30
CA ALA A 64 -7.25 -3.07 9.36
C ALA A 64 -7.99 -4.35 9.72
N ASP A 65 -7.23 -5.40 10.04
CA ASP A 65 -7.83 -6.68 10.40
C ASP A 65 -8.63 -6.55 11.69
N LYS A 66 -9.56 -7.49 11.89
CA LYS A 66 -10.41 -7.48 13.08
C LYS A 66 -9.56 -7.55 14.35
N THR A 67 -8.35 -8.08 14.21
CA THR A 67 -7.44 -8.20 15.35
C THR A 67 -6.73 -6.87 15.62
N VAL A 68 -6.77 -5.98 14.65
CA VAL A 68 -6.13 -4.68 14.79
C VAL A 68 -6.82 -3.83 15.85
N ASP A 69 -6.04 -3.21 16.73
CA ASP A 69 -6.57 -2.37 17.78
C ASP A 69 -5.99 -0.96 17.71
N TYR A 70 -6.37 -0.12 18.67
CA TYR A 70 -5.89 1.25 18.72
C TYR A 70 -4.37 1.30 18.67
N GLU A 71 -3.73 0.23 19.18
CA GLU A 71 -2.28 0.16 19.21
C GLU A 71 -1.69 0.41 17.81
N THR A 72 -2.17 -0.35 16.83
CA THR A 72 -1.70 -0.22 15.46
C THR A 72 -2.21 1.07 14.83
N LEU A 73 -3.37 1.52 15.29
CA LEU A 73 -3.98 2.74 14.77
C LEU A 73 -3.06 3.94 14.98
N MET A 74 -2.37 3.96 16.12
CA MET A 74 -1.46 5.05 16.44
C MET A 74 -0.14 4.88 15.71
N LYS A 75 0.43 3.68 15.79
CA LYS A 75 1.71 3.39 15.15
C LYS A 75 1.66 3.78 13.67
N VAL A 76 0.55 3.45 13.01
CA VAL A 76 0.38 3.76 11.60
C VAL A 76 0.02 5.23 11.40
N MET A 77 -0.69 5.79 12.38
CA MET A 77 -1.09 7.20 12.31
C MET A 77 0.12 8.11 12.25
N ASP A 78 1.10 7.85 13.12
CA ASP A 78 2.32 8.66 13.16
C ASP A 78 3.20 8.37 11.95
N THR A 79 3.33 7.09 11.61
CA THR A 79 4.15 6.69 10.48
C THR A 79 3.71 7.39 9.20
N LEU A 80 2.43 7.27 8.88
CA LEU A 80 1.88 7.90 7.68
C LEU A 80 1.90 9.41 7.80
N HIS A 81 1.82 9.91 9.03
CA HIS A 81 1.84 11.34 9.29
C HIS A 81 3.14 11.97 8.80
N GLN A 82 4.23 11.23 8.95
CA GLN A 82 5.55 11.71 8.52
C GLN A 82 5.74 11.53 7.02
N ALA A 83 5.05 10.54 6.46
CA ALA A 83 5.14 10.26 5.04
C ALA A 83 4.07 11.01 4.25
N GLY A 84 3.47 12.01 4.89
CA GLY A 84 2.44 12.80 4.23
C GLY A 84 1.06 12.21 4.43
N TYR A 85 0.46 11.71 3.35
CA TYR A 85 -0.87 11.13 3.41
C TYR A 85 -1.84 12.07 4.10
N LEU A 86 -2.46 12.95 3.32
CA LEU A 86 -3.43 13.91 3.86
C LEU A 86 -4.85 13.53 3.45
N LYS A 87 -4.99 12.40 2.77
CA LYS A 87 -6.29 11.93 2.32
C LYS A 87 -6.40 10.42 2.45
N ILE A 88 -6.55 9.94 3.68
CA ILE A 88 -6.66 8.51 3.94
C ILE A 88 -8.07 8.14 4.41
N GLY A 89 -8.82 7.45 3.56
CA GLY A 89 -10.16 7.05 3.90
C GLY A 89 -10.19 5.95 4.94
N LEU A 90 -11.21 5.96 5.80
CA LEU A 90 -11.35 4.95 6.84
C LEU A 90 -12.47 3.98 6.52
N VAL A 91 -12.12 2.84 5.93
CA VAL A 91 -13.10 1.83 5.57
C VAL A 91 -13.88 1.36 6.79
N GLY A 92 -15.16 1.08 6.60
CA GLY A 92 -16.00 0.62 7.70
C GLY A 92 -16.86 1.73 8.28
N GLU A 93 -18.14 1.71 7.95
CA GLU A 93 -19.06 2.73 8.44
C GLU A 93 -19.80 2.24 9.68
N GLU A 94 -19.09 1.46 10.52
CA GLU A 94 -19.68 0.93 11.73
C GLU A 94 -20.99 0.21 11.44
N THR A 95 -20.89 -1.04 11.00
CA THR A 95 -22.07 -1.84 10.68
C THR A 95 -22.62 -2.53 11.92
N ALA A 96 -23.21 -1.74 12.81
CA ALA A 96 -23.78 -2.27 14.05
C ALA A 96 -24.75 -1.26 14.68
N LYS A 97 -25.75 -1.78 15.38
CA LYS A 97 -26.75 -0.93 16.03
C LYS A 97 -27.72 -1.77 16.86
N ALA A 98 -28.16 -1.21 17.97
CA ALA A 98 -29.10 -1.90 18.85
C ALA A 98 -29.93 -0.91 19.65
N LYS A 99 -31.13 -1.34 20.06
CA LYS A 99 -32.02 -0.49 20.83
C LYS A 99 -33.27 -1.26 21.25
N MET A 1 42.75 -21.82 -11.61
CA MET A 1 42.81 -20.38 -11.87
C MET A 1 41.81 -19.98 -12.94
N ASP A 2 41.03 -18.94 -12.64
CA ASP A 2 40.03 -18.46 -13.58
C ASP A 2 39.53 -17.07 -13.19
N VAL A 3 39.63 -16.11 -14.10
CA VAL A 3 39.19 -14.75 -13.84
C VAL A 3 38.42 -14.18 -15.03
N LYS A 4 37.93 -12.96 -14.88
CA LYS A 4 37.18 -12.30 -15.94
C LYS A 4 36.03 -13.18 -16.42
N VAL A 5 35.28 -13.75 -15.48
CA VAL A 5 34.16 -14.62 -15.81
C VAL A 5 33.02 -13.82 -16.43
N ASN A 6 32.03 -14.53 -16.98
CA ASN A 6 30.89 -13.89 -17.60
C ASN A 6 29.79 -13.61 -16.57
N LEU A 7 29.00 -12.57 -16.83
CA LEU A 7 27.92 -12.19 -15.93
C LEU A 7 26.59 -12.13 -16.66
N PRO A 8 26.06 -13.30 -17.03
CA PRO A 8 24.79 -13.39 -17.76
C PRO A 8 23.60 -13.02 -16.88
N ALA A 9 22.40 -13.09 -17.45
CA ALA A 9 21.18 -12.76 -16.72
C ALA A 9 19.94 -13.06 -17.55
N SER A 10 18.77 -12.94 -16.94
CA SER A 10 17.51 -13.21 -17.62
C SER A 10 16.70 -11.93 -17.79
N THR A 11 16.56 -11.48 -19.03
CA THR A 11 15.82 -10.27 -19.32
C THR A 11 14.38 -10.37 -18.83
N SER A 12 13.74 -9.23 -18.63
CA SER A 12 12.36 -9.19 -18.15
C SER A 12 11.54 -8.16 -18.93
N THR A 13 10.26 -8.08 -18.62
CA THR A 13 9.36 -7.14 -19.29
C THR A 13 8.58 -6.30 -18.28
N PRO A 14 8.29 -5.06 -18.65
CA PRO A 14 7.54 -4.13 -17.79
C PRO A 14 6.08 -4.53 -17.63
N GLN A 15 5.31 -3.68 -16.96
CA GLN A 15 3.89 -3.95 -16.73
C GLN A 15 3.06 -2.69 -16.96
N PRO A 16 1.75 -2.88 -17.18
CA PRO A 16 0.82 -1.77 -17.41
C PRO A 16 0.58 -0.95 -16.14
N ARG A 17 0.25 0.33 -16.33
CA ARG A 17 0.00 1.23 -15.22
C ARG A 17 -1.37 1.87 -15.34
N PRO A 18 -2.42 1.07 -15.12
CA PRO A 18 -3.81 1.55 -15.20
C PRO A 18 -4.17 2.49 -14.06
N GLU A 19 -5.39 3.00 -14.08
CA GLU A 19 -5.85 3.92 -13.04
C GLU A 19 -6.84 3.22 -12.10
N LYS A 20 -6.43 3.04 -10.85
CA LYS A 20 -7.28 2.38 -9.85
C LYS A 20 -7.03 2.97 -8.47
N PRO A 21 -8.03 2.82 -7.57
CA PRO A 21 -7.94 3.33 -6.20
C PRO A 21 -6.93 2.56 -5.36
N VAL A 22 -6.27 3.27 -4.45
CA VAL A 22 -5.27 2.65 -3.58
C VAL A 22 -5.92 2.07 -2.32
N TYR A 23 -5.79 0.77 -2.14
CA TYR A 23 -6.37 0.09 -0.98
C TYR A 23 -5.31 -0.73 -0.25
N LEU A 24 -5.20 -0.51 1.05
CA LEU A 24 -4.23 -1.24 1.87
C LEU A 24 -4.92 -2.34 2.67
N SER A 25 -4.25 -3.47 2.81
CA SER A 25 -4.79 -4.60 3.57
C SER A 25 -3.78 -5.08 4.62
N VAL A 26 -4.19 -5.00 5.88
CA VAL A 26 -3.33 -5.43 6.99
C VAL A 26 -3.97 -6.58 7.76
N LYS A 27 -3.13 -7.41 8.37
CA LYS A 27 -3.61 -8.54 9.15
C LYS A 27 -2.73 -8.78 10.37
N ALA A 28 -3.14 -9.71 11.22
CA ALA A 28 -2.39 -10.04 12.42
C ALA A 28 -2.06 -8.79 13.22
N ASP A 29 -1.17 -8.93 14.20
CA ASP A 29 -0.78 -7.80 15.05
C ASP A 29 -0.37 -6.60 14.19
N ASN A 30 0.31 -6.87 13.09
CA ASN A 30 0.76 -5.82 12.19
C ASN A 30 1.51 -6.40 11.00
N SER A 31 0.78 -6.67 9.92
CA SER A 31 1.36 -7.22 8.71
C SER A 31 0.56 -6.83 7.47
N MET A 32 1.18 -6.05 6.59
CA MET A 32 0.52 -5.61 5.36
C MET A 32 0.64 -6.67 4.27
N PHE A 33 -0.35 -6.71 3.39
CA PHE A 33 -0.36 -7.67 2.29
C PHE A 33 -1.23 -7.18 1.14
N ILE A 34 -0.60 -6.53 0.16
CA ILE A 34 -1.32 -6.01 -0.99
C ILE A 34 -1.76 -7.14 -1.92
N GLY A 35 -2.79 -6.87 -2.72
CA GLY A 35 -3.29 -7.87 -3.65
C GLY A 35 -2.18 -8.62 -4.35
N ASN A 36 -1.06 -7.94 -4.60
CA ASN A 36 0.08 -8.55 -5.27
C ASN A 36 1.38 -7.84 -4.90
N ASP A 37 1.56 -7.61 -3.60
CA ASP A 37 2.76 -6.95 -3.11
C ASP A 37 2.78 -6.90 -1.59
N PRO A 38 3.25 -7.99 -0.96
CA PRO A 38 3.33 -8.09 0.50
C PRO A 38 4.38 -7.16 1.09
N VAL A 39 4.04 -6.52 2.21
CA VAL A 39 4.96 -5.60 2.87
C VAL A 39 4.65 -5.51 4.36
N THR A 40 5.41 -4.67 5.07
CA THR A 40 5.21 -4.48 6.49
C THR A 40 4.98 -3.02 6.83
N ASP A 41 4.68 -2.75 8.10
CA ASP A 41 4.43 -1.38 8.56
C ASP A 41 5.72 -0.58 8.61
N GLU A 42 6.85 -1.27 8.42
CA GLU A 42 8.16 -0.62 8.45
C GLU A 42 8.59 -0.20 7.04
N THR A 43 8.15 -0.96 6.05
CA THR A 43 8.50 -0.67 4.66
C THR A 43 7.25 -0.33 3.85
N MET A 44 6.14 -0.06 4.55
CA MET A 44 4.89 0.27 3.89
C MET A 44 5.03 1.55 3.06
N ILE A 45 5.95 2.42 3.49
CA ILE A 45 6.18 3.67 2.79
C ILE A 45 6.87 3.44 1.45
N THR A 46 7.95 2.67 1.47
CA THR A 46 8.69 2.37 0.26
C THR A 46 7.78 1.79 -0.82
N ALA A 47 6.94 0.83 -0.43
CA ALA A 47 6.02 0.20 -1.37
C ALA A 47 5.01 1.21 -1.91
N LEU A 48 4.27 1.85 -1.02
CA LEU A 48 3.28 2.83 -1.41
C LEU A 48 3.89 3.89 -2.32
N ASN A 49 4.98 4.50 -1.87
CA ASN A 49 5.67 5.53 -2.65
C ASN A 49 6.04 5.00 -4.04
N ALA A 50 6.30 3.69 -4.11
CA ALA A 50 6.67 3.06 -5.37
C ALA A 50 5.48 3.01 -6.33
N LEU A 51 4.42 2.31 -5.93
CA LEU A 51 3.23 2.19 -6.76
C LEU A 51 2.62 3.56 -7.04
N THR A 52 2.36 4.31 -5.96
CA THR A 52 1.78 5.64 -6.09
C THR A 52 2.73 6.60 -6.77
N GLU A 53 4.02 6.29 -6.70
CA GLU A 53 5.04 7.13 -7.33
C GLU A 53 5.07 8.52 -6.69
N GLY A 54 5.03 8.55 -5.36
CA GLY A 54 5.05 9.82 -4.65
C GLY A 54 3.71 10.54 -4.70
N LYS A 55 2.63 9.77 -4.63
CA LYS A 55 1.29 10.35 -4.67
C LYS A 55 0.54 10.11 -3.37
N LYS A 56 0.42 11.15 -2.56
CA LYS A 56 -0.26 11.05 -1.28
C LYS A 56 -1.69 11.58 -1.39
N ASP A 57 -1.89 12.56 -2.25
CA ASP A 57 -3.22 13.14 -2.45
C ASP A 57 -4.25 12.06 -2.74
N THR A 58 -3.83 11.04 -3.47
CA THR A 58 -4.73 9.93 -3.82
C THR A 58 -5.41 9.37 -2.59
N THR A 59 -6.73 9.27 -2.63
CA THR A 59 -7.50 8.74 -1.52
C THR A 59 -7.18 7.28 -1.27
N ILE A 60 -6.52 6.99 -0.17
CA ILE A 60 -6.14 5.62 0.19
C ILE A 60 -6.93 5.14 1.41
N PHE A 61 -7.58 3.99 1.27
CA PHE A 61 -8.35 3.41 2.36
C PHE A 61 -7.52 2.42 3.15
N PHE A 62 -7.48 2.60 4.47
CA PHE A 62 -6.72 1.72 5.34
C PHE A 62 -7.62 0.64 5.94
N ARG A 63 -7.53 -0.57 5.40
CA ARG A 63 -8.35 -1.68 5.88
C ARG A 63 -7.48 -2.69 6.63
N ALA A 64 -7.70 -2.80 7.93
CA ALA A 64 -6.94 -3.74 8.77
C ALA A 64 -7.88 -4.69 9.51
N ASP A 65 -7.36 -5.86 9.86
CA ASP A 65 -8.15 -6.86 10.57
C ASP A 65 -8.76 -6.27 11.84
N LYS A 66 -9.84 -6.88 12.31
CA LYS A 66 -10.52 -6.42 13.51
C LYS A 66 -9.70 -6.73 14.76
N THR A 67 -8.65 -7.53 14.58
CA THR A 67 -7.78 -7.90 15.69
C THR A 67 -6.78 -6.79 16.01
N VAL A 68 -6.62 -5.86 15.07
CA VAL A 68 -5.70 -4.75 15.26
C VAL A 68 -5.96 -4.02 16.58
N ASP A 69 -4.89 -3.55 17.21
CA ASP A 69 -5.01 -2.85 18.48
C ASP A 69 -4.87 -1.35 18.28
N TYR A 70 -5.27 -0.57 19.28
CA TYR A 70 -5.19 0.87 19.22
C TYR A 70 -3.75 1.34 19.06
N GLU A 71 -2.82 0.58 19.64
CA GLU A 71 -1.41 0.91 19.58
C GLU A 71 -0.88 0.73 18.15
N THR A 72 -1.52 -0.15 17.39
CA THR A 72 -1.11 -0.41 16.01
C THR A 72 -1.54 0.72 15.09
N LEU A 73 -2.83 1.07 15.15
CA LEU A 73 -3.37 2.13 14.31
C LEU A 73 -2.72 3.47 14.64
N MET A 74 -2.23 3.60 15.88
CA MET A 74 -1.58 4.83 16.32
C MET A 74 -0.17 4.92 15.74
N LYS A 75 0.54 3.81 15.74
CA LYS A 75 1.91 3.76 15.22
C LYS A 75 1.94 4.18 13.75
N VAL A 76 0.99 3.67 12.97
CA VAL A 76 0.91 4.00 11.55
C VAL A 76 0.44 5.43 11.34
N MET A 77 -0.43 5.90 12.23
CA MET A 77 -0.95 7.25 12.15
C MET A 77 0.18 8.28 12.15
N ASP A 78 1.16 8.07 13.02
CA ASP A 78 2.30 8.97 13.13
C ASP A 78 3.25 8.79 11.95
N THR A 79 3.43 7.54 11.52
CA THR A 79 4.30 7.23 10.41
C THR A 79 3.80 7.86 9.11
N LEU A 80 2.52 7.70 8.84
CA LEU A 80 1.91 8.26 7.64
C LEU A 80 1.81 9.77 7.74
N HIS A 81 1.71 10.28 8.96
CA HIS A 81 1.61 11.72 9.20
C HIS A 81 2.89 12.43 8.76
N GLN A 82 4.03 11.80 9.01
CA GLN A 82 5.32 12.36 8.64
C GLN A 82 5.63 12.10 7.18
N ALA A 83 5.03 11.06 6.62
CA ALA A 83 5.24 10.71 5.22
C ALA A 83 4.20 11.36 4.32
N GLY A 84 3.51 12.37 4.86
CA GLY A 84 2.48 13.05 4.09
C GLY A 84 1.10 12.47 4.31
N TYR A 85 0.52 11.94 3.24
CA TYR A 85 -0.82 11.34 3.31
C TYR A 85 -1.80 12.29 3.98
N LEU A 86 -2.42 13.15 3.18
CA LEU A 86 -3.39 14.11 3.69
C LEU A 86 -4.82 13.72 3.30
N LYS A 87 -4.95 12.58 2.63
CA LYS A 87 -6.25 12.08 2.20
C LYS A 87 -6.33 10.57 2.37
N ILE A 88 -6.48 10.11 3.61
CA ILE A 88 -6.57 8.69 3.90
C ILE A 88 -7.98 8.32 4.37
N GLY A 89 -8.71 7.61 3.53
CA GLY A 89 -10.06 7.20 3.88
C GLY A 89 -10.08 6.11 4.93
N LEU A 90 -11.12 6.11 5.76
CA LEU A 90 -11.25 5.11 6.81
C LEU A 90 -12.35 4.10 6.48
N VAL A 91 -11.96 2.95 5.93
CA VAL A 91 -12.90 1.92 5.57
C VAL A 91 -13.70 1.45 6.78
N GLY A 92 -14.99 1.19 6.58
CA GLY A 92 -15.83 0.74 7.66
C GLY A 92 -17.13 1.52 7.75
N GLU A 93 -18.20 0.86 8.20
CA GLU A 93 -19.50 1.51 8.33
C GLU A 93 -19.77 1.89 9.77
N GLU A 94 -18.76 2.46 10.44
CA GLU A 94 -18.89 2.87 11.82
C GLU A 94 -19.18 1.67 12.73
N THR A 95 -19.07 1.87 14.03
CA THR A 95 -19.32 0.82 14.99
C THR A 95 -20.21 1.30 16.13
N ALA A 96 -20.70 0.36 16.93
CA ALA A 96 -21.57 0.70 18.06
C ALA A 96 -21.36 -0.27 19.22
N LYS A 97 -22.10 -0.06 20.30
CA LYS A 97 -22.00 -0.91 21.48
C LYS A 97 -20.59 -0.85 22.07
N ALA A 98 -20.42 -1.45 23.24
CA ALA A 98 -19.14 -1.48 23.92
C ALA A 98 -18.97 -2.73 24.77
N LYS A 99 -17.81 -2.87 25.39
CA LYS A 99 -17.53 -4.03 26.24
C LYS A 99 -16.50 -3.68 27.31
N MET A 1 43.08 8.74 -39.31
CA MET A 1 41.67 8.38 -39.37
C MET A 1 41.49 6.94 -39.85
N ASP A 2 41.98 5.99 -39.07
CA ASP A 2 41.88 4.58 -39.42
C ASP A 2 40.42 4.17 -39.60
N VAL A 3 40.20 2.97 -40.14
CA VAL A 3 38.85 2.47 -40.37
C VAL A 3 38.35 1.68 -39.16
N LYS A 4 37.29 2.18 -38.54
CA LYS A 4 36.70 1.51 -37.38
C LYS A 4 35.41 0.79 -37.75
N VAL A 5 35.21 -0.39 -37.17
CA VAL A 5 34.01 -1.18 -37.43
C VAL A 5 32.79 -0.57 -36.77
N ASN A 6 31.67 -0.57 -37.47
CA ASN A 6 30.43 -0.01 -36.95
C ASN A 6 29.24 -0.90 -37.32
N LEU A 7 28.26 -0.96 -36.42
CA LEU A 7 27.06 -1.77 -36.65
C LEU A 7 26.00 -1.48 -35.59
N PRO A 8 25.42 -0.28 -35.65
CA PRO A 8 24.38 0.14 -34.70
C PRO A 8 23.07 -0.61 -34.91
N ALA A 9 22.31 -0.76 -33.83
CA ALA A 9 21.02 -1.46 -33.90
C ALA A 9 20.32 -1.42 -32.56
N SER A 10 19.88 -0.23 -32.16
CA SER A 10 19.19 -0.06 -30.88
C SER A 10 17.67 -0.08 -31.09
N THR A 11 16.94 -0.43 -30.02
CA THR A 11 15.49 -0.49 -30.09
C THR A 11 14.88 -0.53 -28.68
N SER A 12 13.62 -0.13 -28.58
CA SER A 12 12.93 -0.11 -27.30
C SER A 12 11.43 -0.28 -27.50
N THR A 13 10.76 -0.84 -26.50
CA THR A 13 9.32 -1.06 -26.55
C THR A 13 8.61 -0.32 -25.42
N PRO A 14 7.30 -0.08 -25.61
CA PRO A 14 6.48 0.62 -24.62
C PRO A 14 6.25 -0.22 -23.36
N GLN A 15 5.81 0.44 -22.30
CA GLN A 15 5.55 -0.23 -21.03
C GLN A 15 4.35 0.38 -20.31
N PRO A 16 3.15 0.12 -20.85
CA PRO A 16 1.90 0.63 -20.28
C PRO A 16 1.55 -0.03 -18.95
N ARG A 17 0.47 0.43 -18.33
CA ARG A 17 0.04 -0.12 -17.06
C ARG A 17 -1.40 0.30 -16.74
N PRO A 18 -2.14 -0.56 -16.02
CA PRO A 18 -3.53 -0.29 -15.65
C PRO A 18 -3.64 0.82 -14.61
N GLU A 19 -4.85 1.32 -14.43
CA GLU A 19 -5.09 2.40 -13.46
C GLU A 19 -6.16 1.98 -12.46
N LYS A 20 -5.71 1.61 -11.25
CA LYS A 20 -6.62 1.19 -10.19
C LYS A 20 -6.38 1.98 -8.92
N PRO A 21 -7.40 2.04 -8.06
CA PRO A 21 -7.32 2.77 -6.79
C PRO A 21 -6.39 2.10 -5.79
N VAL A 22 -5.98 2.85 -4.77
CA VAL A 22 -5.09 2.32 -3.74
C VAL A 22 -5.87 1.88 -2.51
N TYR A 23 -5.71 0.60 -2.16
CA TYR A 23 -6.40 0.04 -1.00
C TYR A 23 -5.42 -0.72 -0.11
N LEU A 24 -5.25 -0.23 1.12
CA LEU A 24 -4.35 -0.85 2.07
C LEU A 24 -5.09 -1.92 2.89
N SER A 25 -4.35 -2.94 3.31
CA SER A 25 -4.92 -4.02 4.10
C SER A 25 -3.89 -4.59 5.08
N VAL A 26 -4.21 -4.51 6.37
CA VAL A 26 -3.32 -5.02 7.41
C VAL A 26 -3.99 -6.13 8.21
N LYS A 27 -3.24 -7.18 8.51
CA LYS A 27 -3.76 -8.30 9.27
C LYS A 27 -2.62 -9.12 9.89
N ALA A 28 -2.88 -9.72 11.05
CA ALA A 28 -1.88 -10.52 11.73
C ALA A 28 -0.68 -9.68 12.14
N ASP A 29 -0.60 -9.38 13.44
CA ASP A 29 0.50 -8.58 13.96
C ASP A 29 0.65 -7.28 13.17
N ASN A 30 -0.46 -6.78 12.64
CA ASN A 30 -0.45 -5.55 11.87
C ASN A 30 0.50 -5.67 10.68
N SER A 31 0.28 -6.68 9.84
CA SER A 31 1.12 -6.90 8.67
C SER A 31 0.38 -6.48 7.40
N MET A 32 1.01 -5.59 6.64
CA MET A 32 0.43 -5.10 5.39
C MET A 32 0.47 -6.18 4.31
N PHE A 33 -0.65 -6.35 3.61
CA PHE A 33 -0.74 -7.35 2.55
C PHE A 33 -1.57 -6.83 1.38
N ILE A 34 -0.89 -6.27 0.38
CA ILE A 34 -1.57 -5.73 -0.79
C ILE A 34 -1.92 -6.85 -1.78
N GLY A 35 -2.88 -6.57 -2.65
CA GLY A 35 -3.30 -7.56 -3.64
C GLY A 35 -2.13 -8.12 -4.42
N ASN A 36 -1.70 -9.32 -4.04
CA ASN A 36 -0.58 -9.97 -4.71
C ASN A 36 0.71 -9.18 -4.52
N ASP A 37 0.74 -8.35 -3.48
CA ASP A 37 1.92 -7.54 -3.19
C ASP A 37 2.09 -7.35 -1.69
N PRO A 38 2.56 -8.40 -1.01
CA PRO A 38 2.77 -8.36 0.45
C PRO A 38 3.94 -7.45 0.84
N VAL A 39 3.78 -6.76 1.97
CA VAL A 39 4.82 -5.86 2.46
C VAL A 39 4.81 -5.79 3.98
N THR A 40 5.72 -5.00 4.53
CA THR A 40 5.82 -4.84 5.98
C THR A 40 5.72 -3.37 6.38
N ASP A 41 5.62 -3.13 7.68
CA ASP A 41 5.53 -1.77 8.20
C ASP A 41 6.86 -1.05 8.07
N GLU A 42 7.90 -1.79 7.71
CA GLU A 42 9.23 -1.21 7.55
C GLU A 42 9.47 -0.77 6.11
N THR A 43 8.83 -1.48 5.17
CA THR A 43 8.98 -1.17 3.76
C THR A 43 7.64 -0.73 3.15
N MET A 44 6.69 -0.41 4.02
CA MET A 44 5.37 0.04 3.57
C MET A 44 5.46 1.41 2.90
N ILE A 45 6.31 2.28 3.45
CA ILE A 45 6.49 3.62 2.91
C ILE A 45 7.24 3.58 1.58
N THR A 46 8.44 3.01 1.61
CA THR A 46 9.26 2.91 0.41
C THR A 46 8.50 2.22 -0.72
N ALA A 47 7.75 1.18 -0.38
CA ALA A 47 6.97 0.45 -1.36
C ALA A 47 5.80 1.27 -1.87
N LEU A 48 5.29 2.15 -1.02
CA LEU A 48 4.15 3.01 -1.37
C LEU A 48 4.61 4.15 -2.27
N ASN A 49 5.60 4.90 -1.82
CA ASN A 49 6.12 6.02 -2.58
C ASN A 49 6.63 5.56 -3.94
N ALA A 50 7.10 4.32 -4.00
CA ALA A 50 7.62 3.76 -5.25
C ALA A 50 6.49 3.53 -6.25
N LEU A 51 5.51 2.71 -5.86
CA LEU A 51 4.39 2.41 -6.73
C LEU A 51 3.56 3.65 -7.02
N THR A 52 3.16 4.35 -5.95
CA THR A 52 2.37 5.56 -6.08
C THR A 52 3.17 6.68 -6.73
N GLU A 53 4.50 6.56 -6.67
CA GLU A 53 5.38 7.56 -7.25
C GLU A 53 5.22 8.90 -6.55
N GLY A 54 4.95 8.86 -5.25
CA GLY A 54 4.77 10.09 -4.50
C GLY A 54 3.41 10.72 -4.72
N LYS A 55 2.36 9.90 -4.65
CA LYS A 55 1.00 10.38 -4.85
C LYS A 55 0.17 10.22 -3.57
N LYS A 56 -0.06 11.33 -2.88
CA LYS A 56 -0.84 11.31 -1.65
C LYS A 56 -2.28 11.73 -1.92
N ASP A 57 -2.47 12.61 -2.89
CA ASP A 57 -3.80 13.09 -3.24
C ASP A 57 -4.76 11.92 -3.47
N THR A 58 -4.25 10.87 -4.10
CA THR A 58 -5.05 9.69 -4.39
C THR A 58 -5.68 9.13 -3.11
N THR A 59 -7.01 9.23 -3.03
CA THR A 59 -7.74 8.74 -1.86
C THR A 59 -7.46 7.26 -1.62
N ILE A 60 -6.71 6.97 -0.57
CA ILE A 60 -6.36 5.59 -0.22
C ILE A 60 -7.17 5.11 0.97
N PHE A 61 -7.76 3.93 0.85
CA PHE A 61 -8.56 3.34 1.92
C PHE A 61 -7.69 2.53 2.87
N PHE A 62 -7.80 2.81 4.16
CA PHE A 62 -7.02 2.10 5.17
C PHE A 62 -7.85 1.01 5.83
N ARG A 63 -7.61 -0.23 5.42
CA ARG A 63 -8.33 -1.37 5.96
C ARG A 63 -7.51 -2.08 7.04
N ALA A 64 -7.96 -1.99 8.28
CA ALA A 64 -7.26 -2.62 9.39
C ALA A 64 -8.06 -3.81 9.94
N ASP A 65 -7.35 -4.88 10.28
CA ASP A 65 -7.98 -6.07 10.81
C ASP A 65 -8.72 -5.77 12.11
N LYS A 66 -9.66 -6.63 12.46
CA LYS A 66 -10.44 -6.46 13.69
C LYS A 66 -9.62 -6.86 14.91
N THR A 67 -8.42 -7.38 14.67
CA THR A 67 -7.54 -7.81 15.75
C THR A 67 -6.46 -6.77 16.02
N VAL A 68 -6.79 -5.50 15.80
CA VAL A 68 -5.84 -4.42 16.02
C VAL A 68 -6.20 -3.62 17.28
N ASP A 69 -5.17 -3.20 18.01
CA ASP A 69 -5.38 -2.43 19.24
C ASP A 69 -5.15 -0.94 18.97
N TYR A 70 -5.27 -0.14 20.04
CA TYR A 70 -5.07 1.30 19.93
C TYR A 70 -3.60 1.64 19.75
N GLU A 71 -2.74 0.81 20.30
CA GLU A 71 -1.29 1.02 20.21
C GLU A 71 -0.80 0.74 18.79
N THR A 72 -1.41 -0.23 18.14
CA THR A 72 -1.03 -0.61 16.78
C THR A 72 -1.51 0.44 15.77
N LEU A 73 -2.79 0.76 15.82
CA LEU A 73 -3.36 1.75 14.91
C LEU A 73 -2.73 3.11 15.13
N MET A 74 -2.25 3.35 16.35
CA MET A 74 -1.62 4.62 16.68
C MET A 74 -0.23 4.73 16.06
N LYS A 75 0.50 3.63 16.09
CA LYS A 75 1.85 3.60 15.53
C LYS A 75 1.82 3.89 14.03
N VAL A 76 0.90 3.24 13.33
CA VAL A 76 0.77 3.44 11.88
C VAL A 76 0.22 4.83 11.57
N MET A 77 -0.60 5.35 12.47
CA MET A 77 -1.20 6.67 12.28
C MET A 77 -0.12 7.75 12.19
N ASP A 78 0.90 7.62 13.04
CA ASP A 78 2.00 8.59 13.06
C ASP A 78 2.92 8.38 11.86
N THR A 79 3.11 7.12 11.48
CA THR A 79 3.98 6.78 10.35
C THR A 79 3.47 7.42 9.06
N LEU A 80 2.16 7.32 8.84
CA LEU A 80 1.55 7.89 7.64
C LEU A 80 1.42 9.40 7.76
N HIS A 81 1.31 9.88 9.00
CA HIS A 81 1.19 11.31 9.24
C HIS A 81 2.47 12.05 8.88
N GLN A 82 3.60 11.53 9.37
CA GLN A 82 4.90 12.14 9.09
C GLN A 82 5.28 11.94 7.63
N ALA A 83 4.72 10.92 7.00
CA ALA A 83 5.01 10.63 5.60
C ALA A 83 4.01 11.31 4.68
N GLY A 84 3.27 12.29 5.22
CA GLY A 84 2.29 13.00 4.44
C GLY A 84 0.91 12.37 4.51
N TYR A 85 0.41 11.90 3.38
CA TYR A 85 -0.90 11.27 3.33
C TYR A 85 -1.95 12.14 4.02
N LEU A 86 -2.56 13.05 3.27
CA LEU A 86 -3.58 13.94 3.81
C LEU A 86 -4.96 13.59 3.26
N LYS A 87 -5.04 12.47 2.54
CA LYS A 87 -6.30 12.02 1.97
C LYS A 87 -6.43 10.50 2.06
N ILE A 88 -6.71 10.02 3.28
CA ILE A 88 -6.87 8.59 3.51
C ILE A 88 -8.29 8.26 3.96
N GLY A 89 -9.04 7.57 3.10
CA GLY A 89 -10.39 7.20 3.44
C GLY A 89 -10.46 6.12 4.50
N LEU A 90 -11.34 6.30 5.48
CA LEU A 90 -11.49 5.34 6.56
C LEU A 90 -12.58 4.32 6.22
N VAL A 91 -12.16 3.16 5.70
CA VAL A 91 -13.10 2.11 5.34
C VAL A 91 -13.90 1.65 6.56
N GLY A 92 -15.19 1.38 6.34
CA GLY A 92 -16.04 0.94 7.42
C GLY A 92 -16.91 2.06 7.98
N GLU A 93 -17.98 2.39 7.28
CA GLU A 93 -18.88 3.45 7.71
C GLU A 93 -19.84 2.94 8.79
N GLU A 94 -19.28 2.46 9.89
CA GLU A 94 -20.09 1.95 10.99
C GLU A 94 -19.39 2.17 12.34
N THR A 95 -19.86 3.17 13.08
CA THR A 95 -19.29 3.48 14.38
C THR A 95 -20.20 3.05 15.51
N ALA A 96 -19.71 3.14 16.74
CA ALA A 96 -20.49 2.75 17.91
C ALA A 96 -19.96 3.43 19.17
N LYS A 97 -20.53 3.10 20.31
CA LYS A 97 -20.13 3.66 21.59
C LYS A 97 -20.71 2.87 22.75
N ALA A 98 -20.36 3.28 23.96
CA ALA A 98 -20.85 2.62 25.17
C ALA A 98 -20.47 3.40 26.42
N LYS A 99 -21.12 3.05 27.54
CA LYS A 99 -20.86 3.72 28.80
C LYS A 99 -21.12 2.79 29.98
N MET A 1 28.76 -13.65 -7.28
CA MET A 1 28.79 -13.67 -8.74
C MET A 1 28.01 -14.86 -9.28
N ASP A 2 26.71 -14.67 -9.49
CA ASP A 2 25.85 -15.72 -10.01
C ASP A 2 24.51 -15.16 -10.48
N VAL A 3 24.26 -15.25 -11.79
CA VAL A 3 23.01 -14.75 -12.35
C VAL A 3 22.70 -15.45 -13.67
N LYS A 4 21.46 -15.89 -13.81
CA LYS A 4 21.02 -16.59 -15.02
C LYS A 4 19.54 -16.34 -15.28
N VAL A 5 19.24 -15.77 -16.45
CA VAL A 5 17.86 -15.50 -16.82
C VAL A 5 17.55 -15.99 -18.23
N ASN A 6 16.89 -17.14 -18.31
CA ASN A 6 16.53 -17.72 -19.60
C ASN A 6 15.20 -17.18 -20.09
N LEU A 7 14.91 -17.41 -21.37
CA LEU A 7 13.67 -16.94 -21.97
C LEU A 7 12.91 -18.10 -22.61
N PRO A 8 12.39 -19.00 -21.76
CA PRO A 8 11.62 -20.17 -22.22
C PRO A 8 10.27 -19.78 -22.80
N ALA A 9 9.63 -20.73 -23.48
CA ALA A 9 8.32 -20.49 -24.08
C ALA A 9 8.38 -19.34 -25.08
N SER A 10 7.22 -18.93 -25.58
CA SER A 10 7.13 -17.84 -26.54
C SER A 10 5.68 -17.45 -26.79
N THR A 11 5.27 -16.33 -26.19
CA THR A 11 3.91 -15.84 -26.35
C THR A 11 3.87 -14.32 -26.39
N SER A 12 2.91 -13.77 -27.13
CA SER A 12 2.76 -12.33 -27.25
C SER A 12 1.45 -11.86 -26.65
N THR A 13 1.43 -11.67 -25.33
CA THR A 13 0.22 -11.23 -24.64
C THR A 13 0.19 -9.71 -24.51
N PRO A 14 -1.01 -9.15 -24.29
CA PRO A 14 -1.20 -7.71 -24.14
C PRO A 14 -0.61 -7.18 -22.85
N GLN A 15 -0.45 -5.86 -22.77
CA GLN A 15 0.11 -5.22 -21.58
C GLN A 15 -0.68 -3.96 -21.22
N PRO A 16 -1.91 -4.15 -20.75
CA PRO A 16 -2.79 -3.05 -20.36
C PRO A 16 -2.31 -2.35 -19.09
N ARG A 17 -2.87 -1.17 -18.82
CA ARG A 17 -2.51 -0.41 -17.64
C ARG A 17 -3.67 0.45 -17.16
N PRO A 18 -4.70 -0.20 -16.60
CA PRO A 18 -5.89 0.49 -16.10
C PRO A 18 -5.61 1.31 -14.84
N GLU A 19 -6.57 2.14 -14.45
CA GLU A 19 -6.41 2.97 -13.27
C GLU A 19 -7.42 2.59 -12.19
N LYS A 20 -6.93 2.01 -11.10
CA LYS A 20 -7.79 1.59 -10.00
C LYS A 20 -7.42 2.33 -8.71
N PRO A 21 -8.34 2.34 -7.75
CA PRO A 21 -8.14 3.00 -6.45
C PRO A 21 -7.12 2.27 -5.59
N VAL A 22 -6.50 3.00 -4.67
CA VAL A 22 -5.50 2.42 -3.78
C VAL A 22 -6.14 1.95 -2.47
N TYR A 23 -6.00 0.67 -2.17
CA TYR A 23 -6.56 0.10 -0.95
C TYR A 23 -5.47 -0.55 -0.09
N LEU A 24 -5.51 -0.27 1.20
CA LEU A 24 -4.53 -0.83 2.12
C LEU A 24 -5.16 -1.87 3.04
N SER A 25 -4.38 -2.88 3.42
CA SER A 25 -4.88 -3.93 4.29
C SER A 25 -3.84 -4.30 5.34
N VAL A 26 -4.20 -4.15 6.62
CA VAL A 26 -3.30 -4.46 7.71
C VAL A 26 -3.84 -5.60 8.56
N LYS A 27 -2.99 -6.17 9.40
CA LYS A 27 -3.38 -7.28 10.27
C LYS A 27 -2.21 -7.72 11.14
N ALA A 28 -2.49 -8.64 12.06
CA ALA A 28 -1.45 -9.17 12.95
C ALA A 28 -0.69 -8.03 13.62
N ASP A 29 0.42 -8.37 14.27
CA ASP A 29 1.23 -7.38 14.96
C ASP A 29 1.98 -6.50 13.97
N ASN A 30 1.27 -5.53 13.40
CA ASN A 30 1.86 -4.61 12.42
C ASN A 30 2.31 -5.36 11.18
N SER A 31 1.35 -5.75 10.35
CA SER A 31 1.64 -6.47 9.12
C SER A 31 0.73 -6.01 7.98
N MET A 32 1.34 -5.59 6.88
CA MET A 32 0.59 -5.12 5.72
C MET A 32 0.50 -6.21 4.66
N PHE A 33 -0.60 -6.21 3.91
CA PHE A 33 -0.82 -7.21 2.87
C PHE A 33 -1.80 -6.69 1.82
N ILE A 34 -1.26 -6.16 0.73
CA ILE A 34 -2.08 -5.63 -0.35
C ILE A 34 -2.76 -6.75 -1.12
N GLY A 35 -3.86 -6.41 -1.80
CA GLY A 35 -4.58 -7.41 -2.58
C GLY A 35 -3.66 -8.29 -3.40
N ASN A 36 -2.54 -7.72 -3.84
CA ASN A 36 -1.58 -8.46 -4.64
C ASN A 36 -0.18 -7.87 -4.48
N ASP A 37 0.22 -7.61 -3.24
CA ASP A 37 1.54 -7.05 -2.95
C ASP A 37 1.76 -6.95 -1.45
N PRO A 38 2.24 -8.06 -0.85
CA PRO A 38 2.51 -8.12 0.59
C PRO A 38 3.72 -7.26 0.99
N VAL A 39 3.63 -6.64 2.16
CA VAL A 39 4.72 -5.81 2.65
C VAL A 39 4.71 -5.73 4.17
N THR A 40 5.64 -4.96 4.73
CA THR A 40 5.74 -4.82 6.18
C THR A 40 5.68 -3.35 6.58
N ASP A 41 5.60 -3.10 7.89
CA ASP A 41 5.54 -1.74 8.40
C ASP A 41 6.88 -1.04 8.25
N GLU A 42 7.91 -1.79 7.86
CA GLU A 42 9.24 -1.24 7.67
C GLU A 42 9.45 -0.80 6.22
N THR A 43 8.78 -1.48 5.30
CA THR A 43 8.89 -1.16 3.88
C THR A 43 7.55 -0.70 3.32
N MET A 44 6.61 -0.39 4.21
CA MET A 44 5.29 0.08 3.80
C MET A 44 5.38 1.47 3.18
N ILE A 45 6.19 2.34 3.77
CA ILE A 45 6.35 3.70 3.27
C ILE A 45 7.20 3.72 2.01
N THR A 46 8.37 3.10 2.08
CA THR A 46 9.29 3.05 0.95
C THR A 46 8.60 2.46 -0.28
N ALA A 47 8.02 1.28 -0.10
CA ALA A 47 7.33 0.61 -1.20
C ALA A 47 6.17 1.44 -1.71
N LEU A 48 5.48 2.12 -0.80
CA LEU A 48 4.34 2.97 -1.16
C LEU A 48 4.77 4.06 -2.14
N ASN A 49 5.79 4.82 -1.76
CA ASN A 49 6.29 5.90 -2.60
C ASN A 49 6.75 5.36 -3.95
N ALA A 50 7.22 4.13 -3.96
CA ALA A 50 7.70 3.49 -5.18
C ALA A 50 6.55 3.23 -6.15
N LEU A 51 5.54 2.50 -5.68
CA LEU A 51 4.38 2.18 -6.51
C LEU A 51 3.57 3.44 -6.83
N THR A 52 3.23 4.19 -5.79
CA THR A 52 2.45 5.42 -5.96
C THR A 52 3.26 6.47 -6.71
N GLU A 53 4.58 6.31 -6.71
CA GLU A 53 5.46 7.25 -7.39
C GLU A 53 5.38 8.64 -6.76
N GLY A 54 5.18 8.68 -5.45
CA GLY A 54 5.08 9.94 -4.74
C GLY A 54 3.77 10.64 -5.01
N LYS A 55 2.67 9.88 -4.98
CA LYS A 55 1.35 10.44 -5.23
C LYS A 55 0.48 10.31 -3.99
N LYS A 56 0.26 11.42 -3.30
CA LYS A 56 -0.56 11.43 -2.09
C LYS A 56 -1.97 11.93 -2.41
N ASP A 57 -2.09 12.71 -3.47
CA ASP A 57 -3.38 13.26 -3.87
C ASP A 57 -4.42 12.16 -3.98
N THR A 58 -4.02 11.02 -4.54
CA THR A 58 -4.92 9.88 -4.70
C THR A 58 -5.47 9.42 -3.35
N THR A 59 -6.79 9.23 -3.29
CA THR A 59 -7.43 8.79 -2.07
C THR A 59 -7.14 7.32 -1.78
N ILE A 60 -6.64 7.05 -0.58
CA ILE A 60 -6.31 5.68 -0.18
C ILE A 60 -7.12 5.26 1.05
N PHE A 61 -7.82 4.15 0.93
CA PHE A 61 -8.63 3.64 2.04
C PHE A 61 -7.79 2.76 2.96
N PHE A 62 -7.86 3.04 4.27
CA PHE A 62 -7.10 2.28 5.25
C PHE A 62 -7.97 1.19 5.88
N ARG A 63 -7.75 -0.05 5.44
CA ARG A 63 -8.51 -1.18 5.96
C ARG A 63 -7.69 -1.95 6.99
N ALA A 64 -8.13 -1.90 8.25
CA ALA A 64 -7.46 -2.59 9.33
C ALA A 64 -8.22 -3.84 9.76
N ASP A 65 -7.50 -4.94 9.95
CA ASP A 65 -8.10 -6.20 10.36
C ASP A 65 -8.93 -6.02 11.63
N LYS A 66 -9.87 -6.93 11.86
CA LYS A 66 -10.72 -6.87 13.04
C LYS A 66 -9.95 -7.31 14.29
N THR A 67 -8.88 -8.05 14.08
CA THR A 67 -8.06 -8.54 15.18
C THR A 67 -6.84 -7.66 15.38
N VAL A 68 -6.99 -6.37 15.10
CA VAL A 68 -5.89 -5.41 15.25
C VAL A 68 -5.94 -4.75 16.62
N ASP A 69 -4.76 -4.49 17.19
CA ASP A 69 -4.66 -3.85 18.49
C ASP A 69 -4.41 -2.36 18.35
N TYR A 70 -4.88 -1.59 19.32
CA TYR A 70 -4.72 -0.14 19.31
C TYR A 70 -3.24 0.24 19.14
N GLU A 71 -2.36 -0.64 19.60
CA GLU A 71 -0.93 -0.41 19.49
C GLU A 71 -0.53 -0.07 18.06
N THR A 72 -0.89 -0.95 17.13
CA THR A 72 -0.57 -0.75 15.72
C THR A 72 -1.39 0.40 15.13
N LEU A 73 -2.59 0.59 15.66
CA LEU A 73 -3.48 1.65 15.18
C LEU A 73 -2.82 3.01 15.32
N MET A 74 -2.06 3.19 16.40
CA MET A 74 -1.36 4.46 16.65
C MET A 74 -0.07 4.52 15.85
N LYS A 75 0.58 3.37 15.67
CA LYS A 75 1.83 3.31 14.93
C LYS A 75 1.60 3.56 13.45
N VAL A 76 0.51 3.02 12.92
CA VAL A 76 0.17 3.19 11.52
C VAL A 76 -0.31 4.62 11.24
N MET A 77 -1.08 5.17 12.17
CA MET A 77 -1.60 6.52 12.02
C MET A 77 -0.47 7.55 12.09
N ASP A 78 0.31 7.49 13.16
CA ASP A 78 1.44 8.41 13.34
C ASP A 78 2.39 8.35 12.15
N THR A 79 2.56 7.15 11.61
CA THR A 79 3.46 6.96 10.47
C THR A 79 2.84 7.50 9.18
N LEU A 80 1.56 7.22 8.99
CA LEU A 80 0.85 7.68 7.80
C LEU A 80 1.04 9.17 7.60
N HIS A 81 0.85 9.94 8.67
CA HIS A 81 1.01 11.39 8.60
C HIS A 81 2.48 11.76 8.49
N GLN A 82 3.34 10.97 9.12
CA GLN A 82 4.78 11.23 9.09
C GLN A 82 5.30 11.22 7.66
N ALA A 83 4.71 10.40 6.82
CA ALA A 83 5.11 10.29 5.42
C ALA A 83 4.18 11.09 4.52
N GLY A 84 3.29 11.88 5.13
CA GLY A 84 2.36 12.67 4.36
C GLY A 84 0.96 12.10 4.37
N TYR A 85 0.45 11.74 3.20
CA TYR A 85 -0.89 11.18 3.08
C TYR A 85 -1.91 12.04 3.81
N LEU A 86 -2.46 13.02 3.12
CA LEU A 86 -3.45 13.92 3.69
C LEU A 86 -4.85 13.63 3.14
N LYS A 87 -4.96 12.54 2.39
CA LYS A 87 -6.24 12.14 1.80
C LYS A 87 -6.41 10.62 1.87
N ILE A 88 -6.71 10.11 3.05
CA ILE A 88 -6.91 8.68 3.24
C ILE A 88 -8.32 8.38 3.72
N GLY A 89 -9.07 7.63 2.93
CA GLY A 89 -10.43 7.28 3.30
C GLY A 89 -10.48 6.28 4.44
N LEU A 90 -11.56 6.33 5.21
CA LEU A 90 -11.73 5.41 6.34
C LEU A 90 -12.80 4.39 6.05
N VAL A 91 -12.40 3.22 5.56
CA VAL A 91 -13.33 2.15 5.24
C VAL A 91 -14.13 1.74 6.48
N GLY A 92 -15.39 1.40 6.27
CA GLY A 92 -16.25 0.98 7.37
C GLY A 92 -17.03 2.14 7.95
N GLU A 93 -16.33 3.18 8.38
CA GLU A 93 -16.97 4.34 8.96
C GLU A 93 -17.79 3.96 10.20
N GLU A 94 -17.10 3.58 11.27
CA GLU A 94 -17.76 3.19 12.50
C GLU A 94 -16.79 3.27 13.68
N THR A 95 -16.94 4.29 14.51
CA THR A 95 -16.09 4.48 15.67
C THR A 95 -16.75 3.96 16.93
N ALA A 96 -15.98 3.24 17.75
CA ALA A 96 -16.49 2.68 19.00
C ALA A 96 -15.38 2.57 20.04
N LYS A 97 -15.73 2.85 21.29
CA LYS A 97 -14.77 2.78 22.39
C LYS A 97 -15.46 2.93 23.73
N ALA A 98 -15.54 1.85 24.49
CA ALA A 98 -16.17 1.87 25.80
C ALA A 98 -15.29 1.18 26.85
N LYS A 99 -15.75 1.21 28.10
CA LYS A 99 -15.00 0.59 29.19
C LYS A 99 -15.94 0.21 30.33
N MET A 1 44.37 -10.21 -34.56
CA MET A 1 44.24 -8.79 -34.79
C MET A 1 43.29 -8.50 -35.94
N ASP A 2 42.94 -7.23 -36.13
CA ASP A 2 42.04 -6.82 -37.20
C ASP A 2 40.67 -7.49 -37.03
N VAL A 3 39.74 -7.14 -37.91
CA VAL A 3 38.40 -7.71 -37.87
C VAL A 3 37.73 -7.42 -36.53
N LYS A 4 37.00 -6.31 -36.47
CA LYS A 4 36.30 -5.93 -35.25
C LYS A 4 34.84 -5.60 -35.54
N VAL A 5 33.94 -6.50 -35.13
CA VAL A 5 32.51 -6.30 -35.34
C VAL A 5 31.81 -5.92 -34.04
N ASN A 6 30.88 -4.98 -34.14
CA ASN A 6 30.14 -4.51 -32.97
C ASN A 6 28.92 -5.39 -32.71
N LEU A 7 28.40 -5.32 -31.50
CA LEU A 7 27.22 -6.11 -31.13
C LEU A 7 25.94 -5.35 -31.42
N PRO A 8 24.82 -6.09 -31.50
CA PRO A 8 23.50 -5.51 -31.77
C PRO A 8 22.98 -4.69 -30.60
N ALA A 9 22.53 -3.47 -30.90
CA ALA A 9 22.01 -2.58 -29.87
C ALA A 9 20.75 -3.16 -29.22
N SER A 10 20.93 -3.88 -28.13
CA SER A 10 19.82 -4.50 -27.42
C SER A 10 19.35 -3.62 -26.27
N THR A 11 18.03 -3.47 -26.15
CA THR A 11 17.45 -2.65 -25.09
C THR A 11 15.95 -2.92 -24.94
N SER A 12 15.43 -2.68 -23.75
CA SER A 12 14.02 -2.90 -23.46
C SER A 12 13.44 -1.75 -22.64
N THR A 13 12.16 -1.86 -22.31
CA THR A 13 11.48 -0.84 -21.52
C THR A 13 10.07 -1.26 -21.16
N PRO A 14 9.60 -0.83 -19.99
CA PRO A 14 8.26 -1.16 -19.49
C PRO A 14 7.17 -0.46 -20.29
N GLN A 15 5.94 -0.95 -20.17
CA GLN A 15 4.80 -0.37 -20.88
C GLN A 15 3.93 0.46 -19.95
N PRO A 16 3.12 1.35 -20.52
CA PRO A 16 2.22 2.22 -19.76
C PRO A 16 1.07 1.44 -19.11
N ARG A 17 0.31 2.13 -18.27
CA ARG A 17 -0.82 1.50 -17.58
C ARG A 17 -1.81 2.55 -17.11
N PRO A 18 -3.11 2.17 -17.09
CA PRO A 18 -4.19 3.06 -16.66
C PRO A 18 -4.14 3.35 -15.17
N GLU A 19 -4.90 4.36 -14.74
CA GLU A 19 -4.96 4.73 -13.32
C GLU A 19 -5.97 3.88 -12.58
N LYS A 20 -5.52 3.24 -11.50
CA LYS A 20 -6.39 2.40 -10.69
C LYS A 20 -6.44 2.90 -9.25
N PRO A 21 -7.48 2.48 -8.52
CA PRO A 21 -7.67 2.86 -7.11
C PRO A 21 -6.63 2.22 -6.19
N VAL A 22 -6.42 2.83 -5.02
CA VAL A 22 -5.47 2.32 -4.06
C VAL A 22 -6.17 1.83 -2.80
N TYR A 23 -5.95 0.57 -2.46
CA TYR A 23 -6.56 -0.03 -1.29
C TYR A 23 -5.51 -0.66 -0.38
N LEU A 24 -5.51 -0.27 0.88
CA LEU A 24 -4.56 -0.81 1.85
C LEU A 24 -5.21 -1.84 2.76
N SER A 25 -4.41 -2.79 3.23
CA SER A 25 -4.92 -3.84 4.11
C SER A 25 -3.92 -4.15 5.22
N VAL A 26 -4.37 -4.02 6.46
CA VAL A 26 -3.51 -4.29 7.61
C VAL A 26 -4.04 -5.45 8.44
N LYS A 27 -3.20 -6.00 9.30
CA LYS A 27 -3.58 -7.12 10.15
C LYS A 27 -2.43 -7.55 11.04
N ALA A 28 -2.72 -8.41 12.01
CA ALA A 28 -1.71 -8.90 12.93
C ALA A 28 -0.93 -7.75 13.56
N ASP A 29 0.16 -8.08 14.24
CA ASP A 29 1.00 -7.07 14.88
C ASP A 29 1.77 -6.26 13.84
N ASN A 30 1.09 -5.27 13.26
CA ASN A 30 1.71 -4.42 12.25
C ASN A 30 2.16 -5.24 11.04
N SER A 31 1.19 -5.67 10.24
CA SER A 31 1.48 -6.47 9.05
C SER A 31 0.59 -6.05 7.88
N MET A 32 1.21 -5.45 6.87
CA MET A 32 0.47 -4.99 5.69
C MET A 32 0.42 -6.09 4.64
N PHE A 33 -0.66 -6.11 3.87
CA PHE A 33 -0.84 -7.10 2.81
C PHE A 33 -1.80 -6.61 1.74
N ILE A 34 -1.24 -6.08 0.65
CA ILE A 34 -2.05 -5.56 -0.44
C ILE A 34 -2.71 -6.70 -1.22
N GLY A 35 -3.80 -6.39 -1.91
CA GLY A 35 -4.50 -7.39 -2.69
C GLY A 35 -3.56 -8.26 -3.49
N ASN A 36 -2.44 -7.69 -3.92
CA ASN A 36 -1.45 -8.42 -4.70
C ASN A 36 -0.06 -7.82 -4.52
N ASP A 37 0.32 -7.56 -3.28
CA ASP A 37 1.62 -6.99 -2.97
C ASP A 37 1.82 -6.88 -1.45
N PRO A 38 2.29 -7.98 -0.85
CA PRO A 38 2.54 -8.03 0.60
C PRO A 38 3.73 -7.17 1.02
N VAL A 39 3.62 -6.55 2.19
CA VAL A 39 4.69 -5.70 2.70
C VAL A 39 4.67 -5.64 4.22
N THR A 40 5.58 -4.87 4.80
CA THR A 40 5.66 -4.72 6.24
C THR A 40 5.57 -3.26 6.66
N ASP A 41 5.48 -3.03 7.97
CA ASP A 41 5.39 -1.68 8.49
C ASP A 41 6.73 -0.95 8.36
N GLU A 42 7.76 -1.69 7.98
CA GLU A 42 9.09 -1.12 7.83
C GLU A 42 9.33 -0.67 6.38
N THR A 43 8.68 -1.36 5.45
CA THR A 43 8.82 -1.04 4.03
C THR A 43 7.49 -0.59 3.44
N MET A 44 6.53 -0.27 4.32
CA MET A 44 5.21 0.17 3.88
C MET A 44 5.30 1.55 3.22
N ILE A 45 6.12 2.42 3.79
CA ILE A 45 6.30 3.76 3.24
C ILE A 45 7.13 3.74 1.97
N THR A 46 8.32 3.15 2.05
CA THR A 46 9.22 3.06 0.91
C THR A 46 8.52 2.42 -0.28
N ALA A 47 7.92 1.25 -0.05
CA ALA A 47 7.23 0.53 -1.11
C ALA A 47 6.07 1.35 -1.66
N LEU A 48 5.39 2.07 -0.77
CA LEU A 48 4.25 2.90 -1.16
C LEU A 48 4.67 3.96 -2.17
N ASN A 49 5.78 4.65 -1.86
CA ASN A 49 6.29 5.70 -2.73
C ASN A 49 6.73 5.13 -4.07
N ALA A 50 7.15 3.87 -4.06
CA ALA A 50 7.60 3.20 -5.27
C ALA A 50 6.42 2.67 -6.08
N LEU A 51 5.29 2.47 -5.39
CA LEU A 51 4.08 1.97 -6.05
C LEU A 51 3.25 3.12 -6.59
N THR A 52 2.95 4.09 -5.75
CA THR A 52 2.16 5.25 -6.14
C THR A 52 3.05 6.41 -6.56
N GLU A 53 4.31 6.11 -6.85
CA GLU A 53 5.26 7.14 -7.25
C GLU A 53 5.28 8.29 -6.26
N GLY A 54 5.00 7.98 -5.00
CA GLY A 54 4.99 9.00 -3.97
C GLY A 54 3.80 9.94 -4.10
N LYS A 55 2.68 9.41 -4.57
CA LYS A 55 1.47 10.20 -4.74
C LYS A 55 0.53 10.04 -3.55
N LYS A 56 0.46 11.08 -2.72
CA LYS A 56 -0.40 11.05 -1.54
C LYS A 56 -1.72 11.75 -1.82
N ASP A 57 -1.70 12.70 -2.75
CA ASP A 57 -2.91 13.44 -3.11
C ASP A 57 -4.06 12.49 -3.44
N THR A 58 -3.72 11.32 -3.95
CA THR A 58 -4.72 10.33 -4.31
C THR A 58 -5.42 9.78 -3.08
N THR A 59 -6.71 9.48 -3.21
CA THR A 59 -7.49 8.95 -2.10
C THR A 59 -7.26 7.45 -1.93
N ILE A 60 -6.79 7.06 -0.75
CA ILE A 60 -6.52 5.66 -0.46
C ILE A 60 -7.35 5.17 0.73
N PHE A 61 -7.93 3.98 0.60
CA PHE A 61 -8.74 3.42 1.67
C PHE A 61 -7.89 2.58 2.61
N PHE A 62 -8.09 2.77 3.91
CA PHE A 62 -7.34 2.03 4.93
C PHE A 62 -8.20 0.95 5.56
N ARG A 63 -7.98 -0.30 5.14
CA ARG A 63 -8.73 -1.43 5.66
C ARG A 63 -7.94 -2.16 6.74
N ALA A 64 -8.42 -2.07 7.98
CA ALA A 64 -7.76 -2.73 9.10
C ALA A 64 -8.49 -4.00 9.50
N ASP A 65 -7.72 -5.04 9.82
CA ASP A 65 -8.29 -6.32 10.22
C ASP A 65 -8.79 -6.26 11.65
N LYS A 66 -9.71 -7.17 11.99
CA LYS A 66 -10.28 -7.22 13.33
C LYS A 66 -9.23 -7.69 14.35
N THR A 67 -8.12 -8.20 13.83
CA THR A 67 -7.03 -8.68 14.70
C THR A 67 -5.97 -7.60 14.89
N VAL A 68 -6.40 -6.35 14.88
CA VAL A 68 -5.48 -5.23 15.05
C VAL A 68 -5.61 -4.64 16.45
N ASP A 69 -4.47 -4.34 17.07
CA ASP A 69 -4.46 -3.76 18.40
C ASP A 69 -4.39 -2.23 18.34
N TYR A 70 -4.76 -1.58 19.44
CA TYR A 70 -4.75 -0.13 19.50
C TYR A 70 -3.34 0.42 19.31
N GLU A 71 -2.35 -0.34 19.76
CA GLU A 71 -0.95 0.06 19.64
C GLU A 71 -0.51 0.05 18.19
N THR A 72 -1.16 -0.78 17.38
CA THR A 72 -0.83 -0.89 15.97
C THR A 72 -1.37 0.29 15.17
N LEU A 73 -2.67 0.56 15.33
CA LEU A 73 -3.31 1.67 14.64
C LEU A 73 -2.68 3.01 15.05
N MET A 74 -2.14 3.06 16.26
CA MET A 74 -1.51 4.27 16.76
C MET A 74 -0.14 4.48 16.12
N LYS A 75 0.63 3.41 16.02
CA LYS A 75 1.96 3.48 15.42
C LYS A 75 1.87 3.83 13.94
N VAL A 76 0.99 3.15 13.22
CA VAL A 76 0.81 3.40 11.79
C VAL A 76 0.25 4.79 11.55
N MET A 77 -0.56 5.27 12.48
CA MET A 77 -1.15 6.60 12.37
C MET A 77 -0.08 7.68 12.29
N ASP A 78 0.83 7.67 13.26
CA ASP A 78 1.91 8.64 13.30
C ASP A 78 2.76 8.58 12.02
N THR A 79 3.08 7.36 11.60
CA THR A 79 3.88 7.17 10.39
C THR A 79 3.14 7.66 9.16
N LEU A 80 1.85 7.36 9.08
CA LEU A 80 1.03 7.78 7.96
C LEU A 80 1.17 9.27 7.70
N HIS A 81 1.06 10.06 8.76
CA HIS A 81 1.18 11.51 8.65
C HIS A 81 2.63 11.91 8.38
N GLN A 82 3.56 11.15 8.92
CA GLN A 82 4.98 11.43 8.73
C GLN A 82 5.35 11.40 7.25
N ALA A 83 4.77 10.45 6.52
CA ALA A 83 5.04 10.31 5.10
C ALA A 83 4.03 11.09 4.27
N GLY A 84 3.23 11.91 4.94
CA GLY A 84 2.23 12.71 4.25
C GLY A 84 0.84 12.12 4.35
N TYR A 85 0.29 11.70 3.21
CA TYR A 85 -1.03 11.11 3.19
C TYR A 85 -2.05 12.01 3.90
N LEU A 86 -2.64 12.92 3.16
CA LEU A 86 -3.63 13.84 3.71
C LEU A 86 -5.03 13.54 3.19
N LYS A 87 -5.15 12.43 2.46
CA LYS A 87 -6.42 12.02 1.90
C LYS A 87 -6.59 10.51 1.97
N ILE A 88 -6.86 10.01 3.16
CA ILE A 88 -7.05 8.57 3.37
C ILE A 88 -8.47 8.26 3.80
N GLY A 89 -9.22 7.60 2.92
CA GLY A 89 -10.59 7.26 3.25
C GLY A 89 -10.69 6.14 4.26
N LEU A 90 -11.59 6.30 5.23
CA LEU A 90 -11.77 5.30 6.27
C LEU A 90 -12.87 4.31 5.89
N VAL A 91 -12.47 3.17 5.35
CA VAL A 91 -13.41 2.13 4.94
C VAL A 91 -14.25 1.66 6.12
N GLY A 92 -15.52 1.37 5.85
CA GLY A 92 -16.41 0.90 6.90
C GLY A 92 -16.52 1.90 8.04
N GLU A 93 -16.79 3.16 7.71
CA GLU A 93 -16.92 4.21 8.71
C GLU A 93 -18.34 4.26 9.26
N GLU A 94 -18.79 3.14 9.83
CA GLU A 94 -20.13 3.05 10.39
C GLU A 94 -20.13 3.52 11.85
N THR A 95 -20.19 4.84 12.04
CA THR A 95 -20.21 5.42 13.38
C THR A 95 -21.48 5.05 14.12
N ALA A 96 -21.40 5.02 15.45
CA ALA A 96 -22.55 4.70 16.28
C ALA A 96 -22.48 5.39 17.63
N LYS A 97 -23.62 5.85 18.12
CA LYS A 97 -23.69 6.54 19.40
C LYS A 97 -23.68 5.54 20.56
N ALA A 98 -23.30 6.01 21.74
CA ALA A 98 -23.26 5.16 22.92
C ALA A 98 -23.27 6.00 24.20
N LYS A 99 -23.62 5.36 25.31
CA LYS A 99 -23.67 6.04 26.60
C LYS A 99 -23.25 5.11 27.73
N MET A 1 13.30 -30.15 -10.20
CA MET A 1 13.75 -28.95 -10.89
C MET A 1 14.91 -29.26 -11.83
N ASP A 2 14.59 -29.65 -13.05
CA ASP A 2 15.60 -29.97 -14.05
C ASP A 2 14.99 -30.02 -15.45
N VAL A 3 15.64 -29.31 -16.38
CA VAL A 3 15.17 -29.26 -17.76
C VAL A 3 16.33 -29.25 -18.74
N LYS A 4 16.03 -29.49 -20.01
CA LYS A 4 17.06 -29.51 -21.05
C LYS A 4 16.55 -28.82 -22.32
N VAL A 5 16.34 -27.52 -22.24
CA VAL A 5 15.85 -26.75 -23.38
C VAL A 5 16.84 -25.66 -23.76
N ASN A 6 16.55 -24.96 -24.85
CA ASN A 6 17.42 -23.88 -25.32
C ASN A 6 16.66 -22.96 -26.28
N LEU A 7 16.54 -21.70 -25.91
CA LEU A 7 15.85 -20.72 -26.73
C LEU A 7 16.43 -19.31 -26.52
N PRO A 8 16.19 -18.41 -27.49
CA PRO A 8 16.67 -17.04 -27.42
C PRO A 8 15.95 -16.22 -26.37
N ALA A 9 16.45 -15.02 -26.11
CA ALA A 9 15.84 -14.13 -25.11
C ALA A 9 16.50 -12.76 -25.14
N SER A 10 15.89 -11.83 -25.88
CA SER A 10 16.41 -10.48 -25.99
C SER A 10 15.46 -9.59 -26.77
N THR A 11 14.54 -8.93 -26.06
CA THR A 11 13.57 -8.05 -26.68
C THR A 11 12.75 -7.31 -25.64
N SER A 12 12.14 -6.20 -26.05
CA SER A 12 11.32 -5.39 -25.14
C SER A 12 9.91 -5.97 -25.02
N THR A 13 9.40 -6.00 -23.80
CA THR A 13 8.06 -6.53 -23.55
C THR A 13 7.45 -5.90 -22.30
N PRO A 14 7.05 -4.63 -22.42
CA PRO A 14 6.43 -3.88 -21.32
C PRO A 14 5.03 -4.40 -20.98
N GLN A 15 4.37 -3.71 -20.06
CA GLN A 15 3.02 -4.10 -19.64
C GLN A 15 2.15 -2.87 -19.38
N PRO A 16 0.83 -3.06 -19.39
CA PRO A 16 -0.14 -1.99 -19.17
C PRO A 16 -0.12 -1.49 -17.72
N ARG A 17 -0.68 -0.30 -17.51
CA ARG A 17 -0.73 0.28 -16.18
C ARG A 17 -1.95 1.19 -16.02
N PRO A 18 -3.15 0.57 -15.96
CA PRO A 18 -4.40 1.31 -15.82
C PRO A 18 -4.55 1.94 -14.44
N GLU A 19 -5.66 2.65 -14.23
CA GLU A 19 -5.92 3.31 -12.96
C GLU A 19 -6.89 2.49 -12.11
N LYS A 20 -6.57 2.33 -10.84
CA LYS A 20 -7.40 1.58 -9.91
C LYS A 20 -7.34 2.16 -8.50
N PRO A 21 -8.37 1.89 -7.70
CA PRO A 21 -8.46 2.38 -6.32
C PRO A 21 -7.43 1.71 -5.40
N VAL A 22 -6.95 2.47 -4.42
CA VAL A 22 -5.97 1.95 -3.48
C VAL A 22 -6.62 1.56 -2.15
N TYR A 23 -6.51 0.30 -1.78
CA TYR A 23 -7.08 -0.20 -0.54
C TYR A 23 -6.02 -0.83 0.35
N LEU A 24 -5.90 -0.33 1.57
CA LEU A 24 -4.92 -0.85 2.52
C LEU A 24 -5.54 -1.93 3.40
N SER A 25 -4.87 -3.08 3.46
CA SER A 25 -5.35 -4.20 4.27
C SER A 25 -4.26 -4.70 5.20
N VAL A 26 -4.53 -4.66 6.51
CA VAL A 26 -3.57 -5.12 7.50
C VAL A 26 -4.14 -6.26 8.33
N LYS A 27 -3.31 -7.27 8.57
CA LYS A 27 -3.73 -8.43 9.34
C LYS A 27 -2.73 -8.72 10.46
N ALA A 28 -3.04 -9.74 11.27
CA ALA A 28 -2.16 -10.13 12.38
C ALA A 28 -1.81 -8.93 13.25
N ASP A 29 -0.83 -9.09 14.12
CA ASP A 29 -0.39 -8.02 15.00
C ASP A 29 -0.15 -6.74 14.23
N ASN A 30 0.47 -6.86 13.06
CA ASN A 30 0.77 -5.71 12.23
C ASN A 30 1.49 -6.14 10.95
N SER A 31 0.72 -6.43 9.91
CA SER A 31 1.29 -6.86 8.63
C SER A 31 0.45 -6.34 7.47
N MET A 32 1.08 -5.59 6.58
CA MET A 32 0.39 -5.03 5.42
C MET A 32 0.41 -6.01 4.25
N PHE A 33 -0.72 -6.13 3.56
CA PHE A 33 -0.84 -7.04 2.42
C PHE A 33 -1.72 -6.44 1.34
N ILE A 34 -1.10 -5.79 0.37
CA ILE A 34 -1.83 -5.17 -0.74
C ILE A 34 -2.21 -6.20 -1.79
N GLY A 35 -3.21 -5.87 -2.60
CA GLY A 35 -3.66 -6.78 -3.65
C GLY A 35 -2.51 -7.25 -4.52
N ASN A 36 -2.03 -8.47 -4.27
CA ASN A 36 -0.92 -9.03 -5.04
C ASN A 36 0.35 -8.22 -4.84
N ASP A 37 0.42 -7.49 -3.73
CA ASP A 37 1.58 -6.67 -3.42
C ASP A 37 1.82 -6.60 -1.92
N PRO A 38 2.36 -7.70 -1.35
CA PRO A 38 2.63 -7.79 0.08
C PRO A 38 3.79 -6.89 0.50
N VAL A 39 3.67 -6.28 1.67
CA VAL A 39 4.70 -5.40 2.19
C VAL A 39 4.82 -5.51 3.71
N THR A 40 5.72 -4.73 4.29
CA THR A 40 5.93 -4.74 5.72
C THR A 40 5.74 -3.35 6.32
N ASP A 41 5.68 -3.29 7.65
CA ASP A 41 5.51 -2.01 8.35
C ASP A 41 6.79 -1.20 8.31
N GLU A 42 7.86 -1.80 7.80
CA GLU A 42 9.15 -1.13 7.70
C GLU A 42 9.43 -0.69 6.27
N THR A 43 8.84 -1.40 5.31
CA THR A 43 9.03 -1.08 3.91
C THR A 43 7.71 -0.65 3.26
N MET A 44 6.72 -0.32 4.09
CA MET A 44 5.42 0.11 3.60
C MET A 44 5.50 1.51 2.99
N ILE A 45 6.15 2.42 3.71
CA ILE A 45 6.29 3.79 3.23
C ILE A 45 7.30 3.87 2.09
N THR A 46 8.33 3.04 2.16
CA THR A 46 9.37 3.02 1.13
C THR A 46 8.78 2.62 -0.22
N ALA A 47 7.96 1.58 -0.22
CA ALA A 47 7.33 1.10 -1.45
C ALA A 47 6.21 2.03 -1.89
N LEU A 48 5.66 2.79 -0.94
CA LEU A 48 4.58 3.72 -1.23
C LEU A 48 5.05 4.80 -2.22
N ASN A 49 6.16 5.44 -1.89
CA ASN A 49 6.72 6.49 -2.74
C ASN A 49 7.36 5.90 -3.98
N ALA A 50 7.88 4.68 -3.86
CA ALA A 50 8.54 4.00 -4.97
C ALA A 50 7.51 3.46 -5.96
N LEU A 51 6.27 3.28 -5.49
CA LEU A 51 5.20 2.77 -6.34
C LEU A 51 4.30 3.90 -6.82
N THR A 52 3.89 4.75 -5.89
CA THR A 52 3.02 5.88 -6.23
C THR A 52 3.85 7.09 -6.66
N GLU A 53 5.16 6.91 -6.76
CA GLU A 53 6.05 7.99 -7.17
C GLU A 53 5.82 9.24 -6.33
N GLY A 54 5.39 9.04 -5.09
CA GLY A 54 5.13 10.16 -4.20
C GLY A 54 3.79 10.81 -4.47
N LYS A 55 2.78 9.99 -4.76
CA LYS A 55 1.44 10.49 -5.04
C LYS A 55 0.45 10.01 -3.98
N LYS A 56 0.07 10.92 -3.08
CA LYS A 56 -0.87 10.59 -2.02
C LYS A 56 -2.28 11.06 -2.37
N ASP A 57 -2.40 11.78 -3.48
CA ASP A 57 -3.68 12.29 -3.93
C ASP A 57 -4.72 11.19 -3.96
N THR A 58 -4.34 10.03 -4.50
CA THR A 58 -5.24 8.90 -4.59
C THR A 58 -5.78 8.50 -3.22
N THR A 59 -7.07 8.76 -2.99
CA THR A 59 -7.70 8.42 -1.73
C THR A 59 -7.55 6.94 -1.40
N ILE A 60 -6.81 6.65 -0.35
CA ILE A 60 -6.58 5.26 0.07
C ILE A 60 -7.39 4.94 1.33
N PHE A 61 -8.05 3.78 1.31
CA PHE A 61 -8.86 3.35 2.43
C PHE A 61 -8.03 2.49 3.39
N PHE A 62 -7.99 2.90 4.66
CA PHE A 62 -7.24 2.18 5.68
C PHE A 62 -8.13 1.17 6.40
N ARG A 63 -7.99 -0.10 6.03
CA ARG A 63 -8.78 -1.16 6.65
C ARG A 63 -7.93 -2.00 7.58
N ALA A 64 -8.21 -1.90 8.88
CA ALA A 64 -7.47 -2.66 9.88
C ALA A 64 -8.22 -3.92 10.28
N ASP A 65 -7.49 -5.03 10.41
CA ASP A 65 -8.09 -6.30 10.78
C ASP A 65 -8.69 -6.22 12.18
N LYS A 66 -9.62 -7.12 12.47
CA LYS A 66 -10.27 -7.16 13.78
C LYS A 66 -9.27 -7.54 14.87
N THR A 67 -8.11 -8.05 14.46
CA THR A 67 -7.08 -8.45 15.41
C THR A 67 -6.06 -7.34 15.61
N VAL A 68 -6.52 -6.09 15.51
CA VAL A 68 -5.64 -4.94 15.69
C VAL A 68 -5.88 -4.27 17.03
N ASP A 69 -4.81 -3.78 17.64
CA ASP A 69 -4.91 -3.11 18.93
C ASP A 69 -4.80 -1.59 18.77
N TYR A 70 -5.06 -0.87 19.86
CA TYR A 70 -5.00 0.59 19.82
C TYR A 70 -3.58 1.07 19.58
N GLU A 71 -2.60 0.31 20.07
CA GLU A 71 -1.19 0.66 19.91
C GLU A 71 -0.78 0.53 18.45
N THR A 72 -1.46 -0.34 17.71
CA THR A 72 -1.16 -0.56 16.30
C THR A 72 -1.68 0.59 15.44
N LEU A 73 -2.96 0.91 15.60
CA LEU A 73 -3.58 1.99 14.83
C LEU A 73 -2.91 3.32 15.14
N MET A 74 -2.34 3.43 16.33
CA MET A 74 -1.66 4.66 16.75
C MET A 74 -0.31 4.79 16.06
N LYS A 75 0.44 3.69 16.00
CA LYS A 75 1.75 3.69 15.37
C LYS A 75 1.63 4.00 13.88
N VAL A 76 0.63 3.42 13.23
CA VAL A 76 0.40 3.63 11.81
C VAL A 76 -0.09 5.05 11.54
N MET A 77 -0.83 5.60 12.50
CA MET A 77 -1.37 6.95 12.37
C MET A 77 -0.25 7.97 12.22
N ASP A 78 0.74 7.90 13.11
CA ASP A 78 1.87 8.82 13.08
C ASP A 78 2.76 8.54 11.87
N THR A 79 2.83 7.27 11.47
CA THR A 79 3.64 6.88 10.33
C THR A 79 3.05 7.40 9.02
N LEU A 80 1.78 7.09 8.79
CA LEU A 80 1.10 7.53 7.57
C LEU A 80 1.10 9.06 7.48
N HIS A 81 1.07 9.72 8.63
CA HIS A 81 1.07 11.17 8.68
C HIS A 81 2.37 11.74 8.11
N GLN A 82 3.50 11.21 8.60
CA GLN A 82 4.80 11.66 8.15
C GLN A 82 5.19 11.00 6.83
N ALA A 83 4.31 10.15 6.32
CA ALA A 83 4.56 9.43 5.07
C ALA A 83 4.12 10.27 3.87
N GLY A 84 3.41 11.37 4.15
CA GLY A 84 2.95 12.24 3.08
C GLY A 84 1.45 12.11 2.83
N TYR A 85 0.89 10.96 3.22
CA TYR A 85 -0.53 10.71 3.03
C TYR A 85 -1.36 11.88 3.55
N LEU A 86 -2.12 12.51 2.65
CA LEU A 86 -2.96 13.64 3.00
C LEU A 86 -4.43 13.33 2.72
N LYS A 87 -4.67 12.24 2.00
CA LYS A 87 -6.03 11.84 1.66
C LYS A 87 -6.24 10.35 1.92
N ILE A 88 -6.54 10.00 3.16
CA ILE A 88 -6.76 8.61 3.54
C ILE A 88 -8.18 8.41 4.06
N GLY A 89 -9.00 7.71 3.28
CA GLY A 89 -10.37 7.44 3.68
C GLY A 89 -10.47 6.43 4.79
N LEU A 90 -11.41 6.64 5.71
CA LEU A 90 -11.60 5.73 6.83
C LEU A 90 -12.72 4.74 6.55
N VAL A 91 -12.36 3.50 6.26
CA VAL A 91 -13.34 2.46 5.97
C VAL A 91 -14.15 2.11 7.21
N GLY A 92 -15.43 1.81 7.01
CA GLY A 92 -16.29 1.46 8.13
C GLY A 92 -16.28 2.52 9.22
N GLU A 93 -16.87 3.67 8.93
CA GLU A 93 -16.93 4.76 9.90
C GLU A 93 -18.25 4.74 10.67
N GLU A 94 -18.85 3.56 10.76
CA GLU A 94 -20.12 3.41 11.46
C GLU A 94 -21.15 4.42 10.96
N THR A 95 -21.89 4.04 9.92
CA THR A 95 -22.91 4.91 9.35
C THR A 95 -24.13 4.99 10.24
N ALA A 96 -24.02 5.72 11.34
CA ALA A 96 -25.12 5.87 12.29
C ALA A 96 -24.78 6.90 13.37
N LYS A 97 -25.69 7.07 14.32
CA LYS A 97 -25.48 8.00 15.41
C LYS A 97 -25.72 7.34 16.76
N ALA A 98 -24.93 7.73 17.76
CA ALA A 98 -25.06 7.17 19.10
C ALA A 98 -26.12 7.91 19.90
N LYS A 99 -26.17 7.63 21.20
CA LYS A 99 -27.14 8.27 22.08
C LYS A 99 -26.51 8.64 23.42
N MET A 1 29.88 -20.03 -51.17
CA MET A 1 30.97 -19.90 -50.21
C MET A 1 30.42 -19.62 -48.81
N ASP A 2 29.54 -18.63 -48.72
CA ASP A 2 28.95 -18.25 -47.44
C ASP A 2 27.70 -17.39 -47.66
N VAL A 3 26.63 -17.72 -46.94
CA VAL A 3 25.39 -16.97 -47.05
C VAL A 3 24.84 -16.59 -45.67
N LYS A 4 24.34 -15.36 -45.57
CA LYS A 4 23.79 -14.87 -44.30
C LYS A 4 22.65 -13.90 -44.55
N VAL A 5 21.44 -14.30 -44.17
CA VAL A 5 20.26 -13.47 -44.35
C VAL A 5 19.15 -13.87 -43.39
N ASN A 6 18.45 -12.88 -42.85
CA ASN A 6 17.36 -13.13 -41.92
C ASN A 6 16.55 -11.86 -41.67
N LEU A 7 15.23 -11.99 -41.65
CA LEU A 7 14.35 -10.86 -41.43
C LEU A 7 13.57 -11.03 -40.14
N PRO A 8 13.03 -9.91 -39.62
CA PRO A 8 12.25 -9.91 -38.37
C PRO A 8 10.90 -10.59 -38.54
N ALA A 9 10.27 -10.95 -37.42
CA ALA A 9 8.97 -11.60 -37.45
C ALA A 9 8.43 -11.79 -36.03
N SER A 10 8.68 -10.81 -35.17
CA SER A 10 8.22 -10.88 -33.78
C SER A 10 7.39 -9.65 -33.44
N THR A 11 6.12 -9.88 -33.13
CA THR A 11 5.21 -8.79 -32.78
C THR A 11 4.46 -9.09 -31.49
N SER A 12 5.13 -8.91 -30.35
CA SER A 12 4.53 -9.16 -29.05
C SER A 12 5.23 -8.36 -27.96
N THR A 13 4.71 -7.18 -27.67
CA THR A 13 5.29 -6.31 -26.65
C THR A 13 4.22 -5.43 -26.01
N PRO A 14 3.31 -6.06 -25.26
CA PRO A 14 2.21 -5.34 -24.57
C PRO A 14 2.72 -4.47 -23.43
N GLN A 15 2.02 -3.37 -23.18
CA GLN A 15 2.40 -2.46 -22.10
C GLN A 15 1.32 -1.41 -21.87
N PRO A 16 0.17 -1.85 -21.34
CA PRO A 16 -0.97 -0.98 -21.07
C PRO A 16 -0.69 -0.02 -19.90
N ARG A 17 -1.59 0.93 -19.71
CA ARG A 17 -1.44 1.91 -18.62
C ARG A 17 -2.72 1.99 -17.79
N PRO A 18 -2.97 0.95 -17.00
CA PRO A 18 -4.16 0.88 -16.14
C PRO A 18 -4.09 1.87 -14.97
N GLU A 19 -5.18 1.98 -14.22
CA GLU A 19 -5.24 2.89 -13.08
C GLU A 19 -6.32 2.45 -12.10
N LYS A 20 -5.90 1.97 -10.94
CA LYS A 20 -6.83 1.52 -9.91
C LYS A 20 -6.59 2.26 -8.60
N PRO A 21 -7.59 2.25 -7.72
CA PRO A 21 -7.51 2.91 -6.41
C PRO A 21 -6.54 2.21 -5.46
N VAL A 22 -5.97 2.98 -4.55
CA VAL A 22 -5.01 2.44 -3.59
C VAL A 22 -5.73 1.92 -2.34
N TYR A 23 -5.54 0.64 -2.05
CA TYR A 23 -6.17 0.01 -0.89
C TYR A 23 -5.14 -0.68 -0.01
N LEU A 24 -5.15 -0.36 1.27
CA LEU A 24 -4.21 -0.94 2.22
C LEU A 24 -4.89 -2.03 3.06
N SER A 25 -4.18 -3.14 3.25
CA SER A 25 -4.71 -4.25 4.03
C SER A 25 -3.76 -4.65 5.15
N VAL A 26 -4.22 -4.53 6.38
CA VAL A 26 -3.40 -4.87 7.54
C VAL A 26 -4.02 -6.03 8.33
N LYS A 27 -3.20 -6.71 9.11
CA LYS A 27 -3.66 -7.83 9.92
C LYS A 27 -2.52 -8.42 10.74
N ALA A 28 -2.83 -9.43 11.54
CA ALA A 28 -1.84 -10.09 12.37
C ALA A 28 -1.05 -9.07 13.19
N ASP A 29 0.06 -9.52 13.79
CA ASP A 29 0.89 -8.65 14.59
C ASP A 29 1.69 -7.69 13.71
N ASN A 30 1.02 -6.66 13.21
CA ASN A 30 1.66 -5.68 12.35
C ASN A 30 2.16 -6.32 11.05
N SER A 31 1.22 -6.59 10.15
CA SER A 31 1.56 -7.21 8.88
C SER A 31 0.61 -6.76 7.78
N MET A 32 1.16 -6.11 6.76
CA MET A 32 0.36 -5.61 5.64
C MET A 32 0.39 -6.60 4.47
N PHE A 33 -0.69 -6.62 3.69
CA PHE A 33 -0.79 -7.51 2.55
C PHE A 33 -1.68 -6.91 1.46
N ILE A 34 -1.05 -6.24 0.50
CA ILE A 34 -1.79 -5.62 -0.60
C ILE A 34 -2.05 -6.62 -1.72
N GLY A 35 -3.02 -6.29 -2.56
CA GLY A 35 -3.37 -7.18 -3.67
C GLY A 35 -2.15 -7.55 -4.50
N ASN A 36 -1.61 -8.74 -4.26
CA ASN A 36 -0.45 -9.21 -5.00
C ASN A 36 0.76 -8.32 -4.73
N ASP A 37 0.80 -7.72 -3.54
CA ASP A 37 1.89 -6.85 -3.16
C ASP A 37 2.00 -6.74 -1.64
N PRO A 38 2.55 -7.79 -1.01
CA PRO A 38 2.72 -7.85 0.44
C PRO A 38 3.79 -6.87 0.93
N VAL A 39 3.53 -6.26 2.08
CA VAL A 39 4.48 -5.32 2.66
C VAL A 39 4.32 -5.24 4.19
N THR A 40 5.11 -4.37 4.81
CA THR A 40 5.06 -4.21 6.26
C THR A 40 4.86 -2.75 6.64
N ASP A 41 4.53 -2.51 7.91
CA ASP A 41 4.32 -1.15 8.39
C ASP A 41 5.61 -0.34 8.33
N GLU A 42 6.74 -1.03 8.21
CA GLU A 42 8.03 -0.37 8.14
C GLU A 42 8.36 0.04 6.71
N THR A 43 8.23 -0.91 5.78
CA THR A 43 8.51 -0.64 4.37
C THR A 43 7.25 -0.19 3.64
N MET A 44 6.22 0.16 4.39
CA MET A 44 4.96 0.62 3.82
C MET A 44 5.16 1.88 3.00
N ILE A 45 5.83 2.87 3.60
CA ILE A 45 6.09 4.13 2.92
C ILE A 45 6.94 3.93 1.68
N THR A 46 8.05 3.21 1.84
CA THR A 46 8.96 2.94 0.73
C THR A 46 8.22 2.31 -0.45
N ALA A 47 7.46 1.25 -0.17
CA ALA A 47 6.70 0.56 -1.20
C ALA A 47 5.64 1.48 -1.81
N LEU A 48 4.87 2.12 -0.94
CA LEU A 48 3.81 3.03 -1.39
C LEU A 48 4.38 4.11 -2.30
N ASN A 49 5.52 4.66 -1.92
CA ASN A 49 6.17 5.71 -2.70
C ASN A 49 6.62 5.17 -4.06
N ALA A 50 6.93 3.88 -4.11
CA ALA A 50 7.38 3.25 -5.35
C ALA A 50 6.18 2.88 -6.22
N LEU A 51 5.01 2.75 -5.60
CA LEU A 51 3.81 2.39 -6.33
C LEU A 51 3.09 3.65 -6.83
N THR A 52 2.83 4.58 -5.92
CA THR A 52 2.15 5.82 -6.26
C THR A 52 3.15 6.91 -6.61
N GLU A 53 4.40 6.52 -6.85
CA GLU A 53 5.44 7.47 -7.19
C GLU A 53 5.59 8.54 -6.11
N GLY A 54 5.16 8.21 -4.90
CA GLY A 54 5.25 9.15 -3.79
C GLY A 54 4.08 10.11 -3.77
N LYS A 55 3.03 9.79 -4.51
CA LYS A 55 1.85 10.64 -4.57
C LYS A 55 0.82 10.21 -3.52
N LYS A 56 0.72 11.00 -2.45
CA LYS A 56 -0.22 10.71 -1.37
C LYS A 56 -1.57 11.39 -1.63
N ASP A 57 -1.56 12.37 -2.52
CA ASP A 57 -2.78 13.10 -2.87
C ASP A 57 -3.91 12.13 -3.24
N THR A 58 -3.53 10.98 -3.79
CA THR A 58 -4.51 9.97 -4.18
C THR A 58 -5.23 9.40 -2.98
N THR A 59 -6.51 9.06 -3.16
CA THR A 59 -7.32 8.51 -2.09
C THR A 59 -6.91 7.08 -1.77
N ILE A 60 -6.61 6.82 -0.50
CA ILE A 60 -6.20 5.50 -0.06
C ILE A 60 -7.05 5.02 1.12
N PHE A 61 -7.78 3.93 0.92
CA PHE A 61 -8.63 3.38 1.97
C PHE A 61 -7.81 2.51 2.92
N PHE A 62 -7.88 2.84 4.21
CA PHE A 62 -7.14 2.10 5.21
C PHE A 62 -8.01 0.99 5.83
N ARG A 63 -7.78 -0.25 5.40
CA ARG A 63 -8.54 -1.38 5.90
C ARG A 63 -7.66 -2.31 6.72
N ALA A 64 -8.02 -2.49 7.99
CA ALA A 64 -7.26 -3.35 8.88
C ALA A 64 -8.17 -4.36 9.57
N ASP A 65 -7.59 -5.46 10.04
CA ASP A 65 -8.35 -6.50 10.72
C ASP A 65 -9.18 -5.91 11.85
N LYS A 66 -10.22 -6.63 12.25
CA LYS A 66 -11.10 -6.18 13.32
C LYS A 66 -10.40 -6.28 14.68
N THR A 67 -9.23 -6.90 14.69
CA THR A 67 -8.46 -7.06 15.92
C THR A 67 -7.43 -5.95 16.06
N VAL A 68 -7.76 -4.76 15.58
CA VAL A 68 -6.88 -3.61 15.66
C VAL A 68 -6.36 -3.42 17.08
N ASP A 69 -5.10 -3.00 17.20
CA ASP A 69 -4.49 -2.79 18.51
C ASP A 69 -4.15 -1.31 18.70
N TYR A 70 -3.85 -0.93 19.94
CA TYR A 70 -3.51 0.44 20.26
C TYR A 70 -2.14 0.82 19.69
N GLU A 71 -1.20 -0.12 19.78
CA GLU A 71 0.15 0.11 19.27
C GLU A 71 0.17 0.11 17.75
N THR A 72 -0.76 -0.64 17.14
CA THR A 72 -0.84 -0.73 15.70
C THR A 72 -1.46 0.53 15.10
N LEU A 73 -2.61 0.93 15.63
CA LEU A 73 -3.30 2.12 15.14
C LEU A 73 -2.46 3.37 15.39
N MET A 74 -1.68 3.35 16.46
CA MET A 74 -0.82 4.48 16.81
C MET A 74 0.42 4.50 15.92
N LYS A 75 0.87 3.33 15.49
CA LYS A 75 2.05 3.22 14.64
C LYS A 75 1.70 3.58 13.20
N VAL A 76 0.60 3.01 12.71
CA VAL A 76 0.16 3.27 11.34
C VAL A 76 -0.14 4.75 11.12
N MET A 77 -0.74 5.38 12.12
CA MET A 77 -1.08 6.80 12.04
C MET A 77 0.18 7.65 12.00
N ASP A 78 1.05 7.45 12.99
CA ASP A 78 2.30 8.21 13.08
C ASP A 78 3.16 7.98 11.84
N THR A 79 3.04 6.79 11.24
CA THR A 79 3.80 6.46 10.06
C THR A 79 3.27 7.20 8.83
N LEU A 80 1.98 7.06 8.57
CA LEU A 80 1.34 7.72 7.43
C LEU A 80 1.36 9.23 7.61
N HIS A 81 1.36 9.68 8.86
CA HIS A 81 1.38 11.11 9.16
C HIS A 81 2.69 11.75 8.71
N GLN A 82 3.80 11.12 9.08
CA GLN A 82 5.12 11.62 8.73
C GLN A 82 5.34 11.55 7.22
N ALA A 83 4.60 10.65 6.57
CA ALA A 83 4.71 10.49 5.12
C ALA A 83 3.64 11.28 4.39
N GLY A 84 3.03 12.22 5.09
CA GLY A 84 1.99 13.04 4.50
C GLY A 84 0.62 12.39 4.57
N TYR A 85 0.14 11.91 3.43
CA TYR A 85 -1.17 11.26 3.39
C TYR A 85 -2.24 12.13 4.03
N LEU A 86 -2.85 13.00 3.23
CA LEU A 86 -3.90 13.89 3.72
C LEU A 86 -5.26 13.52 3.14
N LYS A 87 -5.30 12.41 2.41
CA LYS A 87 -6.53 11.94 1.80
C LYS A 87 -6.64 10.41 1.88
N ILE A 88 -6.95 9.93 3.08
CA ILE A 88 -7.09 8.49 3.29
C ILE A 88 -8.52 8.12 3.65
N GLY A 89 -9.13 7.27 2.83
CA GLY A 89 -10.50 6.85 3.07
C GLY A 89 -10.62 5.91 4.25
N LEU A 90 -11.74 5.98 4.95
CA LEU A 90 -11.97 5.13 6.11
C LEU A 90 -12.98 4.03 5.78
N VAL A 91 -12.46 2.88 5.35
CA VAL A 91 -13.31 1.74 5.01
C VAL A 91 -14.15 1.31 6.20
N GLY A 92 -15.40 0.93 5.93
CA GLY A 92 -16.29 0.49 7.00
C GLY A 92 -16.38 1.51 8.12
N GLU A 93 -16.12 1.05 9.34
CA GLU A 93 -16.18 1.93 10.51
C GLU A 93 -15.77 1.19 11.77
N GLU A 94 -14.57 1.48 12.27
CA GLU A 94 -14.05 0.84 13.47
C GLU A 94 -14.21 1.75 14.68
N THR A 95 -13.65 1.33 15.81
CA THR A 95 -13.73 2.10 17.04
C THR A 95 -12.37 2.67 17.42
N ALA A 96 -12.37 3.62 18.35
CA ALA A 96 -11.14 4.25 18.81
C ALA A 96 -11.26 4.72 20.25
N LYS A 97 -10.15 5.18 20.82
CA LYS A 97 -10.13 5.66 22.19
C LYS A 97 -10.57 4.56 23.16
N ALA A 98 -10.66 4.90 24.44
CA ALA A 98 -11.06 3.94 25.46
C ALA A 98 -11.87 4.62 26.57
N LYS A 99 -12.23 3.85 27.58
CA LYS A 99 -13.01 4.37 28.71
C LYS A 99 -12.22 4.26 30.01
N MET A 1 33.24 -6.59 -55.54
CA MET A 1 32.48 -5.62 -54.75
C MET A 1 31.18 -6.24 -54.24
N ASP A 2 31.13 -6.50 -52.93
CA ASP A 2 29.94 -7.09 -52.33
C ASP A 2 29.96 -6.90 -50.81
N VAL A 3 29.32 -5.84 -50.34
CA VAL A 3 29.26 -5.55 -48.92
C VAL A 3 27.92 -5.97 -48.32
N LYS A 4 27.97 -6.59 -47.15
CA LYS A 4 26.75 -7.04 -46.47
C LYS A 4 26.11 -5.89 -45.70
N VAL A 5 24.78 -5.85 -45.72
CA VAL A 5 24.04 -4.81 -45.02
C VAL A 5 23.30 -5.37 -43.81
N ASN A 6 22.72 -4.49 -43.01
CA ASN A 6 21.98 -4.90 -41.82
C ASN A 6 20.50 -5.10 -42.13
N LEU A 7 19.76 -5.64 -41.17
CA LEU A 7 18.34 -5.88 -41.34
C LEU A 7 17.59 -5.65 -40.03
N PRO A 8 17.48 -4.37 -39.63
CA PRO A 8 16.78 -3.99 -38.39
C PRO A 8 15.27 -4.20 -38.49
N ALA A 9 14.58 -3.99 -37.38
CA ALA A 9 13.13 -4.14 -37.33
C ALA A 9 12.58 -3.80 -35.96
N SER A 10 11.81 -2.72 -35.88
CA SER A 10 11.23 -2.28 -34.63
C SER A 10 10.21 -3.30 -34.12
N THR A 11 10.34 -3.68 -32.85
CA THR A 11 9.44 -4.64 -32.24
C THR A 11 9.03 -4.20 -30.84
N SER A 12 8.01 -3.35 -30.78
CA SER A 12 7.52 -2.84 -29.49
C SER A 12 6.12 -2.26 -29.63
N THR A 13 5.11 -3.11 -29.49
CA THR A 13 3.72 -2.68 -29.61
C THR A 13 2.94 -3.00 -28.34
N PRO A 14 3.25 -2.29 -27.25
CA PRO A 14 2.59 -2.49 -25.95
C PRO A 14 1.13 -2.01 -25.98
N GLN A 15 0.50 -2.02 -24.80
CA GLN A 15 -0.89 -1.59 -24.69
C GLN A 15 -1.07 -0.68 -23.48
N PRO A 16 -2.13 0.14 -23.52
CA PRO A 16 -2.44 1.08 -22.43
C PRO A 16 -2.92 0.38 -21.17
N ARG A 17 -2.36 0.78 -20.03
CA ARG A 17 -2.71 0.18 -18.75
C ARG A 17 -3.76 1.03 -18.03
N PRO A 18 -4.81 0.36 -17.52
CA PRO A 18 -5.89 1.03 -16.80
C PRO A 18 -5.45 1.57 -15.45
N GLU A 19 -6.28 2.43 -14.85
CA GLU A 19 -5.96 3.01 -13.55
C GLU A 19 -6.95 2.55 -12.49
N LYS A 20 -6.43 2.17 -11.33
CA LYS A 20 -7.27 1.70 -10.23
C LYS A 20 -6.94 2.46 -8.94
N PRO A 21 -7.91 2.47 -8.01
CA PRO A 21 -7.75 3.15 -6.73
C PRO A 21 -6.74 2.45 -5.81
N VAL A 22 -6.26 3.17 -4.82
CA VAL A 22 -5.29 2.61 -3.87
C VAL A 22 -5.99 2.10 -2.61
N TYR A 23 -5.79 0.81 -2.33
CA TYR A 23 -6.41 0.20 -1.15
C TYR A 23 -5.34 -0.42 -0.25
N LEU A 24 -5.34 -0.02 1.02
CA LEU A 24 -4.38 -0.53 1.98
C LEU A 24 -5.01 -1.59 2.88
N SER A 25 -4.24 -2.62 3.21
CA SER A 25 -4.74 -3.70 4.07
C SER A 25 -3.73 -4.01 5.17
N VAL A 26 -4.20 -3.95 6.42
CA VAL A 26 -3.35 -4.23 7.56
C VAL A 26 -3.85 -5.46 8.33
N LYS A 27 -2.99 -5.99 9.19
CA LYS A 27 -3.35 -7.16 9.99
C LYS A 27 -2.20 -7.56 10.91
N ALA A 28 -2.46 -8.48 11.84
CA ALA A 28 -1.45 -8.94 12.76
C ALA A 28 -0.77 -7.78 13.46
N ASP A 29 0.33 -8.07 14.16
CA ASP A 29 1.08 -7.05 14.87
C ASP A 29 1.82 -6.14 13.90
N ASN A 30 1.10 -5.17 13.33
CA ASN A 30 1.70 -4.24 12.38
C ASN A 30 2.22 -4.98 11.15
N SER A 31 1.30 -5.43 10.30
CA SER A 31 1.66 -6.14 9.08
C SER A 31 0.74 -5.77 7.93
N MET A 32 1.32 -5.19 6.89
CA MET A 32 0.54 -4.78 5.72
C MET A 32 0.49 -5.90 4.69
N PHE A 33 -0.60 -5.95 3.92
CA PHE A 33 -0.77 -6.98 2.90
C PHE A 33 -1.74 -6.50 1.82
N ILE A 34 -1.18 -6.01 0.71
CA ILE A 34 -1.98 -5.52 -0.41
C ILE A 34 -2.64 -6.68 -1.15
N GLY A 35 -3.73 -6.38 -1.85
CA GLY A 35 -4.44 -7.40 -2.60
C GLY A 35 -3.51 -8.29 -3.39
N ASN A 36 -2.39 -7.73 -3.82
CA ASN A 36 -1.40 -8.48 -4.60
C ASN A 36 0.00 -7.90 -4.43
N ASP A 37 0.37 -7.62 -3.19
CA ASP A 37 1.68 -7.05 -2.89
C ASP A 37 1.88 -6.91 -1.38
N PRO A 38 2.34 -8.00 -0.76
CA PRO A 38 2.60 -8.04 0.69
C PRO A 38 3.79 -7.18 1.09
N VAL A 39 3.69 -6.54 2.26
CA VAL A 39 4.76 -5.68 2.75
C VAL A 39 4.76 -5.63 4.28
N THR A 40 5.67 -4.85 4.84
CA THR A 40 5.77 -4.71 6.28
C THR A 40 5.63 -3.25 6.71
N ASP A 41 5.51 -3.03 8.02
CA ASP A 41 5.38 -1.69 8.56
C ASP A 41 6.69 -0.92 8.46
N GLU A 42 7.75 -1.62 8.09
CA GLU A 42 9.07 -1.01 7.97
C GLU A 42 9.33 -0.58 6.53
N THR A 43 8.72 -1.29 5.59
CA THR A 43 8.89 -0.99 4.16
C THR A 43 7.58 -0.56 3.54
N MET A 44 6.59 -0.25 4.39
CA MET A 44 5.28 0.16 3.91
C MET A 44 5.37 1.50 3.17
N ILE A 45 6.24 2.38 3.67
CA ILE A 45 6.42 3.70 3.05
C ILE A 45 7.12 3.58 1.69
N THR A 46 8.29 2.93 1.69
CA THR A 46 9.05 2.74 0.47
C THR A 46 8.21 2.08 -0.61
N ALA A 47 7.56 0.98 -0.24
CA ALA A 47 6.71 0.24 -1.19
C ALA A 47 5.58 1.12 -1.70
N LEU A 48 4.93 1.83 -0.80
CA LEU A 48 3.82 2.71 -1.17
C LEU A 48 4.25 3.73 -2.21
N ASN A 49 5.40 4.36 -1.96
CA ASN A 49 5.94 5.36 -2.87
C ASN A 49 6.24 4.75 -4.24
N ALA A 50 6.57 3.47 -4.25
CA ALA A 50 6.87 2.77 -5.49
C ALA A 50 5.62 2.59 -6.34
N LEU A 51 4.58 2.04 -5.75
CA LEU A 51 3.32 1.82 -6.45
C LEU A 51 2.62 3.13 -6.75
N THR A 52 2.45 3.95 -5.71
CA THR A 52 1.80 5.25 -5.86
C THR A 52 2.69 6.23 -6.62
N GLU A 53 3.94 5.84 -6.84
CA GLU A 53 4.89 6.68 -7.55
C GLU A 53 5.15 7.97 -6.80
N GLY A 54 5.01 7.92 -5.47
CA GLY A 54 5.23 9.10 -4.65
C GLY A 54 4.01 9.99 -4.58
N LYS A 55 2.83 9.40 -4.70
CA LYS A 55 1.58 10.15 -4.65
C LYS A 55 0.74 9.74 -3.44
N LYS A 56 0.72 10.59 -2.42
CA LYS A 56 -0.04 10.31 -1.21
C LYS A 56 -1.38 11.05 -1.24
N ASP A 57 -1.42 12.17 -1.95
CA ASP A 57 -2.64 12.96 -2.05
C ASP A 57 -3.82 12.09 -2.48
N THR A 58 -3.53 11.06 -3.27
CA THR A 58 -4.57 10.16 -3.75
C THR A 58 -5.38 9.58 -2.60
N THR A 59 -6.67 9.38 -2.83
CA THR A 59 -7.55 8.83 -1.80
C THR A 59 -7.29 7.34 -1.59
N ILE A 60 -6.66 7.00 -0.48
CA ILE A 60 -6.37 5.61 -0.16
C ILE A 60 -7.19 5.13 1.03
N PHE A 61 -7.84 3.98 0.86
CA PHE A 61 -8.66 3.40 1.92
C PHE A 61 -7.83 2.48 2.80
N PHE A 62 -7.86 2.74 4.11
CA PHE A 62 -7.11 1.93 5.06
C PHE A 62 -8.00 0.84 5.66
N ARG A 63 -7.80 -0.40 5.20
CA ARG A 63 -8.58 -1.53 5.69
C ARG A 63 -7.81 -2.30 6.75
N ALA A 64 -8.29 -2.23 7.99
CA ALA A 64 -7.64 -2.93 9.10
C ALA A 64 -8.34 -4.26 9.39
N ASP A 65 -7.54 -5.29 9.64
CA ASP A 65 -8.07 -6.62 9.93
C ASP A 65 -8.66 -6.68 11.34
N LYS A 66 -9.55 -7.63 11.57
CA LYS A 66 -10.18 -7.79 12.87
C LYS A 66 -9.15 -8.07 13.95
N THR A 67 -7.98 -8.57 13.53
CA THR A 67 -6.90 -8.88 14.46
C THR A 67 -6.12 -7.63 14.84
N VAL A 68 -6.29 -6.57 14.06
CA VAL A 68 -5.61 -5.31 14.32
C VAL A 68 -6.08 -4.68 15.62
N ASP A 69 -5.16 -4.04 16.33
CA ASP A 69 -5.47 -3.39 17.60
C ASP A 69 -5.13 -1.91 17.55
N TYR A 70 -5.69 -1.15 18.48
CA TYR A 70 -5.45 0.29 18.54
C TYR A 70 -3.96 0.58 18.60
N GLU A 71 -3.19 -0.36 19.14
CA GLU A 71 -1.75 -0.20 19.25
C GLU A 71 -1.13 0.16 17.90
N THR A 72 -1.41 -0.66 16.90
CA THR A 72 -0.88 -0.44 15.56
C THR A 72 -1.55 0.75 14.90
N LEU A 73 -2.81 0.99 15.25
CA LEU A 73 -3.57 2.11 14.69
C LEU A 73 -2.84 3.43 14.94
N MET A 74 -2.24 3.56 16.12
CA MET A 74 -1.52 4.78 16.48
C MET A 74 -0.15 4.80 15.82
N LYS A 75 0.59 3.70 15.96
CA LYS A 75 1.93 3.59 15.38
C LYS A 75 1.90 3.95 13.89
N VAL A 76 0.93 3.41 13.18
CA VAL A 76 0.79 3.67 11.75
C VAL A 76 0.24 5.07 11.50
N MET A 77 -0.59 5.55 12.42
CA MET A 77 -1.19 6.87 12.29
C MET A 77 -0.11 7.94 12.25
N ASP A 78 0.87 7.84 13.14
CA ASP A 78 1.95 8.81 13.20
C ASP A 78 2.90 8.63 12.02
N THR A 79 3.18 7.38 11.68
CA THR A 79 4.08 7.08 10.56
C THR A 79 3.58 7.71 9.27
N LEU A 80 2.32 7.45 8.93
CA LEU A 80 1.73 8.00 7.72
C LEU A 80 1.57 9.51 7.82
N HIS A 81 1.41 10.00 9.05
CA HIS A 81 1.25 11.43 9.29
C HIS A 81 2.51 12.19 8.91
N GLN A 82 3.66 11.61 9.23
CA GLN A 82 4.95 12.23 8.93
C GLN A 82 5.35 11.97 7.47
N ALA A 83 4.81 10.91 6.89
CA ALA A 83 5.10 10.56 5.51
C ALA A 83 4.08 11.19 4.55
N GLY A 84 3.34 12.16 5.05
CA GLY A 84 2.33 12.82 4.23
C GLY A 84 0.95 12.23 4.41
N TYR A 85 0.38 11.73 3.33
CA TYR A 85 -0.95 11.14 3.37
C TYR A 85 -1.95 12.08 4.06
N LEU A 86 -2.57 12.94 3.26
CA LEU A 86 -3.54 13.89 3.79
C LEU A 86 -4.95 13.54 3.32
N LYS A 87 -5.07 12.43 2.60
CA LYS A 87 -6.37 11.98 2.10
C LYS A 87 -6.49 10.47 2.19
N ILE A 88 -6.71 9.98 3.40
CA ILE A 88 -6.84 8.55 3.63
C ILE A 88 -8.26 8.20 4.09
N GLY A 89 -9.01 7.53 3.21
CA GLY A 89 -10.37 7.15 3.55
C GLY A 89 -10.43 6.03 4.57
N LEU A 90 -11.43 6.08 5.45
CA LEU A 90 -11.59 5.06 6.48
C LEU A 90 -12.71 4.11 6.13
N VAL A 91 -12.35 2.97 5.54
CA VAL A 91 -13.34 1.96 5.16
C VAL A 91 -14.14 1.48 6.37
N GLY A 92 -15.42 1.20 6.15
CA GLY A 92 -16.27 0.74 7.22
C GLY A 92 -16.29 1.69 8.41
N GLU A 93 -16.81 2.90 8.18
CA GLU A 93 -16.88 3.91 9.23
C GLU A 93 -18.24 3.89 9.90
N GLU A 94 -18.90 2.74 9.87
CA GLU A 94 -20.22 2.59 10.48
C GLU A 94 -21.24 3.49 9.79
N THR A 95 -22.10 2.89 8.98
CA THR A 95 -23.13 3.64 8.26
C THR A 95 -24.43 3.70 9.06
N ALA A 96 -24.35 4.27 10.26
CA ALA A 96 -25.52 4.38 11.12
C ALA A 96 -25.32 5.46 12.18
N LYS A 97 -26.27 5.59 13.09
CA LYS A 97 -26.20 6.58 14.15
C LYS A 97 -27.05 6.16 15.35
N ALA A 98 -26.43 6.12 16.52
CA ALA A 98 -27.13 5.74 17.74
C ALA A 98 -26.86 6.74 18.86
N LYS A 99 -27.93 7.27 19.44
CA LYS A 99 -27.81 8.25 20.52
C LYS A 99 -28.67 7.83 21.72
N MET A 1 28.54 8.66 -50.00
CA MET A 1 28.96 7.33 -49.55
C MET A 1 27.89 6.70 -48.66
N ASP A 2 26.95 6.00 -49.30
CA ASP A 2 25.87 5.35 -48.56
C ASP A 2 25.09 4.42 -49.49
N VAL A 3 24.75 3.23 -48.97
CA VAL A 3 24.01 2.24 -49.75
C VAL A 3 22.85 1.69 -48.94
N LYS A 4 22.23 2.54 -48.13
CA LYS A 4 21.10 2.13 -47.31
C LYS A 4 21.51 1.06 -46.30
N VAL A 5 20.60 0.71 -45.40
CA VAL A 5 20.87 -0.30 -44.38
C VAL A 5 19.84 -1.42 -44.43
N ASN A 6 20.09 -2.48 -43.67
CA ASN A 6 19.18 -3.62 -43.63
C ASN A 6 19.17 -4.26 -42.25
N LEU A 7 18.60 -3.54 -41.28
CA LEU A 7 18.53 -4.03 -39.90
C LEU A 7 17.25 -4.83 -39.67
N PRO A 8 17.24 -5.65 -38.63
CA PRO A 8 16.08 -6.48 -38.27
C PRO A 8 14.92 -5.65 -37.75
N ALA A 9 13.73 -5.90 -38.30
CA ALA A 9 12.53 -5.18 -37.89
C ALA A 9 12.25 -5.36 -36.40
N SER A 10 12.55 -4.33 -35.61
CA SER A 10 12.35 -4.38 -34.18
C SER A 10 11.51 -3.20 -33.70
N THR A 11 10.20 -3.38 -33.67
CA THR A 11 9.29 -2.32 -33.25
C THR A 11 8.48 -2.76 -32.02
N SER A 12 8.48 -1.92 -31.00
CA SER A 12 7.74 -2.22 -29.77
C SER A 12 7.08 -0.95 -29.22
N THR A 13 6.20 -1.15 -28.24
CA THR A 13 5.49 -0.03 -27.63
C THR A 13 5.27 -0.27 -26.13
N PRO A 14 5.28 0.82 -25.35
CA PRO A 14 5.09 0.75 -23.90
C PRO A 14 3.66 0.37 -23.53
N GLN A 15 3.48 -0.13 -22.31
CA GLN A 15 2.17 -0.53 -21.82
C GLN A 15 1.41 0.67 -21.26
N PRO A 16 0.08 0.53 -21.16
CA PRO A 16 -0.79 1.59 -20.63
C PRO A 16 -0.61 1.79 -19.14
N ARG A 17 -0.72 3.04 -18.69
CA ARG A 17 -0.56 3.37 -17.28
C ARG A 17 -1.77 4.13 -16.77
N PRO A 18 -2.89 3.41 -16.59
CA PRO A 18 -4.15 3.99 -16.10
C PRO A 18 -4.06 4.40 -14.63
N GLU A 19 -5.12 5.01 -14.13
CA GLU A 19 -5.17 5.45 -12.73
C GLU A 19 -6.22 4.66 -11.95
N LYS A 20 -5.76 3.85 -11.02
CA LYS A 20 -6.64 3.04 -10.19
C LYS A 20 -6.62 3.50 -8.74
N PRO A 21 -7.66 3.13 -7.98
CA PRO A 21 -7.77 3.49 -6.57
C PRO A 21 -6.76 2.78 -5.69
N VAL A 22 -6.34 3.43 -4.62
CA VAL A 22 -5.37 2.85 -3.70
C VAL A 22 -6.05 2.28 -2.45
N TYR A 23 -5.91 0.97 -2.26
CA TYR A 23 -6.51 0.31 -1.12
C TYR A 23 -5.47 -0.49 -0.34
N LEU A 24 -5.38 -0.21 0.95
CA LEU A 24 -4.42 -0.90 1.82
C LEU A 24 -5.10 -2.01 2.61
N SER A 25 -4.42 -3.13 2.77
CA SER A 25 -4.96 -4.27 3.51
C SER A 25 -3.96 -4.76 4.54
N VAL A 26 -4.33 -4.69 5.81
CA VAL A 26 -3.47 -5.15 6.90
C VAL A 26 -4.10 -6.31 7.65
N LYS A 27 -3.25 -7.11 8.31
CA LYS A 27 -3.72 -8.25 9.08
C LYS A 27 -2.79 -8.54 10.25
N ALA A 28 -3.16 -9.52 11.06
CA ALA A 28 -2.36 -9.90 12.22
C ALA A 28 -2.03 -8.69 13.08
N ASP A 29 -1.10 -8.86 14.01
CA ASP A 29 -0.70 -7.78 14.91
C ASP A 29 -0.35 -6.53 14.11
N ASN A 30 0.31 -6.72 12.97
CA ASN A 30 0.70 -5.60 12.12
C ASN A 30 1.45 -6.09 10.88
N SER A 31 0.70 -6.36 9.81
CA SER A 31 1.30 -6.84 8.58
C SER A 31 0.48 -6.37 7.37
N MET A 32 1.15 -5.71 6.43
CA MET A 32 0.49 -5.22 5.23
C MET A 32 0.55 -6.25 4.11
N PHE A 33 -0.50 -6.31 3.29
CA PHE A 33 -0.57 -7.26 2.19
C PHE A 33 -1.33 -6.66 1.02
N ILE A 34 -0.61 -6.07 0.07
CA ILE A 34 -1.22 -5.46 -1.11
C ILE A 34 -1.50 -6.52 -2.18
N GLY A 35 -2.42 -6.19 -3.10
CA GLY A 35 -2.76 -7.11 -4.15
C GLY A 35 -1.54 -7.61 -4.90
N ASN A 36 -1.11 -8.82 -4.59
CA ASN A 36 0.05 -9.41 -5.24
C ASN A 36 1.31 -8.62 -4.92
N ASP A 37 1.28 -7.87 -3.83
CA ASP A 37 2.43 -7.07 -3.41
C ASP A 37 2.50 -6.97 -1.89
N PRO A 38 2.95 -8.06 -1.26
CA PRO A 38 3.08 -8.13 0.21
C PRO A 38 4.21 -7.24 0.73
N VAL A 39 3.97 -6.61 1.87
CA VAL A 39 4.95 -5.73 2.48
C VAL A 39 4.84 -5.73 4.00
N THR A 40 5.68 -4.94 4.65
CA THR A 40 5.66 -4.85 6.11
C THR A 40 5.51 -3.40 6.57
N ASP A 41 5.36 -3.21 7.88
CA ASP A 41 5.21 -1.87 8.44
C ASP A 41 6.53 -1.11 8.41
N GLU A 42 7.60 -1.81 8.05
CA GLU A 42 8.92 -1.21 7.97
C GLU A 42 9.21 -0.70 6.57
N THR A 43 8.63 -1.38 5.57
CA THR A 43 8.83 -1.00 4.18
C THR A 43 7.51 -0.55 3.54
N MET A 44 6.51 -0.31 4.37
CA MET A 44 5.20 0.12 3.90
C MET A 44 5.28 1.51 3.27
N ILE A 45 6.11 2.37 3.85
CA ILE A 45 6.28 3.73 3.35
C ILE A 45 7.06 3.74 2.05
N THR A 46 8.18 3.04 2.04
CA THR A 46 9.02 2.97 0.84
C THR A 46 8.27 2.34 -0.33
N ALA A 47 7.69 1.17 -0.09
CA ALA A 47 6.93 0.47 -1.13
C ALA A 47 5.75 1.30 -1.59
N LEU A 48 5.19 2.10 -0.69
CA LEU A 48 4.05 2.94 -1.02
C LEU A 48 4.41 3.96 -2.10
N ASN A 49 5.54 4.64 -1.92
CA ASN A 49 5.99 5.63 -2.88
C ASN A 49 6.37 4.98 -4.20
N ALA A 50 6.81 3.73 -4.13
CA ALA A 50 7.20 2.99 -5.32
C ALA A 50 5.97 2.42 -6.04
N LEU A 51 4.88 2.25 -5.30
CA LEU A 51 3.66 1.72 -5.85
C LEU A 51 2.78 2.84 -6.41
N THR A 52 2.53 3.85 -5.59
CA THR A 52 1.70 4.98 -6.00
C THR A 52 2.56 6.11 -6.55
N GLU A 53 3.80 5.79 -6.89
CA GLU A 53 4.73 6.79 -7.43
C GLU A 53 4.80 8.01 -6.52
N GLY A 54 4.60 7.79 -5.22
CA GLY A 54 4.65 8.88 -4.27
C GLY A 54 3.48 9.84 -4.43
N LYS A 55 2.34 9.31 -4.84
CA LYS A 55 1.13 10.13 -5.04
C LYS A 55 0.23 10.07 -3.80
N LYS A 56 0.13 11.20 -3.10
CA LYS A 56 -0.71 11.28 -1.91
C LYS A 56 -2.08 11.84 -2.25
N ASP A 57 -2.14 12.65 -3.29
CA ASP A 57 -3.40 13.26 -3.72
C ASP A 57 -4.49 12.19 -3.88
N THR A 58 -4.08 10.99 -4.25
CA THR A 58 -5.01 9.88 -4.44
C THR A 58 -5.53 9.36 -3.10
N THR A 59 -6.84 9.38 -2.95
CA THR A 59 -7.47 8.91 -1.71
C THR A 59 -7.15 7.42 -1.48
N ILE A 60 -6.60 7.13 -0.30
CA ILE A 60 -6.26 5.75 0.05
C ILE A 60 -7.08 5.27 1.24
N PHE A 61 -7.78 4.16 1.07
CA PHE A 61 -8.60 3.61 2.15
C PHE A 61 -7.78 2.66 3.01
N PHE A 62 -7.79 2.91 4.32
CA PHE A 62 -7.04 2.08 5.25
C PHE A 62 -7.92 0.96 5.81
N ARG A 63 -7.72 -0.24 5.30
CA ARG A 63 -8.50 -1.40 5.74
C ARG A 63 -7.61 -2.38 6.51
N ALA A 64 -7.87 -2.52 7.80
CA ALA A 64 -7.10 -3.42 8.65
C ALA A 64 -8.02 -4.35 9.42
N ASP A 65 -7.53 -5.55 9.71
CA ASP A 65 -8.30 -6.54 10.45
C ASP A 65 -8.86 -5.94 11.73
N LYS A 66 -9.92 -6.56 12.26
CA LYS A 66 -10.55 -6.09 13.49
C LYS A 66 -9.75 -6.54 14.71
N THR A 67 -8.69 -7.30 14.47
CA THR A 67 -7.85 -7.79 15.55
C THR A 67 -6.64 -6.88 15.76
N VAL A 68 -6.83 -5.59 15.51
CA VAL A 68 -5.75 -4.62 15.67
C VAL A 68 -5.80 -3.97 17.04
N ASP A 69 -4.63 -3.70 17.61
CA ASP A 69 -4.54 -3.08 18.92
C ASP A 69 -4.45 -1.56 18.81
N TYR A 70 -4.72 -0.87 19.92
CA TYR A 70 -4.68 0.59 19.93
C TYR A 70 -3.26 1.10 19.71
N GLU A 71 -2.28 0.33 20.19
CA GLU A 71 -0.88 0.71 20.05
C GLU A 71 -0.44 0.62 18.58
N THR A 72 -1.12 -0.23 17.82
CA THR A 72 -0.79 -0.41 16.41
C THR A 72 -1.32 0.75 15.58
N LEU A 73 -2.60 1.05 15.72
CA LEU A 73 -3.23 2.14 14.98
C LEU A 73 -2.58 3.48 15.33
N MET A 74 -2.03 3.57 16.54
CA MET A 74 -1.38 4.79 16.99
C MET A 74 -0.01 4.95 16.32
N LYS A 75 0.75 3.86 16.26
CA LYS A 75 2.06 3.88 15.65
C LYS A 75 1.97 4.19 14.16
N VAL A 76 1.08 3.50 13.47
CA VAL A 76 0.88 3.71 12.04
C VAL A 76 0.35 5.11 11.74
N MET A 77 -0.44 5.64 12.68
CA MET A 77 -1.01 6.97 12.52
C MET A 77 0.08 8.02 12.40
N ASP A 78 1.01 8.02 13.35
CA ASP A 78 2.11 8.97 13.36
C ASP A 78 2.92 8.86 12.07
N THR A 79 3.25 7.62 11.69
CA THR A 79 4.03 7.37 10.49
C THR A 79 3.29 7.86 9.25
N LEU A 80 2.00 7.56 9.16
CA LEU A 80 1.18 7.96 8.03
C LEU A 80 1.33 9.46 7.76
N HIS A 81 1.21 10.25 8.83
CA HIS A 81 1.32 11.70 8.71
C HIS A 81 2.78 12.10 8.46
N GLN A 82 3.71 11.35 9.03
CA GLN A 82 5.12 11.64 8.87
C GLN A 82 5.52 11.64 7.40
N ALA A 83 4.88 10.77 6.61
CA ALA A 83 5.16 10.68 5.18
C ALA A 83 4.12 11.43 4.38
N GLY A 84 3.27 12.19 5.06
CA GLY A 84 2.24 12.95 4.38
C GLY A 84 0.87 12.31 4.51
N TYR A 85 0.30 11.90 3.38
CA TYR A 85 -1.01 11.28 3.37
C TYR A 85 -2.02 12.11 4.15
N LEU A 86 -2.65 13.07 3.48
CA LEU A 86 -3.64 13.93 4.10
C LEU A 86 -5.04 13.61 3.61
N LYS A 87 -5.15 12.53 2.83
CA LYS A 87 -6.44 12.12 2.29
C LYS A 87 -6.58 10.60 2.32
N ILE A 88 -6.81 10.05 3.50
CA ILE A 88 -6.97 8.61 3.65
C ILE A 88 -8.38 8.25 4.11
N GLY A 89 -9.08 7.49 3.27
CA GLY A 89 -10.43 7.08 3.61
C GLY A 89 -10.47 6.04 4.72
N LEU A 90 -11.50 6.12 5.56
CA LEU A 90 -11.65 5.19 6.67
C LEU A 90 -12.72 4.15 6.36
N VAL A 91 -12.31 3.03 5.78
CA VAL A 91 -13.23 1.95 5.45
C VAL A 91 -13.96 1.44 6.68
N GLY A 92 -15.25 1.17 6.53
CA GLY A 92 -16.03 0.68 7.64
C GLY A 92 -17.30 1.47 7.85
N GLU A 93 -18.45 0.82 7.72
CA GLU A 93 -19.74 1.48 7.90
C GLU A 93 -20.58 0.77 8.95
N GLU A 94 -19.94 0.40 10.06
CA GLU A 94 -20.63 -0.30 11.14
C GLU A 94 -19.90 -0.11 12.46
N THR A 95 -20.42 0.79 13.29
CA THR A 95 -19.81 1.07 14.59
C THR A 95 -20.73 0.62 15.74
N ALA A 96 -20.27 0.83 16.97
CA ALA A 96 -21.05 0.46 18.14
C ALA A 96 -20.63 1.27 19.36
N LYS A 97 -21.40 1.15 20.44
CA LYS A 97 -21.10 1.87 21.67
C LYS A 97 -20.89 0.90 22.83
N ALA A 98 -19.87 1.16 23.63
CA ALA A 98 -19.56 0.31 24.77
C ALA A 98 -20.17 0.88 26.06
N LYS A 99 -20.06 0.12 27.14
CA LYS A 99 -20.60 0.55 28.43
C LYS A 99 -20.14 -0.39 29.55
N MET A 1 8.50 -32.66 -53.59
CA MET A 1 7.25 -32.77 -54.32
C MET A 1 6.32 -31.59 -54.00
N ASP A 2 6.34 -31.15 -52.75
CA ASP A 2 5.52 -30.02 -52.33
C ASP A 2 5.88 -29.59 -50.91
N VAL A 3 6.21 -28.31 -50.75
CA VAL A 3 6.58 -27.77 -49.45
C VAL A 3 5.99 -26.38 -49.25
N LYS A 4 5.64 -26.07 -48.00
CA LYS A 4 5.06 -24.77 -47.67
C LYS A 4 5.59 -24.26 -46.34
N VAL A 5 6.59 -23.40 -46.39
CA VAL A 5 7.18 -22.83 -45.19
C VAL A 5 6.17 -22.01 -44.40
N ASN A 6 6.18 -22.18 -43.08
CA ASN A 6 5.26 -21.45 -42.21
C ASN A 6 6.01 -20.70 -41.12
N LEU A 7 5.51 -19.54 -40.76
CA LEU A 7 6.13 -18.72 -39.72
C LEU A 7 5.11 -17.80 -39.06
N PRO A 8 4.21 -18.40 -38.25
CA PRO A 8 3.16 -17.65 -37.55
C PRO A 8 3.73 -16.78 -36.42
N ALA A 9 3.03 -15.69 -36.12
CA ALA A 9 3.46 -14.78 -35.07
C ALA A 9 2.44 -13.66 -34.86
N SER A 10 1.49 -13.91 -33.97
CA SER A 10 0.45 -12.92 -33.68
C SER A 10 0.20 -12.81 -32.18
N THR A 11 -0.52 -11.78 -31.77
CA THR A 11 -0.83 -11.56 -30.36
C THR A 11 0.44 -11.62 -29.52
N SER A 12 1.52 -11.06 -30.04
CA SER A 12 2.80 -11.06 -29.33
C SER A 12 3.11 -9.67 -28.78
N THR A 13 2.06 -8.93 -28.45
CA THR A 13 2.21 -7.58 -27.91
C THR A 13 2.23 -7.59 -26.39
N PRO A 14 2.78 -6.53 -25.79
CA PRO A 14 2.87 -6.39 -24.33
C PRO A 14 1.49 -6.18 -23.68
N GLN A 15 1.21 -6.94 -22.63
CA GLN A 15 -0.05 -6.83 -21.93
C GLN A 15 -0.32 -5.38 -21.50
N PRO A 16 -1.59 -5.06 -21.22
CA PRO A 16 -2.00 -3.73 -20.79
C PRO A 16 -1.50 -3.39 -19.39
N ARG A 17 -1.42 -2.09 -19.11
CA ARG A 17 -0.95 -1.64 -17.80
C ARG A 17 -1.90 -0.59 -17.22
N PRO A 18 -3.09 -1.04 -16.79
CA PRO A 18 -4.11 -0.16 -16.21
C PRO A 18 -3.71 0.38 -14.84
N GLU A 19 -4.59 1.14 -14.23
CA GLU A 19 -4.33 1.72 -12.91
C GLU A 19 -5.44 1.36 -11.93
N LYS A 20 -5.07 1.12 -10.67
CA LYS A 20 -6.03 0.77 -9.64
C LYS A 20 -5.83 1.63 -8.40
N PRO A 21 -6.89 1.76 -7.58
CA PRO A 21 -6.86 2.56 -6.35
C PRO A 21 -5.98 1.91 -5.28
N VAL A 22 -5.45 2.75 -4.39
CA VAL A 22 -4.58 2.27 -3.31
C VAL A 22 -5.41 1.81 -2.12
N TYR A 23 -5.24 0.55 -1.74
CA TYR A 23 -5.97 -0.02 -0.61
C TYR A 23 -5.02 -0.76 0.33
N LEU A 24 -4.91 -0.26 1.56
CA LEU A 24 -4.05 -0.87 2.56
C LEU A 24 -4.81 -1.92 3.37
N SER A 25 -4.11 -3.00 3.72
CA SER A 25 -4.72 -4.07 4.49
C SER A 25 -3.74 -4.65 5.49
N VAL A 26 -4.12 -4.62 6.77
CA VAL A 26 -3.27 -5.15 7.83
C VAL A 26 -3.95 -6.28 8.58
N LYS A 27 -3.16 -7.28 8.98
CA LYS A 27 -3.69 -8.43 9.71
C LYS A 27 -2.57 -9.14 10.47
N ALA A 28 -2.96 -9.87 11.51
CA ALA A 28 -1.99 -10.61 12.32
C ALA A 28 -0.92 -9.67 12.88
N ASP A 29 -1.14 -9.19 14.09
CA ASP A 29 -0.19 -8.29 14.73
C ASP A 29 -0.16 -6.93 14.03
N ASN A 30 0.49 -6.89 12.87
CA ASN A 30 0.60 -5.65 12.11
C ASN A 30 1.30 -5.90 10.77
N SER A 31 1.01 -7.04 10.16
CA SER A 31 1.61 -7.40 8.87
C SER A 31 0.72 -6.97 7.72
N MET A 32 1.19 -6.00 6.94
CA MET A 32 0.44 -5.49 5.79
C MET A 32 0.47 -6.49 4.65
N PHE A 33 -0.66 -6.61 3.94
CA PHE A 33 -0.75 -7.53 2.82
C PHE A 33 -1.75 -7.02 1.78
N ILE A 34 -1.23 -6.32 0.77
CA ILE A 34 -2.07 -5.78 -0.29
C ILE A 34 -2.35 -6.82 -1.35
N GLY A 35 -3.39 -6.59 -2.15
CA GLY A 35 -3.75 -7.52 -3.21
C GLY A 35 -2.58 -7.85 -4.11
N ASN A 36 -1.96 -9.00 -3.88
CA ASN A 36 -0.82 -9.42 -4.67
C ASN A 36 0.36 -8.47 -4.49
N ASP A 37 0.39 -7.76 -3.36
CA ASP A 37 1.45 -6.82 -3.07
C ASP A 37 1.67 -6.70 -1.57
N PRO A 38 2.32 -7.71 -0.98
CA PRO A 38 2.61 -7.74 0.46
C PRO A 38 3.66 -6.71 0.86
N VAL A 39 3.47 -6.11 2.04
CA VAL A 39 4.40 -5.11 2.54
C VAL A 39 4.40 -5.07 4.06
N THR A 40 5.19 -4.17 4.63
CA THR A 40 5.28 -4.03 6.07
C THR A 40 5.18 -2.56 6.49
N ASP A 41 4.97 -2.33 7.78
CA ASP A 41 4.85 -0.98 8.31
C ASP A 41 6.16 -0.21 8.14
N GLU A 42 7.24 -0.94 7.90
CA GLU A 42 8.55 -0.33 7.73
C GLU A 42 8.77 0.07 6.27
N THR A 43 8.52 -0.87 5.36
CA THR A 43 8.70 -0.62 3.94
C THR A 43 7.41 -0.12 3.30
N MET A 44 6.46 0.29 4.15
CA MET A 44 5.19 0.81 3.67
C MET A 44 5.38 2.07 2.83
N ILE A 45 6.14 3.02 3.37
CA ILE A 45 6.41 4.27 2.67
C ILE A 45 7.18 4.02 1.39
N THR A 46 8.26 3.25 1.48
CA THR A 46 9.09 2.94 0.33
C THR A 46 8.27 2.28 -0.77
N ALA A 47 7.54 1.22 -0.42
CA ALA A 47 6.71 0.50 -1.37
C ALA A 47 5.64 1.42 -1.96
N LEU A 48 4.98 2.18 -1.11
CA LEU A 48 3.93 3.10 -1.54
C LEU A 48 4.48 4.12 -2.53
N ASN A 49 5.57 4.78 -2.14
CA ASN A 49 6.19 5.78 -3.00
C ASN A 49 6.54 5.20 -4.36
N ALA A 50 6.82 3.90 -4.39
CA ALA A 50 7.17 3.22 -5.63
C ALA A 50 5.92 2.85 -6.43
N LEU A 51 4.79 2.78 -5.73
CA LEU A 51 3.52 2.44 -6.38
C LEU A 51 2.82 3.70 -6.90
N THR A 52 2.65 4.67 -6.01
CA THR A 52 1.99 5.92 -6.38
C THR A 52 3.01 6.97 -6.79
N GLU A 53 4.23 6.54 -7.07
CA GLU A 53 5.30 7.44 -7.48
C GLU A 53 5.51 8.54 -6.43
N GLY A 54 5.13 8.23 -5.19
CA GLY A 54 5.29 9.21 -4.12
C GLY A 54 4.17 10.23 -4.08
N LYS A 55 3.03 9.88 -4.70
CA LYS A 55 1.88 10.77 -4.74
C LYS A 55 0.87 10.40 -3.66
N LYS A 56 0.82 11.19 -2.59
CA LYS A 56 -0.10 10.94 -1.48
C LYS A 56 -1.41 11.69 -1.71
N ASP A 57 -1.56 12.30 -2.88
CA ASP A 57 -2.77 13.04 -3.22
C ASP A 57 -3.92 12.10 -3.53
N THR A 58 -3.59 10.88 -3.94
CA THR A 58 -4.59 9.88 -4.28
C THR A 58 -5.24 9.31 -3.03
N THR A 59 -6.55 9.06 -3.10
CA THR A 59 -7.29 8.52 -1.97
C THR A 59 -6.85 7.09 -1.66
N ILE A 60 -6.49 6.85 -0.40
CA ILE A 60 -6.05 5.52 0.02
C ILE A 60 -6.87 5.04 1.20
N PHE A 61 -7.53 3.89 1.03
CA PHE A 61 -8.36 3.30 2.08
C PHE A 61 -7.50 2.51 3.06
N PHE A 62 -7.76 2.70 4.35
CA PHE A 62 -7.01 2.00 5.39
C PHE A 62 -7.85 0.89 6.02
N ARG A 63 -7.58 -0.34 5.63
CA ARG A 63 -8.31 -1.49 6.15
C ARG A 63 -7.54 -2.16 7.29
N ALA A 64 -8.07 -2.05 8.50
CA ALA A 64 -7.43 -2.65 9.66
C ALA A 64 -8.16 -3.92 10.11
N ASP A 65 -7.41 -4.99 10.32
CA ASP A 65 -7.98 -6.26 10.73
C ASP A 65 -8.87 -6.07 11.97
N LYS A 66 -9.79 -7.01 12.18
CA LYS A 66 -10.70 -6.94 13.32
C LYS A 66 -9.97 -7.26 14.62
N THR A 67 -8.81 -7.91 14.50
CA THR A 67 -8.02 -8.27 15.67
C THR A 67 -6.83 -7.32 15.84
N VAL A 68 -7.03 -6.06 15.45
CA VAL A 68 -5.98 -5.06 15.56
C VAL A 68 -6.08 -4.30 16.87
N ASP A 69 -4.93 -3.95 17.45
CA ASP A 69 -4.89 -3.23 18.70
C ASP A 69 -4.79 -1.72 18.45
N TYR A 70 -5.15 -0.93 19.46
CA TYR A 70 -5.09 0.52 19.35
C TYR A 70 -3.66 1.00 19.19
N GLU A 71 -2.72 0.26 19.76
CA GLU A 71 -1.30 0.61 19.67
C GLU A 71 -0.79 0.41 18.25
N THR A 72 -1.40 -0.51 17.51
CA THR A 72 -1.00 -0.79 16.14
C THR A 72 -1.48 0.29 15.19
N LEU A 73 -2.78 0.61 15.26
CA LEU A 73 -3.36 1.64 14.41
C LEU A 73 -2.74 3.00 14.70
N MET A 74 -2.25 3.17 15.93
CA MET A 74 -1.63 4.43 16.34
C MET A 74 -0.23 4.56 15.75
N LYS A 75 0.52 3.47 15.75
CA LYS A 75 1.87 3.47 15.21
C LYS A 75 1.87 3.81 13.72
N VAL A 76 0.94 3.22 12.98
CA VAL A 76 0.83 3.47 11.54
C VAL A 76 0.30 4.87 11.28
N MET A 77 -0.56 5.36 12.16
CA MET A 77 -1.13 6.69 12.02
C MET A 77 -0.04 7.75 11.98
N ASP A 78 0.94 7.63 12.87
CA ASP A 78 2.04 8.58 12.94
C ASP A 78 2.99 8.40 11.74
N THR A 79 3.21 7.15 11.37
CA THR A 79 4.09 6.85 10.24
C THR A 79 3.64 7.57 8.98
N LEU A 80 2.38 7.38 8.61
CA LEU A 80 1.82 8.01 7.43
C LEU A 80 1.69 9.53 7.62
N HIS A 81 1.51 9.94 8.87
CA HIS A 81 1.38 11.35 9.19
C HIS A 81 2.65 12.11 8.85
N GLN A 82 3.79 11.45 9.03
CA GLN A 82 5.08 12.08 8.74
C GLN A 82 5.39 12.01 7.25
N ALA A 83 4.81 11.02 6.57
CA ALA A 83 5.03 10.85 5.14
C ALA A 83 3.96 11.57 4.33
N GLY A 84 3.24 12.48 4.99
CA GLY A 84 2.19 13.22 4.31
C GLY A 84 0.84 12.55 4.42
N TYR A 85 0.34 12.05 3.29
CA TYR A 85 -0.95 11.38 3.26
C TYR A 85 -2.02 12.22 3.95
N LEU A 86 -2.65 13.11 3.19
CA LEU A 86 -3.70 13.97 3.73
C LEU A 86 -5.06 13.59 3.18
N LYS A 87 -5.11 12.49 2.43
CA LYS A 87 -6.35 12.01 1.85
C LYS A 87 -6.46 10.50 1.94
N ILE A 88 -6.73 10.00 3.14
CA ILE A 88 -6.87 8.57 3.37
C ILE A 88 -8.29 8.20 3.78
N GLY A 89 -8.94 7.39 2.96
CA GLY A 89 -10.30 6.97 3.25
C GLY A 89 -10.37 5.99 4.41
N LEU A 90 -11.41 6.10 5.21
CA LEU A 90 -11.59 5.22 6.36
C LEU A 90 -12.66 4.16 6.07
N VAL A 91 -12.22 3.00 5.61
CA VAL A 91 -13.13 1.90 5.30
C VAL A 91 -13.93 1.50 6.53
N GLY A 92 -15.21 1.17 6.31
CA GLY A 92 -16.06 0.77 7.41
C GLY A 92 -16.63 1.94 8.17
N GLU A 93 -17.59 2.65 7.55
CA GLU A 93 -18.21 3.81 8.17
C GLU A 93 -19.44 3.39 8.98
N GLU A 94 -19.22 2.61 10.03
CA GLU A 94 -20.31 2.15 10.88
C GLU A 94 -19.91 2.21 12.36
N THR A 95 -20.81 2.72 13.18
CA THR A 95 -20.56 2.83 14.61
C THR A 95 -21.49 1.93 15.42
N ALA A 96 -21.09 1.61 16.64
CA ALA A 96 -21.88 0.75 17.50
C ALA A 96 -21.47 0.90 18.97
N LYS A 97 -22.09 0.11 19.84
CA LYS A 97 -21.78 0.17 21.26
C LYS A 97 -22.12 1.53 21.85
N ALA A 98 -23.25 1.63 22.53
CA ALA A 98 -23.68 2.88 23.14
C ALA A 98 -24.78 2.63 24.16
N LYS A 99 -24.52 3.01 25.41
CA LYS A 99 -25.49 2.83 26.48
C LYS A 99 -24.98 3.44 27.78
N MET A 1 46.63 14.01 -13.96
CA MET A 1 45.91 12.75 -13.81
C MET A 1 44.94 12.53 -14.97
N ASP A 2 45.29 11.60 -15.86
CA ASP A 2 44.45 11.30 -17.02
C ASP A 2 43.25 10.45 -16.62
N VAL A 3 42.09 10.75 -17.20
CA VAL A 3 40.87 10.01 -16.89
C VAL A 3 39.93 10.00 -18.09
N LYS A 4 39.04 9.01 -18.13
CA LYS A 4 38.08 8.89 -19.21
C LYS A 4 36.78 8.26 -18.72
N VAL A 5 35.66 8.85 -19.12
CA VAL A 5 34.35 8.35 -18.73
C VAL A 5 33.42 8.22 -19.93
N ASN A 6 32.23 7.68 -19.69
CA ASN A 6 31.25 7.49 -20.76
C ASN A 6 29.86 7.91 -20.30
N LEU A 7 29.27 8.88 -20.99
CA LEU A 7 27.94 9.36 -20.64
C LEU A 7 26.88 8.35 -21.05
N PRO A 8 25.68 8.48 -20.44
CA PRO A 8 24.55 7.58 -20.72
C PRO A 8 23.98 7.79 -22.12
N ALA A 9 22.86 7.13 -22.40
CA ALA A 9 22.21 7.25 -23.70
C ALA A 9 20.91 6.46 -23.73
N SER A 10 20.26 6.44 -24.89
CA SER A 10 18.99 5.74 -25.05
C SER A 10 17.92 6.33 -24.17
N THR A 11 16.66 6.00 -24.46
CA THR A 11 15.53 6.52 -23.68
C THR A 11 14.31 5.64 -23.87
N SER A 12 13.23 5.99 -23.15
CA SER A 12 11.98 5.23 -23.25
C SER A 12 10.79 6.10 -22.85
N THR A 13 9.62 5.75 -23.37
CA THR A 13 8.40 6.49 -23.07
C THR A 13 7.16 5.64 -23.32
N PRO A 14 6.92 4.67 -22.42
CA PRO A 14 5.77 3.77 -22.52
C PRO A 14 4.45 4.49 -22.25
N GLN A 15 3.37 3.73 -22.17
CA GLN A 15 2.05 4.28 -21.92
C GLN A 15 1.26 3.40 -20.95
N PRO A 16 1.66 3.42 -19.67
CA PRO A 16 1.01 2.63 -18.62
C PRO A 16 -0.39 3.16 -18.29
N ARG A 17 -1.00 2.58 -17.27
CA ARG A 17 -2.34 2.99 -16.85
C ARG A 17 -2.31 3.57 -15.44
N PRO A 18 -1.76 4.80 -15.33
CA PRO A 18 -1.67 5.50 -14.04
C PRO A 18 -3.02 5.95 -13.52
N GLU A 19 -3.02 6.64 -12.38
CA GLU A 19 -4.26 7.13 -11.78
C GLU A 19 -5.18 5.97 -11.44
N LYS A 20 -5.02 5.41 -10.25
CA LYS A 20 -5.84 4.29 -9.81
C LYS A 20 -6.06 4.35 -8.29
N PRO A 21 -7.09 3.64 -7.82
CA PRO A 21 -7.44 3.60 -6.40
C PRO A 21 -6.42 2.82 -5.58
N VAL A 22 -6.19 3.26 -4.35
CA VAL A 22 -5.24 2.60 -3.47
C VAL A 22 -5.93 2.01 -2.25
N TYR A 23 -5.77 0.70 -2.07
CA TYR A 23 -6.39 0.00 -0.94
C TYR A 23 -5.35 -0.80 -0.17
N LEU A 24 -5.29 -0.57 1.13
CA LEU A 24 -4.34 -1.27 2.00
C LEU A 24 -5.04 -2.37 2.79
N SER A 25 -4.36 -3.50 2.94
CA SER A 25 -4.91 -4.63 3.67
C SER A 25 -3.93 -5.13 4.73
N VAL A 26 -4.31 -5.02 5.99
CA VAL A 26 -3.47 -5.46 7.10
C VAL A 26 -4.15 -6.54 7.91
N LYS A 27 -3.39 -7.55 8.32
CA LYS A 27 -3.91 -8.65 9.12
C LYS A 27 -2.79 -9.47 9.74
N ALA A 28 -3.06 -10.04 10.90
CA ALA A 28 -2.06 -10.85 11.61
C ALA A 28 -0.84 -10.02 11.98
N ASP A 29 -0.74 -9.64 13.24
CA ASP A 29 0.38 -8.85 13.72
C ASP A 29 0.50 -7.55 12.94
N ASN A 30 -0.62 -7.10 12.37
CA ASN A 30 -0.64 -5.87 11.58
C ASN A 30 0.27 -5.98 10.36
N SER A 31 0.19 -7.11 9.67
CA SER A 31 1.00 -7.35 8.48
C SER A 31 0.26 -6.91 7.22
N MET A 32 0.88 -6.01 6.46
CA MET A 32 0.28 -5.51 5.23
C MET A 32 0.48 -6.50 4.09
N PHE A 33 -0.58 -6.71 3.31
CA PHE A 33 -0.52 -7.63 2.18
C PHE A 33 -1.37 -7.12 1.02
N ILE A 34 -0.72 -6.42 0.09
CA ILE A 34 -1.42 -5.89 -1.08
C ILE A 34 -1.60 -6.96 -2.15
N GLY A 35 -2.56 -6.72 -3.05
CA GLY A 35 -2.80 -7.67 -4.12
C GLY A 35 -1.55 -8.02 -4.89
N ASN A 36 -0.98 -9.18 -4.58
CA ASN A 36 0.23 -9.65 -5.24
C ASN A 36 1.41 -8.71 -4.95
N ASP A 37 1.29 -7.97 -3.84
CA ASP A 37 2.35 -7.04 -3.45
C ASP A 37 2.43 -6.94 -1.93
N PRO A 38 3.03 -7.98 -1.30
CA PRO A 38 3.20 -8.03 0.15
C PRO A 38 4.21 -7.02 0.66
N VAL A 39 3.89 -6.37 1.77
CA VAL A 39 4.78 -5.37 2.37
C VAL A 39 4.70 -5.41 3.89
N THR A 40 5.47 -4.54 4.53
CA THR A 40 5.49 -4.47 5.99
C THR A 40 5.35 -3.03 6.47
N ASP A 41 5.23 -2.85 7.78
CA ASP A 41 5.09 -1.53 8.37
C ASP A 41 6.41 -0.77 8.32
N GLU A 42 7.48 -1.47 7.93
CA GLU A 42 8.80 -0.87 7.84
C GLU A 42 9.08 -0.40 6.41
N THR A 43 8.55 -1.12 5.43
CA THR A 43 8.75 -0.78 4.03
C THR A 43 7.45 -0.32 3.39
N MET A 44 6.46 -0.02 4.22
CA MET A 44 5.15 0.43 3.73
C MET A 44 5.29 1.74 2.97
N ILE A 45 6.22 2.58 3.40
CA ILE A 45 6.45 3.87 2.75
C ILE A 45 7.17 3.69 1.42
N THR A 46 8.28 2.95 1.45
CA THR A 46 9.06 2.71 0.24
C THR A 46 8.19 2.13 -0.87
N ALA A 47 7.43 1.10 -0.54
CA ALA A 47 6.55 0.46 -1.51
C ALA A 47 5.50 1.44 -2.04
N LEU A 48 4.77 2.05 -1.13
CA LEU A 48 3.73 3.02 -1.50
C LEU A 48 4.30 4.09 -2.43
N ASN A 49 5.41 4.69 -2.03
CA ASN A 49 6.05 5.73 -2.83
C ASN A 49 6.39 5.21 -4.22
N ALA A 50 6.66 3.91 -4.31
CA ALA A 50 7.00 3.28 -5.59
C ALA A 50 5.80 3.27 -6.52
N LEU A 51 4.74 2.57 -6.11
CA LEU A 51 3.53 2.49 -6.92
C LEU A 51 2.90 3.86 -7.13
N THR A 52 2.66 4.57 -6.02
CA THR A 52 2.07 5.90 -6.08
C THR A 52 3.00 6.88 -6.77
N GLU A 53 4.28 6.54 -6.83
CA GLU A 53 5.27 7.40 -7.47
C GLU A 53 5.40 8.73 -6.73
N GLY A 54 5.07 8.72 -5.44
CA GLY A 54 5.14 9.93 -4.65
C GLY A 54 3.83 10.67 -4.58
N LYS A 55 2.73 9.93 -4.70
CA LYS A 55 1.40 10.52 -4.65
C LYS A 55 0.62 10.02 -3.43
N LYS A 56 0.49 10.87 -2.43
CA LYS A 56 -0.23 10.52 -1.21
C LYS A 56 -1.65 11.08 -1.24
N ASP A 57 -1.84 12.15 -1.99
CA ASP A 57 -3.15 12.79 -2.10
C ASP A 57 -4.22 11.77 -2.48
N THR A 58 -3.84 10.78 -3.29
CA THR A 58 -4.75 9.75 -3.73
C THR A 58 -5.46 9.11 -2.54
N THR A 59 -6.79 9.05 -2.60
CA THR A 59 -7.58 8.46 -1.54
C THR A 59 -7.17 7.03 -1.27
N ILE A 60 -6.62 6.78 -0.08
CA ILE A 60 -6.18 5.45 0.30
C ILE A 60 -6.99 4.91 1.49
N PHE A 61 -7.76 3.85 1.24
CA PHE A 61 -8.58 3.25 2.28
C PHE A 61 -7.75 2.31 3.15
N PHE A 62 -7.76 2.55 4.45
CA PHE A 62 -7.01 1.73 5.39
C PHE A 62 -7.88 0.62 5.95
N ARG A 63 -7.67 -0.60 5.44
CA ARG A 63 -8.45 -1.75 5.89
C ARG A 63 -7.56 -2.72 6.67
N ALA A 64 -7.82 -2.84 7.97
CA ALA A 64 -7.06 -3.73 8.83
C ALA A 64 -7.97 -4.67 9.60
N ASP A 65 -7.39 -5.70 10.20
CA ASP A 65 -8.15 -6.68 10.97
C ASP A 65 -8.88 -6.00 12.13
N LYS A 66 -9.93 -6.65 12.62
CA LYS A 66 -10.72 -6.11 13.72
C LYS A 66 -10.01 -6.34 15.05
N THR A 67 -8.88 -7.03 15.00
CA THR A 67 -8.11 -7.32 16.21
C THR A 67 -7.00 -6.29 16.41
N VAL A 68 -7.26 -5.06 15.99
CA VAL A 68 -6.29 -3.98 16.12
C VAL A 68 -6.52 -3.19 17.41
N ASP A 69 -5.43 -2.75 18.03
CA ASP A 69 -5.52 -1.99 19.27
C ASP A 69 -5.26 -0.50 19.01
N TYR A 70 -5.51 0.32 20.03
CA TYR A 70 -5.31 1.76 19.90
C TYR A 70 -3.85 2.09 19.71
N GLU A 71 -2.97 1.29 20.30
CA GLU A 71 -1.54 1.51 20.19
C GLU A 71 -1.05 1.23 18.77
N THR A 72 -1.77 0.35 18.07
CA THR A 72 -1.41 0.00 16.70
C THR A 72 -1.77 1.12 15.72
N LEU A 73 -3.02 1.57 15.80
CA LEU A 73 -3.50 2.64 14.92
C LEU A 73 -2.73 3.93 15.19
N MET A 74 -2.21 4.07 16.40
CA MET A 74 -1.46 5.25 16.78
C MET A 74 -0.06 5.23 16.17
N LYS A 75 0.56 4.06 16.17
CA LYS A 75 1.89 3.90 15.61
C LYS A 75 1.91 4.20 14.11
N VAL A 76 0.91 3.69 13.40
CA VAL A 76 0.79 3.91 11.97
C VAL A 76 0.41 5.35 11.67
N MET A 77 -0.35 5.96 12.57
CA MET A 77 -0.78 7.34 12.40
C MET A 77 0.42 8.28 12.33
N ASP A 78 1.39 8.06 13.20
CA ASP A 78 2.59 8.89 13.24
C ASP A 78 3.47 8.63 12.02
N THR A 79 3.60 7.35 11.65
CA THR A 79 4.41 6.97 10.51
C THR A 79 3.92 7.62 9.23
N LEU A 80 2.63 7.44 8.94
CA LEU A 80 2.02 8.01 7.75
C LEU A 80 1.98 9.54 7.83
N HIS A 81 1.92 10.05 9.05
CA HIS A 81 1.88 11.49 9.28
C HIS A 81 3.12 12.16 8.70
N GLN A 82 4.29 11.62 9.02
CA GLN A 82 5.56 12.17 8.54
C GLN A 82 5.70 11.94 7.03
N ALA A 83 5.02 10.93 6.52
CA ALA A 83 5.08 10.61 5.11
C ALA A 83 3.95 11.29 4.34
N GLY A 84 3.34 12.29 4.97
CA GLY A 84 2.25 13.02 4.34
C GLY A 84 0.90 12.35 4.57
N TYR A 85 0.33 11.82 3.49
CA TYR A 85 -0.97 11.16 3.58
C TYR A 85 -1.99 12.04 4.30
N LEU A 86 -2.67 12.89 3.53
CA LEU A 86 -3.68 13.79 4.09
C LEU A 86 -5.07 13.43 3.59
N LYS A 87 -5.15 12.34 2.84
CA LYS A 87 -6.43 11.88 2.30
C LYS A 87 -6.53 10.35 2.35
N ILE A 88 -6.76 9.82 3.55
CA ILE A 88 -6.88 8.39 3.73
C ILE A 88 -8.30 8.00 4.12
N GLY A 89 -8.94 7.19 3.27
CA GLY A 89 -10.30 6.76 3.55
C GLY A 89 -10.36 5.75 4.69
N LEU A 90 -11.50 5.72 5.38
CA LEU A 90 -11.68 4.81 6.50
C LEU A 90 -12.73 3.75 6.16
N VAL A 91 -12.28 2.61 5.66
CA VAL A 91 -13.17 1.52 5.29
C VAL A 91 -13.98 1.05 6.49
N GLY A 92 -15.23 0.67 6.25
CA GLY A 92 -16.08 0.20 7.33
C GLY A 92 -16.87 1.33 7.98
N GLU A 93 -18.11 1.52 7.51
CA GLU A 93 -18.97 2.57 8.06
C GLU A 93 -19.05 2.48 9.57
N GLU A 94 -19.81 1.52 10.07
CA GLU A 94 -19.98 1.33 11.51
C GLU A 94 -20.51 2.60 12.16
N THR A 95 -21.57 3.15 11.59
CA THR A 95 -22.18 4.37 12.12
C THR A 95 -23.37 4.05 13.01
N ALA A 96 -23.23 3.01 13.83
CA ALA A 96 -24.30 2.60 14.73
C ALA A 96 -23.73 1.97 16.00
N LYS A 97 -24.17 2.47 17.15
CA LYS A 97 -23.70 1.95 18.44
C LYS A 97 -24.78 2.10 19.50
N ALA A 98 -24.99 1.03 20.28
CA ALA A 98 -25.99 1.04 21.33
C ALA A 98 -25.34 1.26 22.70
N LYS A 99 -24.02 1.40 22.71
CA LYS A 99 -23.29 1.61 23.95
C LYS A 99 -22.95 3.09 24.14
N MET A 1 10.24 -33.00 -6.21
CA MET A 1 11.66 -32.66 -6.16
C MET A 1 12.25 -32.58 -7.57
N ASP A 2 13.14 -31.61 -7.77
CA ASP A 2 13.77 -31.42 -9.07
C ASP A 2 15.01 -30.53 -8.95
N VAL A 3 16.10 -30.96 -9.56
CA VAL A 3 17.35 -30.20 -9.52
C VAL A 3 18.09 -30.28 -10.85
N LYS A 4 18.55 -29.14 -11.34
CA LYS A 4 19.27 -29.07 -12.60
C LYS A 4 18.39 -29.52 -13.75
N VAL A 5 18.96 -29.56 -14.96
CA VAL A 5 18.22 -29.97 -16.14
C VAL A 5 16.93 -29.18 -16.29
N ASN A 6 17.03 -27.99 -16.88
CA ASN A 6 15.88 -27.13 -17.08
C ASN A 6 15.36 -27.25 -18.51
N LEU A 7 14.07 -27.58 -18.64
CA LEU A 7 13.45 -27.72 -19.95
C LEU A 7 12.29 -26.73 -20.12
N PRO A 8 12.64 -25.45 -20.29
CA PRO A 8 11.66 -24.37 -20.47
C PRO A 8 10.95 -24.46 -21.81
N ALA A 9 9.70 -24.01 -21.85
CA ALA A 9 8.92 -24.05 -23.08
C ALA A 9 7.54 -23.41 -22.87
N SER A 10 7.40 -22.16 -23.28
CA SER A 10 6.13 -21.45 -23.13
C SER A 10 5.73 -21.35 -21.67
N THR A 11 6.03 -20.21 -21.05
CA THR A 11 5.70 -19.99 -19.65
C THR A 11 5.72 -18.51 -19.29
N SER A 12 5.35 -17.68 -20.26
CA SER A 12 5.32 -16.24 -20.06
C SER A 12 3.90 -15.74 -19.85
N THR A 13 3.74 -14.79 -18.93
CA THR A 13 2.42 -14.23 -18.63
C THR A 13 2.37 -12.75 -18.97
N PRO A 14 1.14 -12.23 -19.15
CA PRO A 14 0.91 -10.82 -19.48
C PRO A 14 1.26 -9.88 -18.32
N GLN A 15 1.24 -8.58 -18.58
CA GLN A 15 1.54 -7.59 -17.56
C GLN A 15 0.61 -6.39 -17.68
N PRO A 16 -0.68 -6.61 -17.36
CA PRO A 16 -1.70 -5.55 -17.41
C PRO A 16 -1.50 -4.50 -16.32
N ARG A 17 -1.78 -3.24 -16.66
CA ARG A 17 -1.64 -2.15 -15.72
C ARG A 17 -2.85 -1.24 -15.76
N PRO A 18 -3.99 -1.74 -15.27
CA PRO A 18 -5.25 -0.99 -15.24
C PRO A 18 -5.21 0.15 -14.23
N GLU A 19 -6.28 0.95 -14.21
CA GLU A 19 -6.37 2.07 -13.28
C GLU A 19 -7.35 1.77 -12.15
N LYS A 20 -6.83 1.67 -10.94
CA LYS A 20 -7.67 1.39 -9.78
C LYS A 20 -7.16 2.15 -8.55
N PRO A 21 -8.05 2.34 -7.57
CA PRO A 21 -7.72 3.05 -6.32
C PRO A 21 -6.75 2.27 -5.44
N VAL A 22 -6.14 2.95 -4.48
CA VAL A 22 -5.19 2.33 -3.57
C VAL A 22 -5.89 1.81 -2.33
N TYR A 23 -5.79 0.50 -2.10
CA TYR A 23 -6.41 -0.12 -0.94
C TYR A 23 -5.37 -0.86 -0.09
N LEU A 24 -5.40 -0.61 1.21
CA LEU A 24 -4.47 -1.25 2.13
C LEU A 24 -5.16 -2.32 2.95
N SER A 25 -4.47 -3.45 3.16
CA SER A 25 -5.03 -4.55 3.92
C SER A 25 -4.01 -5.10 4.90
N VAL A 26 -4.30 -4.97 6.19
CA VAL A 26 -3.40 -5.45 7.25
C VAL A 26 -4.04 -6.59 8.03
N LYS A 27 -3.24 -7.23 8.88
CA LYS A 27 -3.72 -8.34 9.69
C LYS A 27 -2.71 -8.70 10.77
N ALA A 28 -3.05 -9.69 11.59
CA ALA A 28 -2.17 -10.14 12.66
C ALA A 28 -1.71 -8.96 13.52
N ASP A 29 -0.71 -9.20 14.35
CA ASP A 29 -0.18 -8.16 15.23
C ASP A 29 0.15 -6.90 14.44
N ASN A 30 0.73 -7.07 13.26
CA ASN A 30 1.10 -5.95 12.41
C ASN A 30 1.75 -6.43 11.11
N SER A 31 0.94 -6.69 10.10
CA SER A 31 1.44 -7.17 8.82
C SER A 31 0.50 -6.75 7.68
N MET A 32 1.08 -6.17 6.64
CA MET A 32 0.30 -5.73 5.49
C MET A 32 0.37 -6.75 4.35
N PHE A 33 -0.68 -6.83 3.56
CA PHE A 33 -0.75 -7.77 2.44
C PHE A 33 -1.75 -7.31 1.39
N ILE A 34 -1.25 -6.61 0.38
CA ILE A 34 -2.10 -6.10 -0.69
C ILE A 34 -2.57 -7.24 -1.60
N GLY A 35 -3.68 -7.00 -2.30
CA GLY A 35 -4.21 -8.01 -3.19
C GLY A 35 -3.14 -8.70 -4.02
N ASN A 36 -2.10 -7.94 -4.36
CA ASN A 36 -0.99 -8.48 -5.14
C ASN A 36 0.29 -7.70 -4.88
N ASP A 37 0.60 -7.50 -3.61
CA ASP A 37 1.81 -6.78 -3.22
C ASP A 37 1.96 -6.75 -1.69
N PRO A 38 2.55 -7.82 -1.14
CA PRO A 38 2.77 -7.94 0.31
C PRO A 38 3.82 -6.95 0.82
N VAL A 39 3.54 -6.34 1.97
CA VAL A 39 4.47 -5.39 2.56
C VAL A 39 4.28 -5.31 4.08
N THR A 40 5.04 -4.43 4.71
CA THR A 40 4.95 -4.25 6.16
C THR A 40 4.68 -2.79 6.52
N ASP A 41 4.28 -2.56 7.77
CA ASP A 41 4.00 -1.21 8.24
C ASP A 41 5.26 -0.36 8.22
N GLU A 42 6.42 -1.01 8.15
CA GLU A 42 7.69 -0.31 8.13
C GLU A 42 8.05 0.11 6.70
N THR A 43 7.98 -0.84 5.78
CA THR A 43 8.32 -0.56 4.38
C THR A 43 7.07 -0.17 3.60
N MET A 44 6.00 0.16 4.31
CA MET A 44 4.76 0.57 3.68
C MET A 44 4.93 1.86 2.89
N ILE A 45 5.48 2.88 3.56
CA ILE A 45 5.71 4.17 2.91
C ILE A 45 6.66 4.03 1.73
N THR A 46 7.78 3.36 1.95
CA THR A 46 8.78 3.16 0.89
C THR A 46 8.16 2.46 -0.31
N ALA A 47 7.46 1.36 -0.06
CA ALA A 47 6.82 0.60 -1.13
C ALA A 47 5.78 1.46 -1.85
N LEU A 48 4.80 1.94 -1.12
CA LEU A 48 3.74 2.76 -1.70
C LEU A 48 4.33 3.93 -2.49
N ASN A 49 5.36 4.56 -1.93
CA ASN A 49 6.01 5.69 -2.57
C ASN A 49 6.57 5.28 -3.93
N ALA A 50 7.02 4.03 -4.03
CA ALA A 50 7.59 3.51 -5.27
C ALA A 50 6.52 3.42 -6.36
N LEU A 51 5.40 2.77 -6.03
CA LEU A 51 4.31 2.61 -6.98
C LEU A 51 3.65 3.95 -7.27
N THR A 52 3.25 4.65 -6.22
CA THR A 52 2.60 5.95 -6.38
C THR A 52 3.55 6.97 -7.00
N GLU A 53 4.84 6.72 -6.88
CA GLU A 53 5.85 7.60 -7.44
C GLU A 53 5.80 8.97 -6.76
N GLY A 54 5.40 8.98 -5.49
CA GLY A 54 5.31 10.23 -4.75
C GLY A 54 3.95 10.87 -4.86
N LYS A 55 2.90 10.04 -4.82
CA LYS A 55 1.54 10.54 -4.92
C LYS A 55 0.76 10.24 -3.64
N LYS A 56 0.55 11.27 -2.83
CA LYS A 56 -0.18 11.13 -1.58
C LYS A 56 -1.63 11.57 -1.74
N ASP A 57 -1.86 12.54 -2.62
CA ASP A 57 -3.20 13.05 -2.87
C ASP A 57 -4.17 11.91 -3.17
N THR A 58 -3.68 10.90 -3.90
CA THR A 58 -4.50 9.75 -4.26
C THR A 58 -5.18 9.15 -3.02
N THR A 59 -6.51 9.10 -3.05
CA THR A 59 -7.28 8.55 -1.94
C THR A 59 -6.89 7.10 -1.67
N ILE A 60 -6.43 6.84 -0.45
CA ILE A 60 -6.03 5.49 -0.06
C ILE A 60 -6.81 5.01 1.16
N PHE A 61 -7.65 4.01 0.96
CA PHE A 61 -8.46 3.46 2.05
C PHE A 61 -7.61 2.57 2.95
N PHE A 62 -7.60 2.87 4.25
CA PHE A 62 -6.84 2.10 5.21
C PHE A 62 -7.70 1.03 5.87
N ARG A 63 -7.54 -0.22 5.43
CA ARG A 63 -8.31 -1.33 5.96
C ARG A 63 -7.41 -2.29 6.73
N ALA A 64 -7.78 -2.56 7.98
CA ALA A 64 -7.00 -3.46 8.83
C ALA A 64 -7.92 -4.42 9.58
N ASP A 65 -7.43 -5.64 9.80
CA ASP A 65 -8.20 -6.66 10.51
C ASP A 65 -8.72 -6.11 11.84
N LYS A 66 -9.77 -6.74 12.35
CA LYS A 66 -10.37 -6.33 13.61
C LYS A 66 -9.54 -6.80 14.79
N THR A 67 -8.49 -7.56 14.50
CA THR A 67 -7.61 -8.09 15.54
C THR A 67 -6.38 -7.19 15.73
N VAL A 68 -6.57 -5.89 15.51
CA VAL A 68 -5.49 -4.93 15.65
C VAL A 68 -5.51 -4.28 17.04
N ASP A 69 -4.33 -4.01 17.58
CA ASP A 69 -4.21 -3.39 18.90
C ASP A 69 -4.18 -1.88 18.78
N TYR A 70 -4.48 -1.20 19.88
CA TYR A 70 -4.49 0.26 19.90
C TYR A 70 -3.09 0.81 19.65
N GLU A 71 -2.07 0.07 20.07
CA GLU A 71 -0.69 0.49 19.90
C GLU A 71 -0.29 0.42 18.42
N THR A 72 -0.95 -0.46 17.68
CA THR A 72 -0.67 -0.62 16.25
C THR A 72 -1.25 0.54 15.44
N LEU A 73 -2.53 0.80 15.64
CA LEU A 73 -3.21 1.89 14.94
C LEU A 73 -2.58 3.24 15.28
N MET A 74 -2.00 3.32 16.47
CA MET A 74 -1.37 4.56 16.92
C MET A 74 -0.04 4.78 16.21
N LYS A 75 0.73 3.70 16.05
CA LYS A 75 2.02 3.78 15.39
C LYS A 75 1.86 4.15 13.91
N VAL A 76 0.90 3.51 13.25
CA VAL A 76 0.64 3.76 11.84
C VAL A 76 0.08 5.17 11.64
N MET A 77 -0.64 5.66 12.63
CA MET A 77 -1.23 7.00 12.56
C MET A 77 -0.15 8.06 12.46
N ASP A 78 0.82 8.02 13.38
CA ASP A 78 1.91 8.98 13.38
C ASP A 78 2.80 8.80 12.15
N THR A 79 2.85 7.57 11.65
CA THR A 79 3.67 7.27 10.47
C THR A 79 3.03 7.83 9.20
N LEU A 80 1.78 7.49 8.97
CA LEU A 80 1.06 7.96 7.79
C LEU A 80 1.01 9.48 7.75
N HIS A 81 1.05 10.09 8.94
CA HIS A 81 1.01 11.55 9.04
C HIS A 81 2.32 12.17 8.56
N GLN A 82 3.43 11.63 9.06
CA GLN A 82 4.75 12.14 8.68
C GLN A 82 5.20 11.53 7.35
N ALA A 83 4.35 10.69 6.78
CA ALA A 83 4.66 10.06 5.50
C ALA A 83 4.28 10.95 4.33
N GLY A 84 3.38 11.90 4.59
CA GLY A 84 2.95 12.82 3.55
C GLY A 84 1.49 12.61 3.18
N TYR A 85 0.95 11.45 3.53
CA TYR A 85 -0.44 11.13 3.23
C TYR A 85 -1.37 12.27 3.70
N LEU A 86 -2.22 12.73 2.79
CA LEU A 86 -3.16 13.79 3.10
C LEU A 86 -4.60 13.34 2.89
N LYS A 87 -4.81 12.51 1.87
CA LYS A 87 -6.13 11.99 1.55
C LYS A 87 -6.17 10.48 1.70
N ILE A 88 -6.61 10.02 2.88
CA ILE A 88 -6.70 8.58 3.15
C ILE A 88 -8.12 8.20 3.57
N GLY A 89 -8.71 7.26 2.84
CA GLY A 89 -10.05 6.81 3.15
C GLY A 89 -10.11 5.98 4.42
N LEU A 90 -11.20 6.13 5.17
CA LEU A 90 -11.36 5.38 6.41
C LEU A 90 -12.45 4.33 6.27
N VAL A 91 -12.07 3.14 5.79
CA VAL A 91 -13.01 2.05 5.60
C VAL A 91 -13.68 1.67 6.91
N GLY A 92 -14.98 1.40 6.86
CA GLY A 92 -15.71 1.03 8.05
C GLY A 92 -16.69 2.10 8.48
N GLU A 93 -16.20 3.33 8.61
CA GLU A 93 -17.05 4.45 9.03
C GLU A 93 -17.76 4.14 10.34
N GLU A 94 -17.12 4.47 11.45
CA GLU A 94 -17.69 4.23 12.77
C GLU A 94 -17.01 5.10 13.83
N THR A 95 -17.66 5.24 14.97
CA THR A 95 -17.12 6.04 16.07
C THR A 95 -15.80 5.48 16.57
N ALA A 96 -14.74 6.26 16.43
CA ALA A 96 -13.42 5.84 16.88
C ALA A 96 -13.32 5.86 18.39
N LYS A 97 -12.40 5.06 18.93
CA LYS A 97 -12.20 4.99 20.38
C LYS A 97 -13.47 4.52 21.08
N ALA A 98 -13.47 4.58 22.41
CA ALA A 98 -14.62 4.16 23.20
C ALA A 98 -15.49 5.35 23.59
N LYS A 99 -16.65 5.08 24.17
CA LYS A 99 -17.57 6.13 24.58
C LYS A 99 -18.13 5.84 25.97
N MET A 1 45.53 1.22 -28.52
CA MET A 1 46.21 1.51 -29.78
C MET A 1 45.56 0.73 -30.92
N ASP A 2 44.89 1.46 -31.81
CA ASP A 2 44.23 0.84 -32.96
C ASP A 2 43.25 -0.24 -32.50
N VAL A 3 42.08 0.17 -32.06
CA VAL A 3 41.06 -0.77 -31.59
C VAL A 3 39.80 -0.69 -32.46
N LYS A 4 39.03 -1.77 -32.46
CA LYS A 4 37.80 -1.83 -33.25
C LYS A 4 36.62 -1.27 -32.45
N VAL A 5 35.61 -0.79 -33.16
CA VAL A 5 34.42 -0.23 -32.53
C VAL A 5 33.16 -0.95 -32.97
N ASN A 6 32.08 -0.79 -32.22
CA ASN A 6 30.82 -1.43 -32.54
C ASN A 6 29.74 -0.39 -32.78
N LEU A 7 28.53 -0.85 -33.11
CA LEU A 7 27.41 0.05 -33.36
C LEU A 7 26.32 -0.13 -32.31
N PRO A 8 26.59 0.37 -31.09
CA PRO A 8 25.65 0.28 -29.97
C PRO A 8 24.43 1.18 -30.17
N ALA A 9 23.28 0.70 -29.74
CA ALA A 9 22.03 1.45 -29.86
C ALA A 9 20.90 0.78 -29.09
N SER A 10 20.34 1.49 -28.13
CA SER A 10 19.25 0.95 -27.33
C SER A 10 18.70 2.02 -26.37
N THR A 11 17.67 2.73 -26.82
CA THR A 11 17.05 3.78 -26.02
C THR A 11 15.93 3.21 -25.15
N SER A 12 15.30 4.09 -24.38
CA SER A 12 14.20 3.67 -23.49
C SER A 12 12.92 3.42 -24.30
N THR A 13 11.95 2.80 -23.65
CA THR A 13 10.68 2.49 -24.30
C THR A 13 9.54 2.47 -23.29
N PRO A 14 9.17 3.67 -22.78
CA PRO A 14 8.09 3.80 -21.80
C PRO A 14 6.72 3.54 -22.41
N GLN A 15 5.94 2.70 -21.75
CA GLN A 15 4.60 2.35 -22.22
C GLN A 15 3.54 2.87 -21.26
N PRO A 16 2.29 2.98 -21.75
CA PRO A 16 1.16 3.46 -20.96
C PRO A 16 0.75 2.47 -19.89
N ARG A 17 0.40 2.98 -18.71
CA ARG A 17 -0.01 2.14 -17.60
C ARG A 17 -1.38 2.57 -17.07
N PRO A 18 -2.20 1.59 -16.67
CA PRO A 18 -3.54 1.85 -16.13
C PRO A 18 -3.51 2.51 -14.76
N GLU A 19 -4.66 2.94 -14.28
CA GLU A 19 -4.76 3.58 -12.97
C GLU A 19 -5.81 2.91 -12.11
N LYS A 20 -5.43 2.53 -10.90
CA LYS A 20 -6.33 1.88 -9.97
C LYS A 20 -6.27 2.53 -8.59
N PRO A 21 -7.35 2.35 -7.80
CA PRO A 21 -7.44 2.92 -6.45
C PRO A 21 -6.48 2.24 -5.47
N VAL A 22 -5.89 3.04 -4.58
CA VAL A 22 -4.97 2.51 -3.59
C VAL A 22 -5.70 1.92 -2.40
N TYR A 23 -5.46 0.64 -2.12
CA TYR A 23 -6.11 -0.04 -1.01
C TYR A 23 -5.10 -0.84 -0.20
N LEU A 24 -5.02 -0.56 1.10
CA LEU A 24 -4.09 -1.26 1.98
C LEU A 24 -4.80 -2.39 2.72
N SER A 25 -4.05 -3.45 3.01
CA SER A 25 -4.61 -4.60 3.71
C SER A 25 -3.66 -5.08 4.81
N VAL A 26 -4.14 -5.04 6.05
CA VAL A 26 -3.33 -5.47 7.18
C VAL A 26 -4.06 -6.52 8.01
N LYS A 27 -3.34 -7.57 8.40
CA LYS A 27 -3.91 -8.65 9.19
C LYS A 27 -2.97 -9.08 10.31
N ALA A 28 -3.41 -10.02 11.13
CA ALA A 28 -2.59 -10.52 12.23
C ALA A 28 -2.47 -9.47 13.34
N ASP A 29 -1.74 -8.41 13.06
CA ASP A 29 -1.53 -7.33 14.03
C ASP A 29 -0.99 -6.08 13.36
N ASN A 30 -0.06 -6.28 12.43
CA ASN A 30 0.54 -5.15 11.71
C ASN A 30 1.27 -5.64 10.46
N SER A 31 0.76 -6.71 9.85
CA SER A 31 1.36 -7.28 8.65
C SER A 31 0.59 -6.87 7.41
N MET A 32 1.22 -6.07 6.56
CA MET A 32 0.59 -5.61 5.33
C MET A 32 0.69 -6.67 4.24
N PHE A 33 -0.39 -6.81 3.45
CA PHE A 33 -0.42 -7.79 2.38
C PHE A 33 -1.37 -7.34 1.27
N ILE A 34 -0.82 -6.74 0.23
CA ILE A 34 -1.62 -6.28 -0.90
C ILE A 34 -2.13 -7.45 -1.73
N GLY A 35 -3.22 -7.20 -2.47
CA GLY A 35 -3.80 -8.24 -3.30
C GLY A 35 -2.75 -9.01 -4.08
N ASN A 36 -1.66 -8.33 -4.42
CA ASN A 36 -0.58 -8.97 -5.18
C ASN A 36 0.74 -8.26 -4.94
N ASP A 37 1.00 -7.93 -3.67
CA ASP A 37 2.23 -7.25 -3.30
C ASP A 37 2.40 -7.21 -1.78
N PRO A 38 2.96 -8.29 -1.22
CA PRO A 38 3.19 -8.41 0.22
C PRO A 38 4.28 -7.47 0.72
N VAL A 39 4.08 -6.91 1.90
CA VAL A 39 5.05 -5.99 2.49
C VAL A 39 4.95 -5.99 4.00
N THR A 40 5.78 -5.15 4.65
CA THR A 40 5.78 -5.06 6.10
C THR A 40 5.62 -3.62 6.55
N ASP A 41 5.48 -3.43 7.86
CA ASP A 41 5.31 -2.09 8.43
C ASP A 41 6.61 -1.30 8.35
N GLU A 42 7.70 -1.98 7.98
CA GLU A 42 9.01 -1.35 7.87
C GLU A 42 9.25 -0.83 6.45
N THR A 43 8.66 -1.52 5.48
CA THR A 43 8.82 -1.15 4.08
C THR A 43 7.48 -0.74 3.47
N MET A 44 6.49 -0.51 4.33
CA MET A 44 5.16 -0.12 3.87
C MET A 44 5.18 1.29 3.27
N ILE A 45 5.98 2.17 3.87
CA ILE A 45 6.09 3.54 3.39
C ILE A 45 6.88 3.60 2.09
N THR A 46 8.11 3.09 2.11
CA THR A 46 8.96 3.10 0.93
C THR A 46 8.27 2.43 -0.25
N ALA A 47 7.57 1.32 0.03
CA ALA A 47 6.86 0.59 -1.01
C ALA A 47 5.61 1.33 -1.44
N LEU A 48 5.04 2.12 -0.53
CA LEU A 48 3.83 2.88 -0.82
C LEU A 48 4.11 3.98 -1.83
N ASN A 49 5.11 4.82 -1.53
CA ASN A 49 5.48 5.91 -2.43
C ASN A 49 6.06 5.38 -3.73
N ALA A 50 6.69 4.21 -3.66
CA ALA A 50 7.29 3.60 -4.83
C ALA A 50 6.22 3.20 -5.84
N LEU A 51 5.09 2.72 -5.34
CA LEU A 51 3.99 2.29 -6.19
C LEU A 51 3.10 3.48 -6.58
N THR A 52 2.72 4.27 -5.57
CA THR A 52 1.87 5.43 -5.79
C THR A 52 2.61 6.50 -6.60
N GLU A 53 3.94 6.39 -6.63
CA GLU A 53 4.75 7.36 -7.37
C GLU A 53 4.62 8.75 -6.78
N GLY A 54 4.92 8.88 -5.49
CA GLY A 54 4.82 10.17 -4.83
C GLY A 54 3.44 10.78 -4.96
N LYS A 55 2.41 9.98 -4.76
CA LYS A 55 1.03 10.45 -4.86
C LYS A 55 0.32 10.35 -3.51
N LYS A 56 0.14 11.50 -2.85
CA LYS A 56 -0.52 11.55 -1.56
C LYS A 56 -1.98 11.96 -1.72
N ASP A 57 -2.23 12.90 -2.61
CA ASP A 57 -3.59 13.38 -2.86
C ASP A 57 -4.54 12.22 -3.13
N THR A 58 -4.03 11.20 -3.81
CA THR A 58 -4.84 10.02 -4.14
C THR A 58 -5.44 9.41 -2.88
N THR A 59 -6.77 9.49 -2.76
CA THR A 59 -7.47 8.94 -1.61
C THR A 59 -7.17 7.45 -1.45
N ILE A 60 -6.54 7.10 -0.33
CA ILE A 60 -6.20 5.71 -0.05
C ILE A 60 -7.00 5.18 1.13
N PHE A 61 -7.63 4.02 0.93
CA PHE A 61 -8.43 3.40 1.97
C PHE A 61 -7.58 2.46 2.83
N PHE A 62 -7.61 2.68 4.14
CA PHE A 62 -6.84 1.85 5.07
C PHE A 62 -7.68 0.69 5.59
N ARG A 63 -7.45 -0.49 5.04
CA ARG A 63 -8.20 -1.69 5.45
C ARG A 63 -7.36 -2.55 6.38
N ALA A 64 -7.77 -2.62 7.65
CA ALA A 64 -7.06 -3.42 8.64
C ALA A 64 -8.02 -4.33 9.40
N ASP A 65 -7.47 -5.34 10.05
CA ASP A 65 -8.27 -6.29 10.82
C ASP A 65 -8.77 -5.65 12.12
N LYS A 66 -9.84 -6.20 12.67
CA LYS A 66 -10.41 -5.69 13.91
C LYS A 66 -9.55 -6.08 15.11
N THR A 67 -8.54 -6.91 14.86
CA THR A 67 -7.64 -7.35 15.93
C THR A 67 -6.58 -6.30 16.23
N VAL A 68 -6.44 -5.33 15.32
CA VAL A 68 -5.47 -4.25 15.50
C VAL A 68 -5.59 -3.61 16.88
N ASP A 69 -4.47 -3.52 17.58
CA ASP A 69 -4.45 -2.93 18.91
C ASP A 69 -4.35 -1.41 18.83
N TYR A 70 -4.30 -0.76 19.98
CA TYR A 70 -4.21 0.70 20.03
C TYR A 70 -2.81 1.18 19.65
N GLU A 71 -1.82 0.34 19.92
CA GLU A 71 -0.43 0.68 19.59
C GLU A 71 -0.20 0.62 18.09
N THR A 72 -0.80 -0.37 17.44
CA THR A 72 -0.65 -0.55 16.00
C THR A 72 -1.32 0.60 15.23
N LEU A 73 -2.58 0.87 15.56
CA LEU A 73 -3.32 1.94 14.91
C LEU A 73 -2.71 3.30 15.23
N MET A 74 -2.03 3.38 16.37
CA MET A 74 -1.38 4.63 16.78
C MET A 74 -0.11 4.88 15.98
N LYS A 75 0.54 3.81 15.56
CA LYS A 75 1.77 3.92 14.78
C LYS A 75 1.46 4.26 13.32
N VAL A 76 0.54 3.51 12.73
CA VAL A 76 0.15 3.74 11.33
C VAL A 76 -0.36 5.16 11.14
N MET A 77 -1.09 5.66 12.13
CA MET A 77 -1.65 7.01 12.06
C MET A 77 -0.54 8.06 12.11
N ASP A 78 0.32 7.97 13.12
CA ASP A 78 1.42 8.90 13.27
C ASP A 78 2.40 8.79 12.11
N THR A 79 2.48 7.60 11.52
CA THR A 79 3.37 7.35 10.41
C THR A 79 2.85 7.99 9.13
N LEU A 80 1.61 7.66 8.78
CA LEU A 80 0.99 8.21 7.58
C LEU A 80 0.95 9.73 7.63
N HIS A 81 0.87 10.28 8.84
CA HIS A 81 0.83 11.72 9.03
C HIS A 81 2.17 12.36 8.66
N GLN A 82 3.25 11.79 9.20
CA GLN A 82 4.59 12.31 8.94
C GLN A 82 5.12 11.77 7.61
N ALA A 83 4.32 10.96 6.94
CA ALA A 83 4.70 10.38 5.65
C ALA A 83 4.30 11.29 4.50
N GLY A 84 3.35 12.18 4.76
CA GLY A 84 2.89 13.09 3.72
C GLY A 84 1.42 12.92 3.39
N TYR A 85 0.91 11.71 3.62
CA TYR A 85 -0.49 11.41 3.34
C TYR A 85 -1.40 12.46 3.96
N LEU A 86 -2.25 13.06 3.14
CA LEU A 86 -3.18 14.09 3.60
C LEU A 86 -4.62 13.72 3.26
N LYS A 87 -4.79 12.60 2.56
CA LYS A 87 -6.11 12.13 2.17
C LYS A 87 -6.20 10.62 2.28
N ILE A 88 -6.39 10.14 3.51
CA ILE A 88 -6.50 8.70 3.75
C ILE A 88 -7.89 8.33 4.25
N GLY A 89 -8.67 7.66 3.41
CA GLY A 89 -10.01 7.26 3.78
C GLY A 89 -10.02 6.10 4.75
N LEU A 90 -10.95 6.14 5.70
CA LEU A 90 -11.06 5.07 6.69
C LEU A 90 -12.23 4.14 6.36
N VAL A 91 -11.90 2.97 5.82
CA VAL A 91 -12.91 1.99 5.45
C VAL A 91 -13.65 1.48 6.69
N GLY A 92 -14.97 1.38 6.58
CA GLY A 92 -15.77 0.91 7.69
C GLY A 92 -16.34 2.05 8.52
N GLU A 93 -17.61 2.37 8.29
CA GLU A 93 -18.27 3.45 9.03
C GLU A 93 -19.21 2.89 10.09
N GLU A 94 -18.63 2.30 11.14
CA GLU A 94 -19.42 1.73 12.22
C GLU A 94 -19.20 2.50 13.52
N THR A 95 -19.91 3.62 13.67
CA THR A 95 -19.80 4.44 14.86
C THR A 95 -20.04 3.62 16.12
N ALA A 96 -19.78 4.23 17.27
CA ALA A 96 -19.97 3.56 18.55
C ALA A 96 -20.69 4.47 19.54
N LYS A 97 -21.22 3.88 20.61
CA LYS A 97 -21.94 4.64 21.63
C LYS A 97 -22.01 3.85 22.93
N ALA A 98 -22.01 4.57 24.05
CA ALA A 98 -22.07 3.94 25.37
C ALA A 98 -20.92 2.95 25.56
N LYS A 99 -20.91 2.30 26.72
CA LYS A 99 -19.87 1.33 27.04
C LYS A 99 -20.11 0.69 28.40
N MET A 1 46.57 -11.76 -9.35
CA MET A 1 45.74 -12.72 -10.07
C MET A 1 44.29 -12.61 -9.64
N ASP A 2 43.41 -13.31 -10.36
CA ASP A 2 41.99 -13.28 -10.05
C ASP A 2 41.24 -14.35 -10.86
N VAL A 3 40.32 -15.05 -10.19
CA VAL A 3 39.54 -16.09 -10.84
C VAL A 3 38.66 -15.51 -11.95
N LYS A 4 37.90 -16.37 -12.60
CA LYS A 4 37.01 -15.96 -13.68
C LYS A 4 35.65 -15.55 -13.13
N VAL A 5 35.26 -14.30 -13.36
CA VAL A 5 33.98 -13.78 -12.89
C VAL A 5 33.10 -13.34 -14.06
N ASN A 6 31.84 -13.05 -13.77
CA ASN A 6 30.91 -12.62 -14.79
C ASN A 6 29.91 -11.61 -14.23
N LEU A 7 29.46 -10.68 -15.07
CA LEU A 7 28.51 -9.66 -14.66
C LEU A 7 27.49 -9.39 -15.76
N PRO A 8 26.58 -10.35 -15.97
CA PRO A 8 25.54 -10.23 -17.00
C PRO A 8 24.49 -9.17 -16.64
N ALA A 9 23.61 -8.88 -17.59
CA ALA A 9 22.56 -7.90 -17.37
C ALA A 9 21.64 -7.80 -18.58
N SER A 10 20.44 -8.36 -18.45
CA SER A 10 19.46 -8.34 -19.54
C SER A 10 18.05 -8.40 -19.00
N THR A 11 17.13 -7.70 -19.66
CA THR A 11 15.73 -7.68 -19.25
C THR A 11 14.83 -7.28 -20.40
N SER A 12 13.59 -7.77 -20.37
CA SER A 12 12.62 -7.45 -21.42
C SER A 12 11.19 -7.47 -20.86
N THR A 13 10.63 -6.27 -20.65
CA THR A 13 9.28 -6.15 -20.12
C THR A 13 8.82 -4.69 -20.14
N PRO A 14 7.51 -4.50 -20.34
CA PRO A 14 6.91 -3.15 -20.38
C PRO A 14 6.90 -2.48 -19.02
N GLN A 15 6.26 -1.32 -18.93
CA GLN A 15 6.18 -0.58 -17.69
C GLN A 15 4.92 0.28 -17.64
N PRO A 16 3.75 -0.38 -17.50
CA PRO A 16 2.46 0.30 -17.44
C PRO A 16 2.28 1.10 -16.16
N ARG A 17 1.59 2.23 -16.25
CA ARG A 17 1.35 3.08 -15.09
C ARG A 17 -0.10 3.56 -15.06
N PRO A 18 -1.01 2.64 -14.71
CA PRO A 18 -2.45 2.94 -14.64
C PRO A 18 -2.79 3.85 -13.47
N GLU A 19 -4.05 4.27 -13.39
CA GLU A 19 -4.50 5.15 -12.32
C GLU A 19 -5.57 4.46 -11.47
N LYS A 20 -5.21 3.35 -10.86
CA LYS A 20 -6.13 2.59 -10.02
C LYS A 20 -6.12 3.12 -8.59
N PRO A 21 -7.20 2.84 -7.85
CA PRO A 21 -7.34 3.28 -6.45
C PRO A 21 -6.38 2.55 -5.52
N VAL A 22 -5.79 3.29 -4.58
CA VAL A 22 -4.86 2.72 -3.62
C VAL A 22 -5.58 2.16 -2.41
N TYR A 23 -5.41 0.87 -2.16
CA TYR A 23 -6.05 0.21 -1.02
C TYR A 23 -5.03 -0.50 -0.14
N LEU A 24 -5.11 -0.28 1.16
CA LEU A 24 -4.19 -0.90 2.11
C LEU A 24 -4.89 -1.97 2.92
N SER A 25 -4.24 -3.13 3.06
CA SER A 25 -4.80 -4.24 3.82
C SER A 25 -3.80 -4.75 4.85
N VAL A 26 -4.18 -4.67 6.12
CA VAL A 26 -3.33 -5.13 7.20
C VAL A 26 -3.97 -6.29 7.96
N LYS A 27 -3.14 -7.06 8.65
CA LYS A 27 -3.62 -8.21 9.42
C LYS A 27 -2.70 -8.51 10.58
N ALA A 28 -3.09 -9.47 11.42
CA ALA A 28 -2.28 -9.86 12.57
C ALA A 28 -1.93 -8.65 13.42
N ASP A 29 -0.99 -8.83 14.35
CA ASP A 29 -0.55 -7.75 15.22
C ASP A 29 -0.21 -6.50 14.42
N ASN A 30 0.45 -6.70 13.27
CA ASN A 30 0.84 -5.59 12.42
C ASN A 30 1.58 -6.09 11.19
N SER A 31 0.83 -6.38 10.12
CA SER A 31 1.43 -6.87 8.88
C SER A 31 0.61 -6.40 7.67
N MET A 32 1.30 -5.76 6.73
CA MET A 32 0.64 -5.27 5.52
C MET A 32 0.69 -6.32 4.41
N PHE A 33 -0.39 -6.42 3.65
CA PHE A 33 -0.47 -7.38 2.56
C PHE A 33 -1.36 -6.85 1.42
N ILE A 34 -0.72 -6.22 0.44
CA ILE A 34 -1.44 -5.67 -0.70
C ILE A 34 -1.76 -6.75 -1.73
N GLY A 35 -2.75 -6.47 -2.58
CA GLY A 35 -3.13 -7.43 -3.60
C GLY A 35 -1.95 -7.91 -4.42
N ASN A 36 -1.46 -9.11 -4.10
CA ASN A 36 -0.33 -9.68 -4.82
C ASN A 36 0.92 -8.83 -4.61
N ASP A 37 0.95 -8.07 -3.53
CA ASP A 37 2.09 -7.22 -3.23
C ASP A 37 2.26 -7.07 -1.71
N PRO A 38 2.79 -8.11 -1.07
CA PRO A 38 3.02 -8.12 0.38
C PRO A 38 4.14 -7.18 0.80
N VAL A 39 4.00 -6.59 1.97
CA VAL A 39 5.01 -5.66 2.49
C VAL A 39 5.03 -5.66 4.02
N THR A 40 5.88 -4.83 4.59
CA THR A 40 6.00 -4.73 6.04
C THR A 40 5.80 -3.30 6.52
N ASP A 41 5.72 -3.13 7.83
CA ASP A 41 5.53 -1.80 8.41
C ASP A 41 6.80 -0.97 8.28
N GLU A 42 7.88 -1.60 7.86
CA GLU A 42 9.16 -0.92 7.71
C GLU A 42 9.33 -0.41 6.28
N THR A 43 8.74 -1.12 5.32
CA THR A 43 8.82 -0.75 3.92
C THR A 43 7.45 -0.38 3.37
N MET A 44 6.49 -0.17 4.26
CA MET A 44 5.13 0.19 3.86
C MET A 44 5.11 1.58 3.22
N ILE A 45 5.92 2.49 3.77
CA ILE A 45 5.98 3.85 3.25
C ILE A 45 6.77 3.91 1.95
N THR A 46 7.98 3.35 1.97
CA THR A 46 8.83 3.34 0.79
C THR A 46 8.15 2.64 -0.38
N ALA A 47 7.65 1.44 -0.14
CA ALA A 47 6.97 0.66 -1.16
C ALA A 47 5.74 1.40 -1.67
N LEU A 48 5.02 2.05 -0.75
CA LEU A 48 3.82 2.79 -1.11
C LEU A 48 4.10 3.80 -2.21
N ASN A 49 5.16 4.59 -2.03
CA ASN A 49 5.55 5.60 -3.01
C ASN A 49 6.02 4.94 -4.31
N ALA A 50 6.58 3.75 -4.19
CA ALA A 50 7.07 3.02 -5.36
C ALA A 50 5.91 2.62 -6.27
N LEU A 51 4.74 2.41 -5.69
CA LEU A 51 3.56 2.03 -6.46
C LEU A 51 2.72 3.25 -6.81
N THR A 52 2.49 4.10 -5.81
CA THR A 52 1.70 5.31 -6.01
C THR A 52 2.42 6.29 -6.93
N GLU A 53 3.74 6.16 -7.02
CA GLU A 53 4.55 7.03 -7.86
C GLU A 53 4.46 8.48 -7.38
N GLY A 54 4.74 8.69 -6.10
CA GLY A 54 4.68 10.02 -5.53
C GLY A 54 3.31 10.64 -5.65
N LYS A 55 2.28 9.85 -5.40
CA LYS A 55 0.90 10.33 -5.49
C LYS A 55 0.22 10.27 -4.12
N LYS A 56 0.07 11.42 -3.48
CA LYS A 56 -0.57 11.51 -2.18
C LYS A 56 -2.03 11.92 -2.30
N ASP A 57 -2.31 12.80 -3.25
CA ASP A 57 -3.67 13.28 -3.48
C ASP A 57 -4.64 12.11 -3.64
N THR A 58 -4.17 11.05 -4.28
CA THR A 58 -5.00 9.86 -4.50
C THR A 58 -5.54 9.32 -3.18
N THR A 59 -6.86 9.40 -3.01
CA THR A 59 -7.50 8.91 -1.80
C THR A 59 -7.17 7.45 -1.54
N ILE A 60 -6.51 7.17 -0.43
CA ILE A 60 -6.15 5.81 -0.07
C ILE A 60 -6.99 5.30 1.09
N PHE A 61 -7.66 4.17 0.87
CA PHE A 61 -8.50 3.58 1.90
C PHE A 61 -7.68 2.71 2.85
N PHE A 62 -7.73 3.03 4.14
CA PHE A 62 -6.98 2.28 5.15
C PHE A 62 -7.84 1.17 5.74
N ARG A 63 -7.61 -0.06 5.30
CA ARG A 63 -8.36 -1.20 5.78
C ARG A 63 -7.46 -2.13 6.59
N ALA A 64 -7.89 -2.44 7.83
CA ALA A 64 -7.12 -3.32 8.70
C ALA A 64 -8.03 -4.32 9.41
N ASP A 65 -7.47 -5.46 9.78
CA ASP A 65 -8.23 -6.50 10.46
C ASP A 65 -8.98 -5.93 11.67
N LYS A 66 -10.02 -6.62 12.10
CA LYS A 66 -10.81 -6.18 13.25
C LYS A 66 -10.15 -6.60 14.56
N THR A 67 -9.01 -7.26 14.44
CA THR A 67 -8.27 -7.73 15.62
C THR A 67 -7.03 -6.87 15.86
N VAL A 68 -7.12 -5.59 15.49
CA VAL A 68 -6.00 -4.68 15.66
C VAL A 68 -5.99 -4.08 17.07
N ASP A 69 -4.81 -3.88 17.61
CA ASP A 69 -4.66 -3.31 18.95
C ASP A 69 -4.50 -1.79 18.88
N TYR A 70 -4.61 -1.14 20.04
CA TYR A 70 -4.47 0.31 20.12
C TYR A 70 -3.03 0.73 19.83
N GLU A 71 -2.09 -0.16 20.13
CA GLU A 71 -0.67 0.14 19.91
C GLU A 71 -0.34 0.11 18.42
N THR A 72 -1.13 -0.63 17.65
CA THR A 72 -0.92 -0.74 16.21
C THR A 72 -1.48 0.48 15.48
N LEU A 73 -2.74 0.80 15.74
CA LEU A 73 -3.39 1.94 15.12
C LEU A 73 -2.69 3.24 15.49
N MET A 74 -2.08 3.26 16.67
CA MET A 74 -1.38 4.44 17.15
C MET A 74 -0.04 4.59 16.44
N LYS A 75 0.70 3.49 16.33
CA LYS A 75 2.01 3.49 15.67
C LYS A 75 1.86 3.86 14.19
N VAL A 76 0.95 3.18 13.51
CA VAL A 76 0.72 3.43 12.10
C VAL A 76 0.19 4.84 11.86
N MET A 77 -0.58 5.34 12.82
CA MET A 77 -1.15 6.68 12.72
C MET A 77 -0.05 7.73 12.58
N ASP A 78 0.92 7.70 13.50
CA ASP A 78 2.02 8.65 13.46
C ASP A 78 2.79 8.54 12.15
N THR A 79 3.06 7.32 11.72
CA THR A 79 3.79 7.07 10.48
C THR A 79 3.00 7.56 9.28
N LEU A 80 1.68 7.44 9.36
CA LEU A 80 0.80 7.87 8.26
C LEU A 80 0.88 9.38 8.06
N HIS A 81 0.94 10.11 9.17
CA HIS A 81 1.02 11.57 9.11
C HIS A 81 2.42 12.02 8.69
N GLN A 82 3.44 11.46 9.34
CA GLN A 82 4.82 11.82 9.02
C GLN A 82 5.18 11.37 7.62
N ALA A 83 4.35 10.51 7.04
CA ALA A 83 4.59 10.01 5.70
C ALA A 83 4.16 11.02 4.65
N GLY A 84 3.33 11.98 5.06
CA GLY A 84 2.84 12.99 4.14
C GLY A 84 1.39 12.80 3.78
N TYR A 85 0.91 11.57 3.88
CA TYR A 85 -0.47 11.26 3.57
C TYR A 85 -1.43 12.23 4.23
N LEU A 86 -2.20 12.95 3.42
CA LEU A 86 -3.15 13.92 3.93
C LEU A 86 -4.56 13.66 3.38
N LYS A 87 -4.67 12.63 2.55
CA LYS A 87 -5.95 12.26 1.95
C LYS A 87 -6.16 10.74 1.99
N ILE A 88 -6.46 10.22 3.17
CA ILE A 88 -6.69 8.79 3.34
C ILE A 88 -8.11 8.51 3.80
N GLY A 89 -8.86 7.79 2.96
CA GLY A 89 -10.24 7.46 3.29
C GLY A 89 -10.33 6.36 4.34
N LEU A 90 -11.39 6.41 5.14
CA LEU A 90 -11.60 5.41 6.18
C LEU A 90 -12.62 4.36 5.75
N VAL A 91 -12.12 3.19 5.33
CA VAL A 91 -12.99 2.11 4.90
C VAL A 91 -13.88 1.63 6.03
N GLY A 92 -15.12 1.25 5.68
CA GLY A 92 -16.06 0.78 6.68
C GLY A 92 -16.92 1.90 7.24
N GLU A 93 -18.10 2.08 6.66
CA GLU A 93 -19.02 3.11 7.09
C GLU A 93 -20.05 2.54 8.08
N GLU A 94 -19.58 2.17 9.25
CA GLU A 94 -20.46 1.61 10.28
C GLU A 94 -20.30 2.35 11.60
N THR A 95 -21.23 3.27 11.88
CA THR A 95 -21.19 4.05 13.11
C THR A 95 -22.30 3.62 14.06
N ALA A 96 -22.44 4.37 15.16
CA ALA A 96 -23.47 4.07 16.15
C ALA A 96 -23.25 2.69 16.77
N LYS A 97 -24.14 2.30 17.67
CA LYS A 97 -24.03 1.01 18.34
C LYS A 97 -22.77 0.93 19.19
N ALA A 98 -22.91 1.20 20.48
CA ALA A 98 -21.78 1.16 21.39
C ALA A 98 -22.18 0.62 22.75
N LYS A 99 -21.24 0.56 23.68
CA LYS A 99 -21.50 0.06 25.02
C LYS A 99 -21.47 1.19 26.05
N MET A 1 31.49 13.43 -50.43
CA MET A 1 30.65 12.73 -51.38
C MET A 1 29.66 11.81 -50.67
N ASP A 2 30.16 11.00 -49.75
CA ASP A 2 29.32 10.07 -49.00
C ASP A 2 30.08 9.48 -47.82
N VAL A 3 30.65 10.35 -47.00
CA VAL A 3 31.42 9.92 -45.83
C VAL A 3 30.62 10.13 -44.54
N LYS A 4 30.67 9.16 -43.65
CA LYS A 4 29.95 9.25 -42.38
C LYS A 4 28.47 9.49 -42.61
N VAL A 5 27.71 8.40 -42.76
CA VAL A 5 26.27 8.50 -42.97
C VAL A 5 25.49 7.93 -41.80
N ASN A 6 24.39 8.58 -41.44
CA ASN A 6 23.55 8.14 -40.33
C ASN A 6 22.34 7.38 -40.84
N LEU A 7 21.82 6.48 -40.01
CA LEU A 7 20.64 5.69 -40.38
C LEU A 7 19.56 5.80 -39.31
N PRO A 8 18.95 6.99 -39.20
CA PRO A 8 17.90 7.25 -38.22
C PRO A 8 16.60 6.51 -38.55
N ALA A 9 15.75 6.32 -37.55
CA ALA A 9 14.49 5.63 -37.73
C ALA A 9 13.64 5.68 -36.47
N SER A 10 12.39 5.25 -36.57
CA SER A 10 11.48 5.24 -35.44
C SER A 10 10.66 3.96 -35.39
N THR A 11 10.68 3.29 -34.25
CA THR A 11 9.94 2.05 -34.08
C THR A 11 8.95 2.14 -32.93
N SER A 12 7.94 1.29 -32.96
CA SER A 12 6.92 1.29 -31.91
C SER A 12 7.55 1.08 -30.54
N THR A 13 6.90 1.63 -29.52
CA THR A 13 7.40 1.51 -28.14
C THR A 13 6.25 1.54 -27.13
N PRO A 14 5.48 0.44 -27.09
CA PRO A 14 4.33 0.33 -26.17
C PRO A 14 4.78 0.21 -24.72
N GLN A 15 4.41 1.21 -23.91
CA GLN A 15 4.77 1.21 -22.49
C GLN A 15 3.91 2.20 -21.72
N PRO A 16 2.61 1.88 -21.58
CA PRO A 16 1.66 2.73 -20.87
C PRO A 16 1.91 2.75 -19.36
N ARG A 17 1.51 3.84 -18.71
CA ARG A 17 1.71 3.99 -17.27
C ARG A 17 0.41 4.40 -16.59
N PRO A 18 -0.56 3.47 -16.53
CA PRO A 18 -1.86 3.72 -15.91
C PRO A 18 -1.77 3.86 -14.40
N GLU A 19 -2.87 4.28 -13.77
CA GLU A 19 -2.90 4.46 -12.33
C GLU A 19 -4.03 3.65 -11.71
N LYS A 20 -3.71 2.87 -10.67
CA LYS A 20 -4.70 2.05 -9.99
C LYS A 20 -4.90 2.52 -8.56
N PRO A 21 -6.05 2.12 -7.96
CA PRO A 21 -6.38 2.49 -6.58
C PRO A 21 -5.49 1.80 -5.55
N VAL A 22 -5.20 2.50 -4.46
CA VAL A 22 -4.35 1.95 -3.41
C VAL A 22 -5.19 1.50 -2.21
N TYR A 23 -5.20 0.20 -1.96
CA TYR A 23 -5.97 -0.36 -0.85
C TYR A 23 -5.05 -1.10 0.12
N LEU A 24 -5.05 -0.66 1.37
CA LEU A 24 -4.22 -1.29 2.40
C LEU A 24 -4.99 -2.37 3.14
N SER A 25 -4.30 -3.46 3.50
CA SER A 25 -4.93 -4.56 4.21
C SER A 25 -3.97 -5.15 5.24
N VAL A 26 -4.35 -5.05 6.51
CA VAL A 26 -3.53 -5.57 7.60
C VAL A 26 -4.29 -6.60 8.42
N LYS A 27 -3.56 -7.52 9.04
CA LYS A 27 -4.16 -8.57 9.85
C LYS A 27 -3.18 -9.08 10.91
N ALA A 28 -3.64 -10.01 11.73
CA ALA A 28 -2.80 -10.58 12.77
C ALA A 28 -2.52 -9.57 13.86
N ASP A 29 -1.60 -8.64 13.58
CA ASP A 29 -1.23 -7.61 14.55
C ASP A 29 -0.72 -6.36 13.83
N ASN A 30 0.09 -6.57 12.80
CA ASN A 30 0.66 -5.47 12.04
C ASN A 30 1.26 -5.96 10.73
N SER A 31 0.65 -6.99 10.15
CA SER A 31 1.14 -7.56 8.90
C SER A 31 0.28 -7.09 7.72
N MET A 32 0.89 -6.30 6.85
CA MET A 32 0.19 -5.79 5.68
C MET A 32 0.36 -6.72 4.48
N PHE A 33 -0.73 -6.94 3.75
CA PHE A 33 -0.71 -7.82 2.59
C PHE A 33 -1.69 -7.33 1.52
N ILE A 34 -1.18 -6.58 0.55
CA ILE A 34 -2.01 -6.06 -0.52
C ILE A 34 -2.22 -7.11 -1.61
N GLY A 35 -3.24 -6.90 -2.43
CA GLY A 35 -3.54 -7.84 -3.50
C GLY A 35 -2.33 -8.11 -4.37
N ASN A 36 -1.68 -9.24 -4.14
CA ASN A 36 -0.49 -9.61 -4.91
C ASN A 36 0.64 -8.62 -4.69
N ASP A 37 0.59 -7.92 -3.55
CA ASP A 37 1.62 -6.94 -3.22
C ASP A 37 1.80 -6.84 -1.71
N PRO A 38 2.47 -7.83 -1.13
CA PRO A 38 2.73 -7.88 0.32
C PRO A 38 3.72 -6.81 0.76
N VAL A 39 3.45 -6.20 1.91
CA VAL A 39 4.33 -5.17 2.45
C VAL A 39 4.37 -5.22 3.98
N THR A 40 5.12 -4.30 4.57
CA THR A 40 5.25 -4.23 6.02
C THR A 40 4.97 -2.83 6.54
N ASP A 41 4.87 -2.71 7.87
CA ASP A 41 4.61 -1.42 8.49
C ASP A 41 5.85 -0.54 8.45
N GLU A 42 6.97 -1.12 8.03
CA GLU A 42 8.22 -0.38 7.95
C GLU A 42 8.52 0.05 6.51
N THR A 43 8.16 -0.81 5.56
CA THR A 43 8.38 -0.52 4.14
C THR A 43 7.09 -0.09 3.46
N MET A 44 6.08 0.24 4.27
CA MET A 44 4.79 0.68 3.74
C MET A 44 4.94 1.96 2.93
N ILE A 45 5.76 2.87 3.42
CA ILE A 45 6.00 4.14 2.75
C ILE A 45 6.83 3.94 1.49
N THR A 46 7.93 3.19 1.61
CA THR A 46 8.81 2.93 0.49
C THR A 46 8.03 2.37 -0.71
N ALA A 47 7.35 1.24 -0.48
CA ALA A 47 6.56 0.61 -1.53
C ALA A 47 5.44 1.52 -2.01
N LEU A 48 4.95 2.37 -1.11
CA LEU A 48 3.87 3.30 -1.44
C LEU A 48 4.35 4.35 -2.44
N ASN A 49 5.43 5.04 -2.09
CA ASN A 49 5.98 6.08 -2.95
C ASN A 49 6.29 5.52 -4.34
N ALA A 50 6.63 4.25 -4.40
CA ALA A 50 6.94 3.59 -5.67
C ALA A 50 5.66 3.18 -6.39
N LEU A 51 4.57 3.04 -5.64
CA LEU A 51 3.29 2.65 -6.21
C LEU A 51 2.51 3.86 -6.69
N THR A 52 2.34 4.84 -5.81
CA THR A 52 1.61 6.06 -6.14
C THR A 52 2.54 7.12 -6.71
N GLU A 53 3.78 6.71 -7.00
CA GLU A 53 4.77 7.63 -7.55
C GLU A 53 5.09 8.74 -6.55
N GLY A 54 4.71 8.53 -5.29
CA GLY A 54 4.98 9.52 -4.27
C GLY A 54 3.83 10.51 -4.11
N LYS A 55 2.76 10.29 -4.86
CA LYS A 55 1.60 11.16 -4.81
C LYS A 55 0.67 10.75 -3.67
N LYS A 56 0.68 11.51 -2.58
CA LYS A 56 -0.17 11.23 -1.43
C LYS A 56 -1.64 11.47 -1.77
N ASP A 57 -1.88 12.27 -2.80
CA ASP A 57 -3.24 12.57 -3.23
C ASP A 57 -4.05 11.30 -3.41
N THR A 58 -3.41 10.26 -3.94
CA THR A 58 -4.07 8.98 -4.16
C THR A 58 -4.81 8.52 -2.91
N THR A 59 -6.14 8.53 -2.98
CA THR A 59 -6.96 8.11 -1.85
C THR A 59 -6.63 6.69 -1.42
N ILE A 60 -5.88 6.57 -0.33
CA ILE A 60 -5.48 5.27 0.19
C ILE A 60 -6.41 4.81 1.31
N PHE A 61 -7.07 3.68 1.09
CA PHE A 61 -7.99 3.14 2.09
C PHE A 61 -7.26 2.25 3.09
N PHE A 62 -7.37 2.59 4.36
CA PHE A 62 -6.71 1.83 5.43
C PHE A 62 -7.65 0.76 5.99
N ARG A 63 -7.42 -0.49 5.58
CA ARG A 63 -8.24 -1.60 6.04
C ARG A 63 -7.47 -2.48 7.02
N ALA A 64 -7.89 -2.46 8.28
CA ALA A 64 -7.24 -3.25 9.32
C ALA A 64 -8.19 -4.33 9.85
N ASP A 65 -7.61 -5.45 10.28
CA ASP A 65 -8.39 -6.55 10.82
C ASP A 65 -8.92 -6.22 12.20
N LYS A 66 -9.98 -6.91 12.61
CA LYS A 66 -10.59 -6.68 13.91
C LYS A 66 -9.63 -7.06 15.04
N THR A 67 -8.58 -7.80 14.68
CA THR A 67 -7.58 -8.23 15.66
C THR A 67 -6.58 -7.11 15.94
N VAL A 68 -6.55 -6.11 15.08
CA VAL A 68 -5.64 -4.98 15.24
C VAL A 68 -5.84 -4.31 16.60
N ASP A 69 -4.74 -3.85 17.18
CA ASP A 69 -4.79 -3.18 18.48
C ASP A 69 -4.59 -1.68 18.33
N TYR A 70 -4.82 -0.95 19.42
CA TYR A 70 -4.67 0.50 19.41
C TYR A 70 -3.23 0.90 19.15
N GLU A 71 -2.30 0.06 19.60
CA GLU A 71 -0.88 0.33 19.42
C GLU A 71 -0.48 0.22 17.95
N THR A 72 -1.25 -0.56 17.20
CA THR A 72 -0.98 -0.74 15.78
C THR A 72 -1.47 0.45 14.96
N LEU A 73 -2.73 0.81 15.16
CA LEU A 73 -3.32 1.95 14.45
C LEU A 73 -2.62 3.25 14.82
N MET A 74 -2.04 3.29 16.01
CA MET A 74 -1.34 4.47 16.48
C MET A 74 0.03 4.58 15.83
N LYS A 75 0.72 3.45 15.72
CA LYS A 75 2.05 3.42 15.12
C LYS A 75 2.00 3.91 13.67
N VAL A 76 0.96 3.51 12.95
CA VAL A 76 0.80 3.91 11.55
C VAL A 76 0.36 5.36 11.45
N MET A 77 -0.46 5.79 12.41
CA MET A 77 -0.95 7.17 12.42
C MET A 77 0.20 8.16 12.43
N ASP A 78 1.24 7.85 13.21
CA ASP A 78 2.40 8.72 13.31
C ASP A 78 3.29 8.59 12.07
N THR A 79 3.45 7.37 11.59
CA THR A 79 4.26 7.11 10.41
C THR A 79 3.75 7.88 9.20
N LEU A 80 2.44 7.80 8.98
CA LEU A 80 1.81 8.48 7.86
C LEU A 80 1.78 9.99 8.08
N HIS A 81 1.68 10.40 9.34
CA HIS A 81 1.66 11.82 9.69
C HIS A 81 2.94 12.51 9.23
N GLN A 82 4.06 11.79 9.31
CA GLN A 82 5.35 12.35 8.90
C GLN A 82 5.51 12.29 7.38
N ALA A 83 4.79 11.36 6.75
CA ALA A 83 4.85 11.20 5.31
C ALA A 83 3.77 12.03 4.62
N GLY A 84 3.19 12.97 5.35
CA GLY A 84 2.15 13.81 4.80
C GLY A 84 0.79 13.11 4.75
N TYR A 85 0.46 12.54 3.60
CA TYR A 85 -0.80 11.84 3.42
C TYR A 85 -1.98 12.72 3.89
N LEU A 86 -2.54 13.47 2.94
CA LEU A 86 -3.66 14.34 3.23
C LEU A 86 -4.96 13.80 2.64
N LYS A 87 -4.87 12.61 2.04
CA LYS A 87 -6.03 11.97 1.43
C LYS A 87 -6.03 10.48 1.70
N ILE A 88 -6.36 10.10 2.94
CA ILE A 88 -6.40 8.70 3.33
C ILE A 88 -7.82 8.28 3.68
N GLY A 89 -8.40 7.41 2.84
CA GLY A 89 -9.75 6.94 3.08
C GLY A 89 -9.83 5.98 4.26
N LEU A 90 -10.93 6.04 4.99
CA LEU A 90 -11.13 5.17 6.15
C LEU A 90 -12.25 4.16 5.89
N VAL A 91 -11.87 2.97 5.44
CA VAL A 91 -12.85 1.92 5.16
C VAL A 91 -13.66 1.58 6.40
N GLY A 92 -14.93 1.27 6.21
CA GLY A 92 -15.80 0.92 7.32
C GLY A 92 -16.73 2.05 7.71
N GLU A 93 -18.02 1.77 7.81
CA GLU A 93 -19.01 2.77 8.18
C GLU A 93 -19.54 2.51 9.58
N GLU A 94 -18.64 2.33 10.53
CA GLU A 94 -19.02 2.09 11.91
C GLU A 94 -18.67 3.28 12.80
N THR A 95 -19.64 3.73 13.59
CA THR A 95 -19.45 4.86 14.49
C THR A 95 -19.38 4.41 15.94
N ALA A 96 -18.61 5.13 16.75
CA ALA A 96 -18.46 4.80 18.15
C ALA A 96 -17.88 5.98 18.93
N LYS A 97 -17.99 5.92 20.26
CA LYS A 97 -17.48 6.98 21.12
C LYS A 97 -17.33 6.49 22.55
N ALA A 98 -16.14 6.67 23.12
CA ALA A 98 -15.87 6.25 24.49
C ALA A 98 -14.50 6.75 24.96
N LYS A 99 -14.47 7.35 26.13
CA LYS A 99 -13.24 7.87 26.70
C LYS A 99 -13.44 8.33 28.13
N MET A 1 22.16 -45.53 -20.47
CA MET A 1 21.39 -44.76 -21.43
C MET A 1 20.54 -43.70 -20.73
N ASP A 2 20.55 -42.48 -21.26
CA ASP A 2 19.77 -41.39 -20.68
C ASP A 2 19.90 -40.13 -21.54
N VAL A 3 18.82 -39.34 -21.57
CA VAL A 3 18.82 -38.11 -22.35
C VAL A 3 17.88 -37.07 -21.73
N LYS A 4 17.82 -35.90 -22.33
CA LYS A 4 16.96 -34.83 -21.84
C LYS A 4 16.88 -33.69 -22.85
N VAL A 5 15.65 -33.30 -23.19
CA VAL A 5 15.43 -32.22 -24.15
C VAL A 5 14.62 -31.08 -23.53
N ASN A 6 15.16 -29.87 -23.59
CA ASN A 6 14.47 -28.70 -23.04
C ASN A 6 14.94 -27.43 -23.73
N LEU A 7 14.29 -27.09 -24.83
CA LEU A 7 14.63 -25.89 -25.59
C LEU A 7 13.47 -24.90 -25.60
N PRO A 8 13.22 -24.26 -24.45
CA PRO A 8 12.14 -23.28 -24.31
C PRO A 8 12.42 -22.00 -25.07
N ALA A 9 11.36 -21.32 -25.49
CA ALA A 9 11.49 -20.07 -26.23
C ALA A 9 10.13 -19.43 -26.48
N SER A 10 10.00 -18.17 -26.07
CA SER A 10 8.74 -17.44 -26.24
C SER A 10 8.99 -15.93 -26.26
N THR A 11 8.02 -15.19 -26.78
CA THR A 11 8.12 -13.73 -26.86
C THR A 11 6.88 -13.06 -26.31
N SER A 12 7.03 -11.82 -25.87
CA SER A 12 5.92 -11.05 -25.31
C SER A 12 6.31 -9.60 -25.08
N THR A 13 5.41 -8.69 -25.43
CA THR A 13 5.66 -7.25 -25.26
C THR A 13 4.75 -6.66 -24.20
N PRO A 14 5.15 -5.50 -23.67
CA PRO A 14 4.38 -4.80 -22.64
C PRO A 14 3.09 -4.21 -23.17
N GLN A 15 2.15 -3.90 -22.28
CA GLN A 15 0.87 -3.33 -22.66
C GLN A 15 0.42 -2.26 -21.67
N PRO A 16 -0.46 -1.36 -22.13
CA PRO A 16 -0.98 -0.28 -21.29
C PRO A 16 -1.93 -0.79 -20.20
N ARG A 17 -1.83 -0.20 -19.02
CA ARG A 17 -2.67 -0.60 -17.90
C ARG A 17 -3.41 0.61 -17.32
N PRO A 18 -4.65 0.39 -16.89
CA PRO A 18 -5.49 1.44 -16.30
C PRO A 18 -4.99 1.89 -14.93
N GLU A 19 -5.67 2.89 -14.37
CA GLU A 19 -5.28 3.40 -13.05
C GLU A 19 -6.35 3.06 -12.01
N LYS A 20 -5.93 2.37 -10.96
CA LYS A 20 -6.84 1.99 -9.89
C LYS A 20 -6.48 2.68 -8.59
N PRO A 21 -7.45 2.73 -7.66
CA PRO A 21 -7.25 3.37 -6.35
C PRO A 21 -6.30 2.58 -5.45
N VAL A 22 -5.73 3.26 -4.46
CA VAL A 22 -4.80 2.62 -3.54
C VAL A 22 -5.52 2.04 -2.34
N TYR A 23 -5.37 0.73 -2.14
CA TYR A 23 -6.02 0.04 -1.03
C TYR A 23 -5.00 -0.73 -0.19
N LEU A 24 -4.95 -0.42 1.09
CA LEU A 24 -4.02 -1.09 2.00
C LEU A 24 -4.70 -2.23 2.75
N SER A 25 -3.98 -3.30 2.99
CA SER A 25 -4.51 -4.46 3.69
C SER A 25 -3.56 -4.91 4.80
N VAL A 26 -4.06 -4.93 6.03
CA VAL A 26 -3.25 -5.35 7.17
C VAL A 26 -3.96 -6.43 7.97
N LYS A 27 -3.22 -7.47 8.34
CA LYS A 27 -3.77 -8.58 9.11
C LYS A 27 -2.83 -8.97 10.25
N ALA A 28 -3.26 -9.94 11.05
CA ALA A 28 -2.46 -10.40 12.18
C ALA A 28 -2.39 -9.33 13.27
N ASP A 29 -1.56 -8.33 13.06
CA ASP A 29 -1.40 -7.24 14.02
C ASP A 29 -0.84 -5.99 13.34
N ASN A 30 0.12 -6.19 12.45
CA ASN A 30 0.73 -5.07 11.73
C ASN A 30 1.45 -5.56 10.48
N SER A 31 0.88 -6.58 9.84
CA SER A 31 1.46 -7.14 8.63
C SER A 31 0.69 -6.70 7.39
N MET A 32 1.33 -5.92 6.54
CA MET A 32 0.70 -5.43 5.32
C MET A 32 0.79 -6.46 4.19
N PHE A 33 -0.28 -6.61 3.44
CA PHE A 33 -0.33 -7.56 2.34
C PHE A 33 -1.18 -7.04 1.19
N ILE A 34 -0.54 -6.40 0.22
CA ILE A 34 -1.25 -5.86 -0.93
C ILE A 34 -1.53 -6.94 -1.97
N GLY A 35 -2.50 -6.68 -2.83
CA GLY A 35 -2.85 -7.64 -3.86
C GLY A 35 -1.66 -8.10 -4.67
N ASN A 36 -1.15 -9.29 -4.34
CA ASN A 36 0.01 -9.84 -5.04
C ASN A 36 1.25 -8.97 -4.82
N ASP A 37 1.23 -8.19 -3.73
CA ASP A 37 2.34 -7.33 -3.39
C ASP A 37 2.49 -7.20 -1.88
N PRO A 38 3.04 -8.24 -1.24
CA PRO A 38 3.25 -8.26 0.21
C PRO A 38 4.34 -7.30 0.65
N VAL A 39 4.15 -6.67 1.80
CA VAL A 39 5.12 -5.73 2.33
C VAL A 39 5.11 -5.74 3.86
N THR A 40 5.95 -4.90 4.46
CA THR A 40 6.04 -4.80 5.90
C THR A 40 5.82 -3.37 6.38
N ASP A 41 5.71 -3.19 7.69
CA ASP A 41 5.51 -1.87 8.28
C ASP A 41 6.78 -1.02 8.15
N GLU A 42 7.88 -1.67 7.76
CA GLU A 42 9.16 -0.98 7.60
C GLU A 42 9.32 -0.47 6.17
N THR A 43 8.87 -1.26 5.21
CA THR A 43 8.98 -0.89 3.81
C THR A 43 7.61 -0.50 3.24
N MET A 44 6.65 -0.27 4.12
CA MET A 44 5.30 0.11 3.71
C MET A 44 5.31 1.44 2.97
N ILE A 45 6.26 2.31 3.34
CA ILE A 45 6.38 3.62 2.71
C ILE A 45 7.06 3.51 1.35
N THR A 46 8.19 2.82 1.31
CA THR A 46 8.93 2.63 0.07
C THR A 46 8.04 2.06 -1.03
N ALA A 47 7.28 1.03 -0.69
CA ALA A 47 6.39 0.40 -1.64
C ALA A 47 5.29 1.36 -2.09
N LEU A 48 4.57 1.92 -1.12
CA LEU A 48 3.49 2.85 -1.42
C LEU A 48 3.99 3.99 -2.31
N ASN A 49 5.05 4.67 -1.87
CA ASN A 49 5.62 5.77 -2.63
C ASN A 49 6.01 5.32 -4.03
N ALA A 50 6.36 4.06 -4.17
CA ALA A 50 6.75 3.50 -5.46
C ALA A 50 5.55 3.43 -6.41
N LEU A 51 4.55 2.66 -6.03
CA LEU A 51 3.35 2.49 -6.84
C LEU A 51 2.62 3.83 -7.01
N THR A 52 2.33 4.48 -5.89
CA THR A 52 1.65 5.76 -5.90
C THR A 52 2.51 6.84 -6.56
N GLU A 53 3.81 6.61 -6.60
CA GLU A 53 4.74 7.56 -7.19
C GLU A 53 4.74 8.88 -6.43
N GLY A 54 4.84 8.80 -5.11
CA GLY A 54 4.85 9.99 -4.29
C GLY A 54 3.57 10.78 -4.40
N LYS A 55 2.44 10.08 -4.48
CA LYS A 55 1.14 10.72 -4.60
C LYS A 55 0.27 10.42 -3.38
N LYS A 56 0.12 11.41 -2.51
CA LYS A 56 -0.69 11.26 -1.31
C LYS A 56 -2.14 11.64 -1.57
N ASP A 57 -2.34 12.49 -2.57
CA ASP A 57 -3.69 12.94 -2.92
C ASP A 57 -4.61 11.75 -3.12
N THR A 58 -4.11 10.70 -3.76
CA THR A 58 -4.90 9.50 -4.01
C THR A 58 -5.51 8.96 -2.72
N THR A 59 -6.83 8.99 -2.64
CA THR A 59 -7.53 8.51 -1.46
C THR A 59 -7.19 7.06 -1.17
N ILE A 60 -6.35 6.84 -0.16
CA ILE A 60 -5.94 5.50 0.22
C ILE A 60 -6.79 4.96 1.37
N PHE A 61 -7.48 3.86 1.11
CA PHE A 61 -8.33 3.25 2.12
C PHE A 61 -7.52 2.32 3.03
N PHE A 62 -7.60 2.57 4.33
CA PHE A 62 -6.88 1.77 5.31
C PHE A 62 -7.74 0.63 5.83
N ARG A 63 -7.49 -0.58 5.33
CA ARG A 63 -8.25 -1.75 5.74
C ARG A 63 -7.38 -2.70 6.55
N ALA A 64 -7.70 -2.82 7.85
CA ALA A 64 -6.95 -3.70 8.73
C ALA A 64 -7.87 -4.68 9.45
N ASP A 65 -7.28 -5.65 10.14
CA ASP A 65 -8.06 -6.65 10.87
C ASP A 65 -9.06 -5.97 11.81
N LYS A 66 -10.10 -6.71 12.18
CA LYS A 66 -11.13 -6.18 13.06
C LYS A 66 -10.62 -6.12 14.51
N THR A 67 -9.43 -6.66 14.73
CA THR A 67 -8.84 -6.66 16.06
C THR A 67 -7.89 -5.48 16.24
N VAL A 68 -8.20 -4.37 15.59
CA VAL A 68 -7.38 -3.17 15.68
C VAL A 68 -7.11 -2.80 17.13
N ASP A 69 -5.90 -2.32 17.40
CA ASP A 69 -5.52 -1.92 18.75
C ASP A 69 -5.05 -0.47 18.78
N TYR A 70 -5.30 0.20 19.90
CA TYR A 70 -4.91 1.60 20.05
C TYR A 70 -3.43 1.79 19.78
N GLU A 71 -2.62 0.82 20.21
CA GLU A 71 -1.18 0.88 20.01
C GLU A 71 -0.83 0.69 18.53
N THR A 72 -1.70 0.00 17.81
CA THR A 72 -1.48 -0.25 16.39
C THR A 72 -1.83 0.98 15.55
N LEU A 73 -3.03 1.51 15.76
CA LEU A 73 -3.48 2.69 15.02
C LEU A 73 -2.60 3.89 15.32
N MET A 74 -1.97 3.88 16.49
CA MET A 74 -1.09 4.97 16.90
C MET A 74 0.26 4.86 16.19
N LYS A 75 0.80 3.64 16.14
CA LYS A 75 2.09 3.40 15.50
C LYS A 75 2.05 3.80 14.03
N VAL A 76 1.01 3.35 13.33
CA VAL A 76 0.85 3.66 11.92
C VAL A 76 0.50 5.14 11.71
N MET A 77 -0.20 5.71 12.68
CA MET A 77 -0.60 7.12 12.61
C MET A 77 0.62 8.02 12.48
N ASP A 78 1.67 7.71 13.24
CA ASP A 78 2.89 8.49 13.21
C ASP A 78 3.68 8.22 11.94
N THR A 79 3.78 6.95 11.56
CA THR A 79 4.51 6.55 10.37
C THR A 79 3.97 7.26 9.14
N LEU A 80 2.65 7.25 8.99
CA LEU A 80 2.01 7.89 7.84
C LEU A 80 2.02 9.41 8.00
N HIS A 81 2.03 9.87 9.25
CA HIS A 81 2.06 11.31 9.54
C HIS A 81 3.30 11.96 8.94
N GLN A 82 4.45 11.36 9.19
CA GLN A 82 5.72 11.89 8.69
C GLN A 82 5.77 11.79 7.17
N ALA A 83 4.94 10.93 6.60
CA ALA A 83 4.89 10.75 5.15
C ALA A 83 3.72 11.52 4.55
N GLY A 84 3.16 12.44 5.31
CA GLY A 84 2.04 13.23 4.83
C GLY A 84 0.72 12.50 4.96
N TYR A 85 0.22 11.99 3.84
CA TYR A 85 -1.04 11.26 3.83
C TYR A 85 -2.13 12.05 4.56
N LEU A 86 -2.82 12.92 3.83
CA LEU A 86 -3.88 13.73 4.41
C LEU A 86 -5.23 13.35 3.82
N LYS A 87 -5.26 12.26 3.06
CA LYS A 87 -6.49 11.79 2.44
C LYS A 87 -6.57 10.26 2.47
N ILE A 88 -6.85 9.72 3.64
CA ILE A 88 -6.96 8.28 3.81
C ILE A 88 -8.39 7.87 4.12
N GLY A 89 -8.98 7.07 3.24
CA GLY A 89 -10.34 6.61 3.44
C GLY A 89 -10.45 5.58 4.55
N LEU A 90 -11.57 5.61 5.27
CA LEU A 90 -11.78 4.66 6.37
C LEU A 90 -12.78 3.58 5.96
N VAL A 91 -12.24 2.47 5.43
CA VAL A 91 -13.08 1.36 5.01
C VAL A 91 -13.91 0.82 6.17
N GLY A 92 -15.14 0.41 5.87
CA GLY A 92 -16.03 -0.11 6.90
C GLY A 92 -16.73 0.98 7.67
N GLU A 93 -17.77 1.56 7.06
CA GLU A 93 -18.53 2.63 7.70
C GLU A 93 -19.49 2.06 8.74
N GLU A 94 -18.94 1.40 9.76
CA GLU A 94 -19.75 0.82 10.82
C GLU A 94 -19.42 1.44 12.16
N THR A 95 -19.76 2.72 12.32
CA THR A 95 -19.50 3.44 13.56
C THR A 95 -20.52 3.07 14.63
N ALA A 96 -20.03 2.79 15.83
CA ALA A 96 -20.89 2.42 16.95
C ALA A 96 -20.10 2.28 18.25
N LYS A 97 -20.55 2.97 19.29
CA LYS A 97 -19.88 2.93 20.57
C LYS A 97 -20.68 3.70 21.63
N ALA A 98 -21.38 2.96 22.48
CA ALA A 98 -22.18 3.57 23.54
C ALA A 98 -22.28 2.66 24.75
N LYS A 99 -22.51 3.26 25.91
CA LYS A 99 -22.63 2.50 27.16
C LYS A 99 -22.94 3.42 28.33
#